data_4ZQR
#
_entry.id   4ZQR
#
_cell.length_a   75.217
_cell.length_b   75.233
_cell.length_c   75.291
_cell.angle_alpha   108.30
_cell.angle_beta   108.25
_cell.angle_gamma   111.88
#
_symmetry.space_group_name_H-M   'P 1'
#
loop_
_entity.id
_entity.type
_entity.pdbx_description
1 polymer "Inosine-5'-monophosphate dehydrogenase,Inosine-5'-monophosphate dehydrogenase"
2 non-polymer 'PHOSPHATE ION'
3 non-polymer S-1,2-PROPANEDIOL
4 non-polymer GLYCEROL
5 non-polymer 'POTASSIUM ION'
6 water water
#
_entity_poly.entity_id   1
_entity_poly.type   'polypeptide(L)'
_entity_poly.pdbx_seq_one_letter_code
;SNAMSRGMSGLEDSSDLVVSPYVRMGGLTTDPVPTGGDDPHKVAMLGLTFDDVLLLPAASDVVPATADTSSQLTKKIRLK
VPLVSSAMDTVTESRMAIAMARAGGMGVLHRNLPVAEQAGQVEMVKRSGGLLVGAAVGVGGDAWVRAMMLVDAGVDVLVV
DTAHAHNRLVLDMVGKLKSEVGDRVEVVGGNVATRSAAAALVDAGADAVKVGVGPGSICTTRVVAGVGAPQITAILEAVA
ACRPAGVPVIADGGLQYSGDIAKALAAGASTAMLGSLLAGTAEAPGELIFVNGKQYKSYRGMGSLGAMRGRGGATSYSKD
RYFADDALSEDKLVPEGIEGRVPFRGPLSSVIHQLTGGLRAAMGYTGSPTIEVLQQAQFVRITPAGLKESHPHDVAMTVE
APNYYAR
;
_entity_poly.pdbx_strand_id   A,B,C,D
#
loop_
_chem_comp.id
_chem_comp.type
_chem_comp.name
_chem_comp.formula
GOL non-polymer GLYCEROL 'C3 H8 O3'
K non-polymer 'POTASSIUM ION' 'K 1'
PGO non-polymer S-1,2-PROPANEDIOL 'C3 H8 O2'
PO4 non-polymer 'PHOSPHATE ION' 'O4 P -3'
#
# COMPACT_ATOMS: atom_id res chain seq x y z
N THR A 30 16.04 1.78 -17.65
CA THR A 30 16.08 1.63 -16.20
C THR A 30 14.95 2.39 -15.50
N ASP A 31 14.81 2.13 -14.20
CA ASP A 31 13.80 2.82 -13.37
C ASP A 31 14.09 4.33 -13.35
N PRO A 32 20.92 14.01 -9.21
N PRO A 32 13.18 5.11 -13.96
CA PRO A 32 20.86 12.68 -8.63
CA PRO A 32 13.34 6.55 -14.16
C PRO A 32 19.70 11.86 -9.17
C PRO A 32 13.42 7.36 -12.87
N VAL A 33 19.92 10.55 -9.23
N VAL A 33 12.59 7.02 -11.89
CA VAL A 33 18.85 9.60 -9.43
CA VAL A 33 12.44 7.82 -10.67
C VAL A 33 17.86 9.84 -8.30
C VAL A 33 13.75 7.94 -9.88
N PRO A 34 16.56 9.96 -8.64
N PRO A 34 14.12 9.18 -9.49
CA PRO A 34 15.46 10.28 -7.71
CA PRO A 34 15.31 9.31 -8.65
C PRO A 34 15.25 9.27 -6.58
C PRO A 34 15.05 8.70 -7.27
N THR A 35 15.91 8.12 -6.63
N THR A 35 15.89 7.76 -6.86
CA THR A 35 15.79 7.16 -5.52
CA THR A 35 15.78 7.13 -5.55
C THR A 35 17.12 7.08 -4.78
C THR A 35 17.12 7.08 -4.78
N GLY A 36 18.10 7.84 -5.25
CA GLY A 36 19.34 7.99 -4.50
C GLY A 36 20.60 7.56 -5.22
N GLY A 37 21.68 8.26 -4.93
CA GLY A 37 22.95 8.06 -5.60
C GLY A 37 22.98 8.65 -7.00
N ASP A 38 24.09 8.42 -7.71
CA ASP A 38 24.28 8.96 -9.06
C ASP A 38 24.20 7.92 -10.15
N ASP A 39 23.90 6.69 -9.77
CA ASP A 39 23.87 5.61 -10.77
C ASP A 39 22.46 5.19 -11.14
N PRO A 40 22.03 5.51 -12.39
CA PRO A 40 20.66 5.22 -12.83
C PRO A 40 20.37 3.73 -12.93
N HIS A 41 21.42 2.92 -12.99
CA HIS A 41 21.23 1.48 -13.15
C HIS A 41 21.29 0.71 -11.82
N LYS A 42 21.50 1.43 -10.72
CA LYS A 42 21.55 0.77 -9.41
C LYS A 42 20.22 0.11 -9.02
N VAL A 43 19.13 0.84 -9.15
CA VAL A 43 17.80 0.27 -9.01
C VAL A 43 17.32 0.13 -10.45
N ALA A 44 17.39 -1.11 -10.95
CA ALA A 44 17.41 -1.40 -12.39
C ALA A 44 16.04 -1.51 -13.06
N MET A 45 15.02 -1.93 -12.32
N MET A 45 15.02 -1.82 -12.26
CA MET A 45 13.65 -1.87 -12.83
CA MET A 45 13.68 -2.01 -12.79
C MET A 45 12.62 -2.01 -11.71
C MET A 45 12.63 -1.98 -11.69
N LEU A 46 11.35 -1.93 -12.08
CA LEU A 46 10.25 -2.07 -11.11
C LEU A 46 9.65 -3.45 -11.29
N GLY A 47 9.70 -4.27 -10.24
CA GLY A 47 9.26 -5.66 -10.36
C GLY A 47 7.79 -5.81 -9.98
N LEU A 48 7.04 -6.51 -10.83
CA LEU A 48 5.62 -6.75 -10.57
C LEU A 48 5.40 -8.22 -10.27
N THR A 49 4.41 -8.50 -9.43
CA THR A 49 4.00 -9.89 -9.34
C THR A 49 2.51 -10.05 -9.64
N PHE A 50 1.95 -11.22 -9.34
CA PHE A 50 0.60 -11.52 -9.85
C PHE A 50 -0.46 -10.50 -9.43
N ASP A 51 -0.46 -10.14 -8.15
CA ASP A 51 -1.45 -9.21 -7.64
C ASP A 51 -1.28 -7.78 -8.17
N ASP A 52 -0.20 -7.50 -8.89
CA ASP A 52 -0.01 -6.17 -9.48
C ASP A 52 -0.70 -6.03 -10.85
N VAL A 53 -1.17 -7.13 -11.42
CA VAL A 53 -1.64 -7.05 -12.82
C VAL A 53 -2.96 -7.79 -13.01
N LEU A 54 -3.71 -7.35 -14.00
CA LEU A 54 -4.90 -8.06 -14.49
C LEU A 54 -4.78 -8.21 -15.99
N LEU A 55 -5.33 -9.28 -16.53
CA LEU A 55 -5.41 -9.44 -17.96
C LEU A 55 -6.56 -8.61 -18.54
N LEU A 56 -6.32 -7.92 -19.65
CA LEU A 56 -7.37 -7.12 -20.29
C LEU A 56 -8.23 -8.05 -21.15
N PRO A 57 -9.54 -7.96 -21.00
CA PRO A 57 -10.42 -8.72 -21.91
C PRO A 57 -10.19 -8.21 -23.33
N ALA A 58 -10.45 -9.07 -24.32
CA ALA A 58 -10.30 -8.66 -25.71
C ALA A 58 -11.40 -9.29 -26.55
N ALA A 59 -11.44 -8.93 -27.84
CA ALA A 59 -12.38 -9.49 -28.78
C ALA A 59 -12.24 -11.00 -28.78
N SER A 60 -13.36 -11.71 -28.75
CA SER A 60 -13.28 -13.14 -28.52
C SER A 60 -14.34 -13.94 -29.24
N ASP A 61 -13.91 -15.06 -29.84
N ASP A 61 -13.94 -15.09 -29.79
CA ASP A 61 -14.81 -16.08 -30.34
CA ASP A 61 -14.90 -16.08 -30.29
C ASP A 61 -14.44 -17.39 -29.63
C ASP A 61 -14.72 -17.38 -29.50
N VAL A 62 -14.02 -17.26 -28.37
CA VAL A 62 -13.67 -18.40 -27.54
C VAL A 62 -14.55 -18.42 -26.30
N VAL A 63 -15.05 -19.59 -25.95
CA VAL A 63 -15.74 -19.76 -24.67
C VAL A 63 -14.96 -20.82 -23.91
N PRO A 64 -15.16 -20.92 -22.58
CA PRO A 64 -14.28 -21.81 -21.82
C PRO A 64 -14.26 -23.23 -22.37
N ALA A 65 -15.41 -23.70 -22.82
CA ALA A 65 -15.51 -25.04 -23.40
C ALA A 65 -14.62 -25.25 -24.64
N THR A 66 -14.41 -24.20 -25.44
CA THR A 66 -13.69 -24.39 -26.70
C THR A 66 -12.21 -24.08 -26.62
N ALA A 67 -11.77 -23.51 -25.50
CA ALA A 67 -10.36 -23.23 -25.33
C ALA A 67 -9.54 -24.53 -25.32
N ASP A 68 -8.29 -24.45 -25.79
CA ASP A 68 -7.38 -25.61 -25.79
C ASP A 68 -6.27 -25.25 -24.83
N THR A 69 -6.13 -25.99 -23.73
CA THR A 69 -5.16 -25.64 -22.70
C THR A 69 -3.81 -26.33 -22.87
N SER A 70 -3.64 -27.07 -23.96
CA SER A 70 -2.33 -27.75 -24.14
C SER A 70 -1.16 -26.77 -24.27
N SER A 71 0.03 -27.20 -23.85
CA SER A 71 1.18 -26.30 -23.86
C SER A 71 2.46 -27.11 -23.69
N GLN A 72 3.56 -26.57 -24.19
CA GLN A 72 4.86 -27.25 -24.09
C GLN A 72 5.37 -27.20 -22.66
N LEU A 73 5.67 -28.38 -22.12
CA LEU A 73 6.47 -28.45 -20.89
C LEU A 73 7.94 -28.23 -21.23
N THR A 74 8.41 -28.90 -22.28
CA THR A 74 9.80 -28.76 -22.71
C THR A 74 9.77 -28.69 -24.21
N LYS A 75 10.95 -28.56 -24.84
CA LYS A 75 11.03 -28.50 -26.30
C LYS A 75 10.27 -29.65 -26.95
N LYS A 76 10.40 -30.85 -26.40
CA LYS A 76 9.78 -32.04 -26.98
C LYS A 76 8.48 -32.55 -26.35
N ILE A 77 8.16 -32.11 -25.14
CA ILE A 77 6.99 -32.66 -24.47
C ILE A 77 5.87 -31.64 -24.35
N ARG A 78 4.69 -31.99 -24.83
CA ARG A 78 3.53 -31.11 -24.70
C ARG A 78 2.54 -31.76 -23.75
N LEU A 79 2.00 -30.99 -22.80
CA LEU A 79 0.99 -31.47 -21.86
C LEU A 79 -0.40 -31.03 -22.28
N LYS A 80 -1.41 -31.76 -21.85
CA LYS A 80 -2.79 -31.34 -22.13
C LYS A 80 -3.23 -30.20 -21.21
N VAL A 81 -2.68 -30.18 -20.00
CA VAL A 81 -2.99 -29.18 -18.99
C VAL A 81 -1.64 -28.65 -18.53
N PRO A 82 -1.48 -27.32 -18.53
CA PRO A 82 -0.13 -26.75 -18.40
C PRO A 82 0.31 -26.58 -16.95
N LEU A 83 0.21 -27.67 -16.19
CA LEU A 83 0.48 -27.63 -14.75
C LEU A 83 1.38 -28.76 -14.33
N VAL A 84 2.31 -28.46 -13.43
N VAL A 84 2.36 -28.47 -13.50
CA VAL A 84 3.29 -29.41 -12.94
CA VAL A 84 3.20 -29.52 -12.94
C VAL A 84 3.31 -29.32 -11.42
C VAL A 84 3.30 -29.36 -11.44
N SER A 85 3.39 -30.47 -10.73
CA SER A 85 3.52 -30.43 -9.28
C SER A 85 4.97 -30.26 -8.84
N SER A 86 5.18 -29.49 -7.77
CA SER A 86 6.52 -29.18 -7.28
C SER A 86 7.27 -30.40 -6.78
N ALA A 87 8.60 -30.36 -6.93
CA ALA A 87 9.45 -31.47 -6.51
C ALA A 87 9.79 -31.25 -5.03
N MET A 88 8.78 -31.40 -4.20
N MET A 88 8.77 -31.35 -4.19
CA MET A 88 8.89 -31.15 -2.77
CA MET A 88 8.92 -31.15 -2.76
C MET A 88 8.41 -32.38 -2.04
C MET A 88 8.42 -32.38 -2.05
N ASP A 89 9.02 -32.69 -0.90
CA ASP A 89 8.68 -33.91 -0.19
C ASP A 89 7.30 -33.90 0.50
N THR A 90 6.62 -32.76 0.47
CA THR A 90 5.24 -32.69 0.96
C THR A 90 4.26 -32.48 -0.20
N VAL A 91 4.75 -32.58 -1.44
CA VAL A 91 3.90 -32.40 -2.62
C VAL A 91 3.89 -33.59 -3.60
N THR A 92 5.06 -34.02 -4.06
CA THR A 92 5.11 -35.03 -5.13
C THR A 92 5.89 -36.30 -4.85
N GLU A 93 5.18 -37.37 -4.54
CA GLU A 93 5.68 -38.72 -4.69
C GLU A 93 4.85 -39.43 -5.76
N SER A 94 4.92 -40.77 -5.82
CA SER A 94 4.33 -41.44 -6.97
C SER A 94 2.83 -41.22 -7.12
N ARG A 95 2.13 -41.16 -5.99
N ARG A 95 2.12 -41.17 -6.00
CA ARG A 95 0.69 -40.98 -6.04
CA ARG A 95 0.67 -40.99 -6.07
C ARG A 95 0.30 -39.65 -6.68
C ARG A 95 0.30 -39.65 -6.69
N MET A 96 1.01 -38.59 -6.33
CA MET A 96 0.77 -37.29 -6.93
C MET A 96 1.17 -37.29 -8.41
N ALA A 97 2.31 -37.92 -8.70
CA ALA A 97 2.80 -37.94 -10.09
C ALA A 97 1.80 -38.69 -10.96
N ILE A 98 1.25 -39.76 -10.43
CA ILE A 98 0.28 -40.55 -11.19
C ILE A 98 -0.98 -39.69 -11.43
N ALA A 99 -1.44 -39.02 -10.37
CA ALA A 99 -2.67 -38.26 -10.47
C ALA A 99 -2.53 -37.06 -11.40
N MET A 100 -1.38 -36.39 -11.34
CA MET A 100 -1.08 -35.24 -12.22
C MET A 100 -1.03 -35.67 -13.68
N ALA A 101 -0.31 -36.76 -13.98
CA ALA A 101 -0.29 -37.23 -15.37
C ALA A 101 -1.67 -37.59 -15.89
N ARG A 102 -2.48 -38.23 -15.04
CA ARG A 102 -3.81 -38.64 -15.45
C ARG A 102 -4.72 -37.44 -15.67
N ALA A 103 -4.41 -36.33 -14.99
CA ALA A 103 -5.20 -35.11 -15.15
C ALA A 103 -4.71 -34.27 -16.33
N GLY A 104 -3.65 -34.73 -17.01
CA GLY A 104 -3.16 -34.04 -18.18
C GLY A 104 -1.89 -33.20 -17.96
N GLY A 105 -1.39 -33.21 -16.74
CA GLY A 105 -0.16 -32.47 -16.41
C GLY A 105 0.98 -33.43 -16.15
N MET A 106 1.83 -33.08 -15.18
CA MET A 106 2.95 -33.97 -14.82
C MET A 106 3.40 -33.69 -13.41
N GLY A 107 3.95 -34.69 -12.73
CA GLY A 107 4.57 -34.44 -11.44
C GLY A 107 6.08 -34.51 -11.58
N VAL A 108 6.77 -33.76 -10.73
CA VAL A 108 8.22 -33.90 -10.66
C VAL A 108 8.54 -34.48 -9.29
N LEU A 109 8.98 -35.74 -9.29
CA LEU A 109 9.30 -36.43 -8.05
C LEU A 109 10.45 -35.76 -7.29
N HIS A 110 10.25 -35.57 -5.98
CA HIS A 110 11.26 -34.91 -5.15
C HIS A 110 12.48 -35.79 -4.98
N ARG A 111 13.59 -35.16 -4.57
CA ARG A 111 14.86 -35.87 -4.44
C ARG A 111 15.35 -35.94 -3.00
N ASN A 112 14.46 -35.77 -2.03
CA ASN A 112 14.84 -35.85 -0.62
C ASN A 112 14.67 -37.26 -0.11
N LEU A 113 15.29 -38.21 -0.79
CA LEU A 113 15.19 -39.62 -0.43
C LEU A 113 16.27 -40.37 -1.18
N PRO A 114 16.59 -41.60 -0.76
CA PRO A 114 17.68 -42.35 -1.38
C PRO A 114 17.46 -42.53 -2.87
N VAL A 115 18.56 -42.64 -3.61
CA VAL A 115 18.46 -42.76 -5.05
C VAL A 115 17.59 -43.95 -5.52
N ALA A 116 17.74 -45.11 -4.88
CA ALA A 116 16.97 -46.30 -5.25
C ALA A 116 15.47 -46.13 -5.01
N GLU A 117 15.11 -45.31 -4.03
CA GLU A 117 13.71 -45.05 -3.74
C GLU A 117 13.09 -44.12 -4.76
N GLN A 118 13.83 -43.09 -5.14
CA GLN A 118 13.36 -42.14 -6.15
C GLN A 118 13.17 -42.86 -7.48
N ALA A 119 14.13 -43.69 -7.83
CA ALA A 119 14.05 -44.47 -9.07
C ALA A 119 12.88 -45.44 -9.04
N GLY A 120 12.65 -46.03 -7.86
CA GLY A 120 11.50 -46.88 -7.65
C GLY A 120 10.17 -46.19 -7.86
N GLN A 121 10.09 -44.94 -7.44
CA GLN A 121 8.86 -44.17 -7.64
C GLN A 121 8.63 -43.87 -9.11
N VAL A 122 9.72 -43.58 -9.83
CA VAL A 122 9.63 -43.42 -11.29
C VAL A 122 8.98 -44.68 -11.87
N GLU A 123 9.48 -45.84 -11.48
CA GLU A 123 8.96 -47.12 -11.94
C GLU A 123 7.48 -47.32 -11.60
N MET A 124 7.07 -46.91 -10.40
CA MET A 124 5.67 -47.03 -9.97
C MET A 124 4.80 -46.24 -10.93
N VAL A 125 5.26 -45.06 -11.31
CA VAL A 125 4.51 -44.22 -12.22
C VAL A 125 4.46 -44.80 -13.64
N LYS A 126 5.61 -45.25 -14.14
CA LYS A 126 5.70 -45.75 -15.51
C LYS A 126 4.87 -47.00 -15.76
N ARG A 127 4.63 -47.77 -14.70
CA ARG A 127 3.87 -49.00 -14.84
C ARG A 127 2.40 -48.81 -14.53
N SER A 128 2.01 -47.55 -14.31
CA SER A 128 0.61 -47.17 -14.13
C SER A 128 0.00 -46.68 -15.44
N GLY A 129 0.58 -47.09 -16.56
CA GLY A 129 0.07 -46.71 -17.87
C GLY A 129 1.01 -45.92 -18.79
N GLY A 130 2.31 -45.96 -18.53
CA GLY A 130 3.25 -45.24 -19.38
C GLY A 130 3.02 -43.73 -19.30
N LEU A 131 2.56 -43.30 -18.14
CA LEU A 131 2.36 -41.88 -17.83
C LEU A 131 3.68 -41.13 -17.85
N LEU A 132 3.64 -39.86 -18.26
CA LEU A 132 4.82 -39.00 -18.22
C LEU A 132 5.23 -38.74 -16.77
N VAL A 133 6.53 -38.62 -16.52
CA VAL A 133 6.99 -38.28 -15.18
C VAL A 133 8.35 -37.60 -15.21
N GLY A 134 8.58 -36.69 -14.27
CA GLY A 134 9.87 -36.04 -14.16
C GLY A 134 10.43 -36.31 -12.78
N ALA A 135 11.69 -35.97 -12.59
CA ALA A 135 12.32 -36.21 -11.30
C ALA A 135 13.43 -35.19 -11.12
N ALA A 136 13.55 -34.69 -9.89
CA ALA A 136 14.55 -33.67 -9.59
C ALA A 136 15.91 -34.31 -9.27
N VAL A 137 16.97 -33.66 -9.70
CA VAL A 137 18.34 -33.98 -9.25
C VAL A 137 19.04 -32.68 -8.87
N GLY A 138 20.12 -32.83 -8.09
CA GLY A 138 20.93 -31.69 -7.68
C GLY A 138 22.14 -31.57 -8.59
N VAL A 139 23.26 -31.09 -8.06
N VAL A 139 23.27 -31.14 -8.03
CA VAL A 139 24.48 -31.00 -8.84
CA VAL A 139 24.49 -30.94 -8.81
C VAL A 139 25.60 -31.76 -8.17
C VAL A 139 25.68 -31.67 -8.15
N GLY A 140 26.54 -32.27 -8.96
CA GLY A 140 27.68 -33.01 -8.44
C GLY A 140 27.64 -34.50 -8.76
N GLY A 141 28.65 -35.21 -8.26
CA GLY A 141 28.78 -36.65 -8.47
C GLY A 141 27.60 -37.48 -8.01
N ASP A 142 27.15 -37.29 -6.78
CA ASP A 142 25.99 -38.04 -6.27
C ASP A 142 24.73 -37.78 -7.10
N ALA A 143 24.55 -36.51 -7.48
CA ALA A 143 23.42 -36.12 -8.32
C ALA A 143 23.52 -36.80 -9.69
N TRP A 144 24.73 -36.95 -10.19
CA TRP A 144 24.95 -37.62 -11.48
C TRP A 144 24.51 -39.08 -11.42
N VAL A 145 24.93 -39.77 -10.36
CA VAL A 145 24.50 -41.17 -10.16
C VAL A 145 22.97 -41.24 -10.08
N ARG A 146 22.37 -40.31 -9.35
CA ARG A 146 20.92 -40.26 -9.20
C ARG A 146 20.27 -40.10 -10.58
N ALA A 147 20.77 -39.14 -11.37
CA ALA A 147 20.25 -38.91 -12.71
C ALA A 147 20.32 -40.15 -13.61
N MET A 148 21.47 -40.83 -13.62
CA MET A 148 21.63 -42.00 -14.47
C MET A 148 20.65 -43.11 -14.07
N MET A 149 20.42 -43.26 -12.76
N MET A 149 20.40 -43.25 -12.77
CA MET A 149 19.47 -44.24 -12.26
CA MET A 149 19.48 -44.29 -12.30
C MET A 149 18.06 -43.90 -12.69
C MET A 149 18.01 -43.92 -12.57
N LEU A 150 17.70 -42.62 -12.56
CA LEU A 150 16.37 -42.15 -12.96
C LEU A 150 16.14 -42.40 -14.45
N VAL A 151 17.16 -42.15 -15.25
CA VAL A 151 17.08 -42.42 -16.69
C VAL A 151 16.87 -43.92 -16.95
N ASP A 152 17.65 -44.75 -16.27
CA ASP A 152 17.48 -46.20 -16.44
C ASP A 152 16.08 -46.65 -16.03
N ALA A 153 15.49 -45.96 -15.06
CA ALA A 153 14.17 -46.30 -14.58
C ALA A 153 13.06 -45.77 -15.50
N GLY A 154 13.45 -44.97 -16.50
CA GLY A 154 12.53 -44.52 -17.54
C GLY A 154 11.92 -43.14 -17.38
N VAL A 155 12.55 -42.29 -16.58
CA VAL A 155 12.05 -40.94 -16.37
C VAL A 155 12.00 -40.19 -17.71
N ASP A 156 10.99 -39.34 -17.90
CA ASP A 156 10.89 -38.55 -19.11
C ASP A 156 11.63 -37.22 -19.05
N VAL A 157 11.71 -36.66 -17.85
CA VAL A 157 12.28 -35.34 -17.68
C VAL A 157 13.17 -35.32 -16.45
N LEU A 158 14.40 -34.84 -16.60
CA LEU A 158 15.25 -34.58 -15.44
C LEU A 158 15.17 -33.11 -15.15
N VAL A 159 14.90 -32.77 -13.90
CA VAL A 159 14.88 -31.37 -13.52
C VAL A 159 16.09 -31.05 -12.64
N VAL A 160 17.04 -30.27 -13.16
CA VAL A 160 18.20 -29.84 -12.35
C VAL A 160 17.66 -28.73 -11.46
N ASP A 161 17.56 -29.06 -10.18
CA ASP A 161 16.66 -28.43 -9.21
C ASP A 161 17.55 -27.67 -8.21
N THR A 162 17.86 -26.41 -8.48
CA THR A 162 18.76 -25.65 -7.62
C THR A 162 18.21 -24.27 -7.25
N ALA A 163 18.77 -23.70 -6.19
CA ALA A 163 18.34 -22.37 -5.73
C ALA A 163 18.78 -21.30 -6.73
N HIS A 164 19.96 -21.47 -7.29
CA HIS A 164 20.55 -20.44 -8.14
C HIS A 164 21.20 -21.06 -9.38
N ALA A 165 20.45 -21.15 -10.46
CA ALA A 165 20.97 -21.85 -11.65
C ALA A 165 22.01 -21.04 -12.41
N HIS A 166 22.16 -19.76 -12.07
CA HIS A 166 23.17 -18.94 -12.72
C HIS A 166 24.52 -19.15 -12.07
N ASN A 167 24.58 -20.07 -11.11
CA ASN A 167 25.88 -20.57 -10.69
C ASN A 167 26.48 -21.47 -11.76
N ARG A 168 27.76 -21.30 -12.04
CA ARG A 168 28.40 -22.05 -13.13
C ARG A 168 28.40 -23.59 -12.97
N LEU A 169 28.29 -24.08 -11.75
CA LEU A 169 28.23 -25.52 -11.49
C LEU A 169 26.89 -26.09 -12.01
N VAL A 170 25.85 -25.29 -11.92
CA VAL A 170 24.53 -25.72 -12.38
C VAL A 170 24.49 -25.80 -13.90
N LEU A 171 25.04 -24.78 -14.56
CA LEU A 171 25.09 -24.76 -16.02
C LEU A 171 25.87 -25.97 -16.55
N ASP A 172 26.99 -26.28 -15.90
CA ASP A 172 27.75 -27.47 -16.22
C ASP A 172 26.91 -28.75 -16.13
N MET A 173 26.13 -28.88 -15.08
CA MET A 173 25.35 -30.10 -14.86
C MET A 173 24.33 -30.24 -15.97
N VAL A 174 23.64 -29.14 -16.25
CA VAL A 174 22.67 -29.16 -17.35
C VAL A 174 23.31 -29.56 -18.69
N GLY A 175 24.42 -28.92 -19.02
CA GLY A 175 25.08 -29.20 -20.28
C GLY A 175 25.60 -30.62 -20.40
N LYS A 176 26.12 -31.16 -19.29
N LYS A 176 26.10 -31.15 -19.28
CA LYS A 176 26.64 -32.53 -19.31
CA LYS A 176 26.64 -32.52 -19.28
C LYS A 176 25.52 -33.55 -19.42
C LYS A 176 25.54 -33.57 -19.39
N LEU A 177 24.43 -33.36 -18.68
CA LEU A 177 23.29 -34.27 -18.78
C LEU A 177 22.75 -34.26 -20.21
N LYS A 178 22.64 -33.07 -20.79
CA LYS A 178 22.15 -32.97 -22.17
C LYS A 178 23.10 -33.67 -23.14
N SER A 179 24.41 -33.61 -22.87
CA SER A 179 25.38 -34.28 -23.71
C SER A 179 25.31 -35.80 -23.62
N GLU A 180 25.02 -36.31 -22.44
CA GLU A 180 25.14 -37.75 -22.23
C GLU A 180 23.82 -38.50 -22.45
N VAL A 181 22.72 -37.88 -22.04
CA VAL A 181 21.44 -38.57 -22.07
C VAL A 181 20.34 -37.76 -22.73
N GLY A 182 20.73 -36.64 -23.34
CA GLY A 182 19.76 -35.71 -23.90
C GLY A 182 18.96 -36.26 -25.07
N ASP A 183 19.48 -37.30 -25.71
CA ASP A 183 18.75 -37.97 -26.78
C ASP A 183 17.50 -38.69 -26.26
N ARG A 184 17.56 -39.21 -25.04
CA ARG A 184 16.43 -39.96 -24.51
C ARG A 184 15.67 -39.31 -23.34
N VAL A 185 16.22 -38.25 -22.79
N VAL A 185 16.22 -38.24 -22.79
CA VAL A 185 15.53 -37.56 -21.71
CA VAL A 185 15.57 -37.56 -21.66
C VAL A 185 15.56 -36.06 -21.98
C VAL A 185 15.63 -36.04 -21.80
N GLU A 186 14.52 -35.35 -21.56
CA GLU A 186 14.53 -33.89 -21.57
C GLU A 186 15.16 -33.36 -20.28
N VAL A 187 15.91 -32.26 -20.39
CA VAL A 187 16.61 -31.73 -19.22
C VAL A 187 16.18 -30.31 -18.93
N VAL A 188 15.61 -30.09 -17.75
CA VAL A 188 15.11 -28.77 -17.35
C VAL A 188 16.10 -28.19 -16.35
N GLY A 189 16.33 -26.88 -16.42
CA GLY A 189 17.22 -26.23 -15.46
C GLY A 189 16.50 -25.11 -14.73
N GLY A 190 16.84 -24.90 -13.46
CA GLY A 190 16.24 -23.83 -12.66
C GLY A 190 16.96 -23.76 -11.33
N ASN A 191 16.72 -22.73 -10.54
CA ASN A 191 15.78 -21.66 -10.89
C ASN A 191 16.47 -20.35 -11.22
N VAL A 192 15.80 -19.53 -12.04
CA VAL A 192 16.36 -18.26 -12.46
C VAL A 192 15.33 -17.16 -12.22
N ALA A 193 15.79 -15.91 -12.24
CA ALA A 193 14.85 -14.78 -12.07
C ALA A 193 15.26 -13.61 -12.97
N THR A 194 16.19 -13.85 -13.88
CA THR A 194 16.68 -12.80 -14.75
C THR A 194 16.80 -13.29 -16.19
N ARG A 195 16.88 -12.33 -17.11
CA ARG A 195 17.08 -12.62 -18.50
C ARG A 195 18.45 -13.26 -18.73
N SER A 196 19.50 -12.71 -18.11
CA SER A 196 20.86 -13.26 -18.31
C SER A 196 20.96 -14.71 -17.81
N ALA A 197 20.30 -15.02 -16.72
CA ALA A 197 20.34 -16.39 -16.19
C ALA A 197 19.59 -17.35 -17.10
N ALA A 198 18.43 -16.94 -17.56
CA ALA A 198 17.68 -17.74 -18.53
C ALA A 198 18.51 -17.97 -19.81
N ALA A 199 19.17 -16.92 -20.30
CA ALA A 199 19.97 -17.04 -21.52
C ALA A 199 21.14 -18.02 -21.30
N ALA A 200 21.72 -17.99 -20.10
CA ALA A 200 22.81 -18.93 -19.78
C ALA A 200 22.34 -20.40 -19.82
N LEU A 201 21.15 -20.64 -19.30
CA LEU A 201 20.58 -21.99 -19.32
C LEU A 201 20.24 -22.43 -20.73
N VAL A 202 19.69 -21.52 -21.53
CA VAL A 202 19.47 -21.81 -22.96
C VAL A 202 20.76 -22.19 -23.67
N ASP A 203 21.81 -21.45 -23.38
CA ASP A 203 23.12 -21.72 -23.94
C ASP A 203 23.70 -23.06 -23.50
N ALA A 204 23.36 -23.49 -22.30
CA ALA A 204 23.84 -24.75 -21.76
C ALA A 204 23.09 -25.94 -22.36
N GLY A 205 21.99 -25.66 -23.05
CA GLY A 205 21.21 -26.71 -23.70
C GLY A 205 19.93 -27.11 -22.98
N ALA A 206 19.45 -26.27 -22.05
CA ALA A 206 18.21 -26.62 -21.33
C ALA A 206 17.03 -26.78 -22.29
N ASP A 207 16.18 -27.77 -21.99
CA ASP A 207 15.00 -27.98 -22.81
C ASP A 207 13.81 -27.21 -22.28
N ALA A 208 13.95 -26.71 -21.05
CA ALA A 208 13.01 -25.73 -20.45
C ALA A 208 13.76 -25.01 -19.34
N VAL A 209 13.25 -23.84 -18.97
CA VAL A 209 13.85 -23.01 -17.94
C VAL A 209 12.82 -22.72 -16.88
N LYS A 210 13.18 -22.99 -15.63
CA LYS A 210 12.24 -22.82 -14.54
C LYS A 210 12.55 -21.50 -13.81
N VAL A 211 11.52 -20.67 -13.64
CA VAL A 211 11.66 -19.31 -13.11
C VAL A 211 11.03 -19.22 -11.76
N GLY A 212 11.75 -18.59 -10.82
CA GLY A 212 11.24 -18.37 -9.48
C GLY A 212 12.37 -18.38 -8.49
N VAL A 213 12.80 -17.19 -8.07
CA VAL A 213 13.74 -17.10 -6.97
C VAL A 213 13.01 -16.39 -5.82
N GLY A 214 12.56 -17.18 -4.84
CA GLY A 214 11.86 -16.58 -3.70
C GLY A 214 10.33 -16.51 -3.63
N PRO A 215 9.59 -16.71 -4.75
CA PRO A 215 8.16 -16.38 -4.57
C PRO A 215 7.34 -17.47 -3.86
N GLY A 216 7.91 -18.63 -3.60
CA GLY A 216 7.15 -19.73 -3.04
C GLY A 216 6.51 -19.39 -1.69
N SER A 217 5.32 -19.93 -1.45
CA SER A 217 4.59 -19.66 -0.22
C SER A 217 5.37 -20.01 1.06
N ILE A 218 6.23 -21.01 0.99
CA ILE A 218 6.97 -21.41 2.17
C ILE A 218 8.44 -20.97 2.10
N CYS A 219 8.78 -20.19 1.07
CA CYS A 219 10.17 -19.83 0.83
C CYS A 219 10.54 -18.53 1.55
N THR A 220 11.76 -18.45 2.07
CA THR A 220 12.19 -17.24 2.76
C THR A 220 13.45 -16.63 2.16
N THR A 221 13.85 -17.14 1.00
CA THR A 221 15.03 -16.58 0.31
C THR A 221 15.04 -15.06 0.21
N ARG A 222 13.93 -14.47 -0.20
N ARG A 222 13.92 -14.48 -0.18
CA ARG A 222 13.90 -13.02 -0.34
CA ARG A 222 13.85 -13.03 -0.35
C ARG A 222 14.06 -12.28 0.97
C ARG A 222 14.03 -12.27 0.95
N VAL A 223 13.79 -12.95 2.07
CA VAL A 223 13.89 -12.33 3.39
C VAL A 223 15.27 -12.61 4.02
N VAL A 224 15.72 -13.87 3.94
CA VAL A 224 16.96 -14.23 4.62
C VAL A 224 18.20 -13.86 3.82
N ALA A 225 18.07 -13.85 2.49
CA ALA A 225 19.18 -13.44 1.63
C ALA A 225 18.92 -12.08 0.99
N GLY A 226 17.67 -11.62 1.00
CA GLY A 226 17.35 -10.32 0.41
C GLY A 226 17.32 -10.31 -1.10
N VAL A 227 17.23 -11.51 -1.70
CA VAL A 227 17.44 -11.66 -3.14
C VAL A 227 16.19 -12.17 -3.82
N GLY A 228 15.96 -11.69 -5.03
CA GLY A 228 14.95 -12.29 -5.88
C GLY A 228 14.41 -11.29 -6.86
N ALA A 229 13.32 -11.65 -7.54
CA ALA A 229 12.62 -10.70 -8.39
C ALA A 229 11.15 -11.09 -8.36
N PRO A 230 10.27 -10.09 -8.24
CA PRO A 230 8.83 -10.38 -8.28
C PRO A 230 8.46 -11.20 -9.52
N GLN A 231 7.53 -12.12 -9.35
CA GLN A 231 7.42 -13.24 -10.28
C GLN A 231 6.94 -12.90 -11.69
N ILE A 232 6.07 -11.89 -11.83
CA ILE A 232 5.66 -11.51 -13.17
C ILE A 232 6.82 -10.92 -13.97
N THR A 233 7.57 -10.01 -13.36
CA THR A 233 8.74 -9.42 -14.02
C THR A 233 9.79 -10.52 -14.30
N ALA A 234 9.91 -11.48 -13.39
CA ALA A 234 10.91 -12.54 -13.57
C ALA A 234 10.54 -13.37 -14.80
N ILE A 235 9.25 -13.64 -14.98
CA ILE A 235 8.80 -14.40 -16.14
C ILE A 235 9.03 -13.57 -17.40
N LEU A 236 8.60 -12.29 -17.37
CA LEU A 236 8.76 -11.45 -18.56
C LEU A 236 10.23 -11.39 -19.04
N GLU A 237 11.13 -11.25 -18.09
CA GLU A 237 12.55 -11.18 -18.39
C GLU A 237 13.10 -12.50 -18.88
N ALA A 238 12.74 -13.59 -18.21
CA ALA A 238 13.21 -14.94 -18.64
C ALA A 238 12.69 -15.26 -20.04
N VAL A 239 11.42 -14.95 -20.29
CA VAL A 239 10.81 -15.21 -21.58
C VAL A 239 11.52 -14.39 -22.67
N ALA A 240 12.00 -13.20 -22.32
CA ALA A 240 12.70 -12.39 -23.34
C ALA A 240 13.95 -13.12 -23.90
N ALA A 241 14.52 -13.99 -23.08
CA ALA A 241 15.67 -14.80 -23.51
C ALA A 241 15.25 -16.15 -24.10
N CYS A 242 14.24 -16.76 -23.51
CA CYS A 242 13.86 -18.13 -23.86
C CYS A 242 12.98 -18.22 -25.09
N ARG A 243 12.06 -17.30 -25.21
CA ARG A 243 11.12 -17.33 -26.28
C ARG A 243 11.77 -17.28 -27.65
N PRO A 244 12.69 -16.36 -27.86
CA PRO A 244 13.31 -16.35 -29.19
C PRO A 244 14.16 -17.58 -29.45
N ALA A 245 14.49 -18.35 -28.42
CA ALA A 245 15.28 -19.56 -28.60
C ALA A 245 14.38 -20.79 -28.69
N GLY A 246 13.08 -20.58 -28.57
CA GLY A 246 12.11 -21.68 -28.61
C GLY A 246 12.12 -22.56 -27.36
N VAL A 247 12.55 -21.99 -26.24
CA VAL A 247 12.66 -22.77 -25.01
C VAL A 247 11.53 -22.39 -24.04
N PRO A 248 10.70 -23.37 -23.65
CA PRO A 248 9.54 -23.03 -22.79
C PRO A 248 9.99 -22.63 -21.38
N VAL A 249 9.22 -21.74 -20.77
CA VAL A 249 9.48 -21.32 -19.39
C VAL A 249 8.43 -21.93 -18.45
N ILE A 250 8.89 -22.51 -17.35
CA ILE A 250 8.03 -23.00 -16.29
C ILE A 250 7.99 -21.96 -15.16
N ALA A 251 6.79 -21.47 -14.82
CA ALA A 251 6.64 -20.48 -13.76
C ALA A 251 6.45 -21.19 -12.43
N ASP A 252 7.48 -21.14 -11.58
CA ASP A 252 7.53 -21.91 -10.34
C ASP A 252 7.41 -21.00 -9.12
N GLY A 253 6.25 -21.06 -8.46
CA GLY A 253 6.12 -20.44 -7.15
C GLY A 253 5.23 -19.19 -7.16
N GLY A 254 4.53 -18.98 -6.05
CA GLY A 254 3.79 -17.75 -5.85
C GLY A 254 2.35 -17.77 -6.31
N LEU A 255 1.91 -18.87 -6.91
CA LEU A 255 0.53 -18.91 -7.47
C LEU A 255 -0.44 -19.40 -6.40
N GLN A 256 -1.57 -18.71 -6.25
CA GLN A 256 -2.55 -19.06 -5.20
C GLN A 256 -3.98 -19.22 -5.73
N TYR A 257 -4.22 -18.74 -6.94
CA TYR A 257 -5.55 -18.81 -7.52
C TYR A 257 -5.44 -19.18 -8.98
N SER A 258 -6.54 -19.70 -9.52
CA SER A 258 -6.56 -20.08 -10.92
C SER A 258 -6.21 -18.90 -11.82
N GLY A 259 -6.62 -17.68 -11.44
CA GLY A 259 -6.30 -16.52 -12.26
C GLY A 259 -4.81 -16.25 -12.33
N ASP A 260 -4.06 -16.70 -11.32
CA ASP A 260 -2.61 -16.46 -11.31
C ASP A 260 -1.95 -17.31 -12.39
N ILE A 261 -2.49 -18.50 -12.62
CA ILE A 261 -1.97 -19.37 -13.68
C ILE A 261 -2.15 -18.67 -15.02
N ALA A 262 -3.33 -18.06 -15.24
CA ALA A 262 -3.56 -17.34 -16.46
C ALA A 262 -2.57 -16.18 -16.62
N LYS A 263 -2.32 -15.44 -15.54
CA LYS A 263 -1.37 -14.32 -15.59
C LYS A 263 0.05 -14.80 -15.90
N ALA A 264 0.46 -15.89 -15.27
CA ALA A 264 1.82 -16.42 -15.54
C ALA A 264 1.99 -16.82 -17.01
N LEU A 265 0.99 -17.48 -17.59
CA LEU A 265 1.07 -17.90 -18.97
C LEU A 265 1.01 -16.69 -19.90
N ALA A 266 0.13 -15.72 -19.59
CA ALA A 266 0.09 -14.51 -20.40
C ALA A 266 1.40 -13.73 -20.38
N ALA A 267 2.11 -13.79 -19.26
CA ALA A 267 3.42 -13.16 -19.16
C ALA A 267 4.46 -13.92 -20.03
N GLY A 268 4.09 -15.10 -20.52
CA GLY A 268 4.96 -15.80 -21.46
C GLY A 268 5.40 -17.19 -21.04
N ALA A 269 5.13 -17.57 -19.79
CA ALA A 269 5.41 -18.95 -19.38
C ALA A 269 4.54 -19.90 -20.18
N SER A 270 5.03 -21.13 -20.34
CA SER A 270 4.28 -22.20 -21.00
C SER A 270 3.60 -23.16 -20.02
N THR A 271 4.15 -23.28 -18.82
CA THR A 271 3.52 -24.07 -17.76
C THR A 271 3.75 -23.41 -16.40
N ALA A 272 3.00 -23.86 -15.39
CA ALA A 272 3.10 -23.34 -14.04
C ALA A 272 3.36 -24.51 -13.12
N MET A 273 4.30 -24.32 -12.18
CA MET A 273 4.58 -25.34 -11.19
C MET A 273 3.96 -24.92 -9.86
N LEU A 274 3.21 -25.84 -9.23
CA LEU A 274 2.42 -25.52 -8.04
C LEU A 274 2.85 -26.34 -6.84
N GLY A 275 2.99 -25.68 -5.69
CA GLY A 275 3.28 -26.36 -4.45
C GLY A 275 2.10 -26.28 -3.51
N SER A 276 1.88 -25.08 -2.97
CA SER A 276 0.84 -24.86 -1.99
C SER A 276 -0.55 -25.34 -2.42
N LEU A 277 -0.90 -25.03 -3.67
CA LEU A 277 -2.23 -25.41 -4.20
C LEU A 277 -2.47 -26.92 -4.27
N LEU A 278 -1.38 -27.69 -4.26
CA LEU A 278 -1.47 -29.14 -4.38
C LEU A 278 -1.13 -29.86 -3.08
N ALA A 279 -0.41 -29.18 -2.20
CA ALA A 279 0.03 -29.79 -0.95
C ALA A 279 -1.14 -30.20 -0.09
N GLY A 280 -2.28 -29.53 -0.28
CA GLY A 280 -3.44 -29.84 0.53
C GLY A 280 -4.31 -30.98 -0.01
N THR A 281 -3.91 -31.57 -1.12
CA THR A 281 -4.76 -32.58 -1.76
C THR A 281 -4.51 -33.97 -1.21
N ALA A 282 -5.45 -34.88 -1.45
CA ALA A 282 -5.38 -36.24 -0.94
C ALA A 282 -4.11 -36.96 -1.42
N GLU A 283 -3.65 -36.60 -2.62
CA GLU A 283 -2.58 -37.36 -3.24
C GLU A 283 -1.20 -36.88 -2.76
N ALA A 284 -1.15 -35.72 -2.12
CA ALA A 284 0.12 -35.19 -1.60
C ALA A 284 0.62 -36.13 -0.49
N PRO A 285 1.94 -36.25 -0.31
CA PRO A 285 2.36 -37.18 0.75
C PRO A 285 2.06 -36.59 2.12
N GLY A 286 1.93 -37.45 3.12
CA GLY A 286 1.60 -37.01 4.46
C GLY A 286 0.25 -37.49 4.94
N GLU A 287 0.03 -37.39 6.26
CA GLU A 287 -1.27 -37.71 6.84
C GLU A 287 -2.01 -36.44 7.20
N LEU A 288 -3.33 -36.54 7.34
CA LEU A 288 -4.13 -35.38 7.71
C LEU A 288 -3.82 -34.92 9.13
N ILE A 289 -3.47 -33.64 9.28
CA ILE A 289 -3.30 -33.03 10.60
C ILE A 289 -4.65 -32.51 11.09
N PHE A 290 -4.95 -32.78 12.36
N PHE A 290 -4.97 -32.81 12.35
CA PHE A 290 -6.23 -32.38 12.93
CA PHE A 290 -6.22 -32.37 12.94
C PHE A 290 -6.03 -31.44 14.11
C PHE A 290 -5.94 -31.39 14.07
N VAL A 291 -6.54 -30.22 13.98
CA VAL A 291 -6.42 -29.22 15.04
C VAL A 291 -7.59 -28.24 14.98
N ASN A 292 -8.16 -27.95 16.14
CA ASN A 292 -9.31 -27.06 16.25
C ASN A 292 -10.47 -27.44 15.33
N GLY A 293 -10.79 -28.73 15.30
CA GLY A 293 -11.90 -29.23 14.51
C GLY A 293 -11.71 -29.06 13.01
N LYS A 294 -10.48 -28.77 12.59
CA LYS A 294 -10.18 -28.58 11.17
C LYS A 294 -9.12 -29.52 10.63
N GLN A 295 -9.08 -29.66 9.31
N GLN A 295 -9.09 -29.68 9.31
CA GLN A 295 -8.19 -30.60 8.64
CA GLN A 295 -8.19 -30.63 8.65
C GLN A 295 -7.08 -29.90 7.85
C GLN A 295 -7.09 -29.92 7.86
N TYR A 296 -5.84 -30.35 8.07
CA TYR A 296 -4.70 -29.74 7.40
C TYR A 296 -3.72 -30.80 6.90
N LYS A 297 -2.79 -30.37 6.05
CA LYS A 297 -1.69 -31.22 5.61
C LYS A 297 -0.38 -30.47 5.80
N SER A 298 0.67 -31.19 6.17
CA SER A 298 2.00 -30.59 6.34
C SER A 298 2.53 -30.08 5.00
N TYR A 299 3.18 -28.92 5.01
CA TYR A 299 3.77 -28.35 3.82
C TYR A 299 5.02 -27.58 4.25
N ARG A 300 6.17 -27.92 3.69
CA ARG A 300 7.41 -27.28 4.11
C ARG A 300 8.34 -27.01 2.96
N GLY A 301 9.14 -25.94 3.08
CA GLY A 301 10.09 -25.63 2.04
C GLY A 301 11.17 -26.68 2.03
N MET A 302 11.76 -26.95 0.87
CA MET A 302 12.88 -27.91 0.78
C MET A 302 14.15 -27.28 1.32
N GLY A 303 14.10 -25.97 1.57
CA GLY A 303 15.22 -25.24 2.15
C GLY A 303 14.98 -25.02 3.63
N SER A 304 13.89 -25.58 4.15
CA SER A 304 13.59 -25.47 5.58
C SER A 304 14.48 -26.42 6.39
N LEU A 305 14.72 -26.07 7.65
CA LEU A 305 15.55 -26.87 8.53
C LEU A 305 15.06 -28.32 8.57
N GLY A 306 13.76 -28.50 8.69
CA GLY A 306 13.16 -29.83 8.72
C GLY A 306 13.40 -30.68 7.48
N ALA A 307 13.41 -30.04 6.31
CA ALA A 307 13.69 -30.74 5.04
C ALA A 307 15.18 -31.04 4.90
N MET A 308 16.03 -30.08 5.26
CA MET A 308 17.48 -30.29 5.19
C MET A 308 17.95 -31.41 6.09
N ARG A 309 17.12 -31.81 7.05
CA ARG A 309 17.49 -32.89 7.97
C ARG A 309 17.02 -34.25 7.47
N GLU A 330 23.28 -28.84 -1.77
CA GLU A 330 22.70 -27.92 -0.79
C GLU A 330 23.47 -26.60 -0.72
N ASP A 331 24.69 -26.65 -0.20
CA ASP A 331 25.57 -25.47 -0.06
C ASP A 331 25.05 -24.38 0.90
N LYS A 332 23.90 -24.59 1.51
CA LYS A 332 23.33 -23.57 2.41
C LYS A 332 24.01 -23.57 3.77
N LEU A 333 24.15 -22.39 4.37
CA LEU A 333 24.64 -22.29 5.74
C LEU A 333 23.47 -22.09 6.71
N VAL A 334 22.36 -21.51 6.21
CA VAL A 334 21.16 -21.29 7.01
C VAL A 334 19.90 -21.65 6.17
N PRO A 335 18.76 -21.88 6.84
CA PRO A 335 17.60 -22.26 6.02
C PRO A 335 17.04 -21.14 5.15
N GLU A 336 16.33 -21.52 4.09
CA GLU A 336 15.66 -20.57 3.21
C GLU A 336 14.20 -20.93 3.02
N GLY A 337 13.61 -21.54 4.04
CA GLY A 337 12.18 -21.86 4.02
C GLY A 337 11.69 -22.13 5.43
N ILE A 338 10.38 -22.26 5.57
CA ILE A 338 9.75 -22.58 6.83
C ILE A 338 8.95 -23.86 6.70
N GLU A 339 8.49 -24.35 7.85
CA GLU A 339 7.67 -25.54 7.90
C GLU A 339 6.31 -25.11 8.33
N GLY A 340 5.28 -25.58 7.63
CA GLY A 340 3.94 -25.20 8.01
C GLY A 340 2.85 -26.19 7.66
N ARG A 341 1.61 -25.71 7.58
N ARG A 341 1.62 -25.69 7.61
CA ARG A 341 0.49 -26.54 7.20
CA ARG A 341 0.46 -26.48 7.23
C ARG A 341 -0.53 -25.72 6.41
C ARG A 341 -0.42 -25.68 6.28
N VAL A 342 -1.20 -26.39 5.48
CA VAL A 342 -2.20 -25.76 4.62
C VAL A 342 -3.50 -26.54 4.78
N PRO A 343 -4.64 -25.91 4.49
CA PRO A 343 -5.91 -26.62 4.65
C PRO A 343 -6.00 -27.83 3.70
N PHE A 344 -6.66 -28.88 4.15
CA PHE A 344 -6.97 -30.01 3.29
C PHE A 344 -7.96 -29.59 2.20
N ARG A 345 -7.67 -29.96 0.94
CA ARG A 345 -8.48 -29.52 -0.19
C ARG A 345 -9.15 -30.64 -1.01
N GLY A 346 -9.06 -31.89 -0.55
CA GLY A 346 -9.76 -32.98 -1.20
C GLY A 346 -8.96 -33.58 -2.35
N PRO A 347 -9.65 -34.28 -3.26
CA PRO A 347 -8.98 -34.99 -4.36
C PRO A 347 -8.27 -34.04 -5.31
N LEU A 348 -7.09 -34.43 -5.77
CA LEU A 348 -6.33 -33.63 -6.73
C LEU A 348 -7.18 -33.29 -7.96
N SER A 349 -7.89 -34.29 -8.49
CA SER A 349 -8.65 -34.11 -9.72
C SER A 349 -9.61 -32.92 -9.65
N SER A 350 -10.28 -32.75 -8.52
CA SER A 350 -11.21 -31.64 -8.34
C SER A 350 -10.50 -30.28 -8.28
N VAL A 351 -9.35 -30.23 -7.63
CA VAL A 351 -8.53 -29.03 -7.64
C VAL A 351 -8.12 -28.67 -9.07
N ILE A 352 -7.61 -29.65 -9.81
CA ILE A 352 -7.14 -29.35 -11.15
C ILE A 352 -8.30 -28.86 -12.02
N HIS A 353 -9.48 -29.43 -11.82
N HIS A 353 -9.48 -29.44 -11.84
CA HIS A 353 -10.66 -29.03 -12.56
CA HIS A 353 -10.66 -29.02 -12.59
C HIS A 353 -10.95 -27.56 -12.32
C HIS A 353 -11.01 -27.55 -12.31
N GLN A 354 -10.85 -27.14 -11.07
CA GLN A 354 -11.10 -25.73 -10.73
C GLN A 354 -10.05 -24.86 -11.39
N LEU A 355 -8.81 -25.31 -11.38
CA LEU A 355 -7.73 -24.49 -11.94
C LEU A 355 -7.84 -24.37 -13.45
N THR A 356 -8.09 -25.48 -14.14
CA THR A 356 -8.24 -25.38 -15.59
C THR A 356 -9.50 -24.63 -16.00
N GLY A 357 -10.55 -24.74 -15.19
CA GLY A 357 -11.79 -24.02 -15.45
C GLY A 357 -11.57 -22.51 -15.39
N GLY A 358 -10.78 -22.06 -14.42
CA GLY A 358 -10.42 -20.65 -14.30
C GLY A 358 -9.54 -20.20 -15.45
N LEU A 359 -8.57 -21.04 -15.83
CA LEU A 359 -7.71 -20.73 -16.98
C LEU A 359 -8.57 -20.64 -18.24
N ARG A 360 -9.49 -21.58 -18.42
CA ARG A 360 -10.37 -21.53 -19.61
C ARG A 360 -11.23 -20.27 -19.63
N ALA A 361 -11.67 -19.81 -18.46
CA ALA A 361 -12.42 -18.54 -18.42
C ALA A 361 -11.54 -17.38 -18.91
N ALA A 362 -10.29 -17.36 -18.44
CA ALA A 362 -9.35 -16.33 -18.87
C ALA A 362 -9.16 -16.39 -20.37
N MET A 363 -9.05 -17.59 -20.91
CA MET A 363 -8.92 -17.71 -22.35
C MET A 363 -10.15 -17.18 -23.08
N GLY A 364 -11.35 -17.46 -22.54
CA GLY A 364 -12.56 -16.88 -23.13
C GLY A 364 -12.55 -15.34 -23.12
N TYR A 365 -12.17 -14.76 -21.98
CA TYR A 365 -12.17 -13.31 -21.85
C TYR A 365 -11.13 -12.63 -22.76
N THR A 366 -9.99 -13.30 -22.99
CA THR A 366 -8.92 -12.70 -23.77
C THR A 366 -8.96 -13.09 -25.25
N GLY A 367 -9.94 -13.90 -25.66
CA GLY A 367 -10.08 -14.31 -27.06
C GLY A 367 -8.92 -15.23 -27.45
N SER A 368 -8.46 -16.04 -26.51
CA SER A 368 -7.32 -16.94 -26.75
C SER A 368 -7.77 -18.38 -26.96
N PRO A 369 -7.70 -18.90 -28.20
CA PRO A 369 -8.13 -20.28 -28.43
C PRO A 369 -7.10 -21.29 -27.94
N THR A 370 -5.85 -20.85 -27.82
CA THR A 370 -4.74 -21.71 -27.41
C THR A 370 -3.86 -20.98 -26.42
N ILE A 371 -2.97 -21.72 -25.77
CA ILE A 371 -2.06 -21.12 -24.81
C ILE A 371 -1.11 -20.17 -25.53
N GLU A 372 -0.70 -20.53 -26.75
CA GLU A 372 0.19 -19.68 -27.53
C GLU A 372 -0.42 -18.29 -27.81
N VAL A 373 -1.73 -18.22 -27.98
CA VAL A 373 -2.39 -16.93 -28.10
C VAL A 373 -2.53 -16.20 -26.76
N LEU A 374 -2.83 -16.95 -25.71
CA LEU A 374 -2.89 -16.35 -24.36
C LEU A 374 -1.57 -15.65 -23.99
N GLN A 375 -0.46 -16.23 -24.44
CA GLN A 375 0.86 -15.66 -24.23
C GLN A 375 1.03 -14.28 -24.89
N GLN A 376 0.08 -13.89 -25.74
CA GLN A 376 0.12 -12.57 -26.39
C GLN A 376 -0.83 -11.56 -25.74
N ALA A 377 -1.48 -11.94 -24.65
CA ALA A 377 -2.47 -11.05 -24.00
C ALA A 377 -1.78 -9.87 -23.34
N GLN A 378 -2.56 -8.82 -23.03
CA GLN A 378 -2.00 -7.62 -22.40
C GLN A 378 -2.48 -7.48 -20.98
N PHE A 379 -1.67 -6.81 -20.15
CA PHE A 379 -1.98 -6.56 -18.75
C PHE A 379 -2.32 -5.10 -18.55
N VAL A 380 -3.09 -4.83 -17.49
CA VAL A 380 -3.13 -3.52 -16.89
C VAL A 380 -2.54 -3.65 -15.49
N ARG A 381 -1.72 -2.68 -15.10
N ARG A 381 -1.71 -2.68 -15.12
CA ARG A 381 -1.12 -2.68 -13.76
CA ARG A 381 -1.15 -2.63 -13.78
C ARG A 381 -2.03 -1.93 -12.80
C ARG A 381 -2.23 -2.06 -12.87
N ILE A 382 -2.24 -2.49 -11.61
CA ILE A 382 -3.27 -1.98 -10.69
C ILE A 382 -2.69 -1.47 -9.39
N THR A 383 -3.52 -0.79 -8.62
CA THR A 383 -3.09 -0.19 -7.35
C THR A 383 -3.64 -1.06 -6.23
N PRO A 384 -3.25 -0.77 -4.98
CA PRO A 384 -3.86 -1.54 -3.88
C PRO A 384 -5.42 -1.51 -3.86
N ALA A 385 -6.03 -0.39 -4.24
CA ALA A 385 -7.49 -0.33 -4.31
C ALA A 385 -8.00 -1.25 -5.40
N GLY A 386 -7.25 -1.36 -6.48
CA GLY A 386 -7.65 -2.22 -7.59
C GLY A 386 -7.65 -3.66 -7.14
N LEU A 387 -6.66 -4.03 -6.33
CA LEU A 387 -6.58 -5.37 -5.80
C LEU A 387 -7.74 -5.66 -4.82
N LYS A 388 -8.04 -4.70 -3.95
CA LYS A 388 -9.14 -4.87 -3.00
C LYS A 388 -10.44 -5.06 -3.78
N GLU A 389 -10.58 -4.30 -4.86
CA GLU A 389 -11.79 -4.34 -5.69
C GLU A 389 -11.89 -5.68 -6.43
N SER A 390 -10.75 -6.29 -6.71
CA SER A 390 -10.73 -7.53 -7.50
C SER A 390 -11.29 -8.70 -6.71
N HIS A 391 -10.86 -8.81 -5.46
CA HIS A 391 -11.44 -9.79 -4.56
C HIS A 391 -12.87 -9.39 -4.18
N PRO A 392 -13.65 -10.37 -3.65
CA PRO A 392 -14.89 -9.96 -3.00
C PRO A 392 -14.56 -8.93 -1.94
N HIS A 393 -15.44 -7.97 -1.72
CA HIS A 393 -15.19 -6.93 -0.75
C HIS A 393 -16.51 -6.48 -0.15
N ASP A 394 -16.47 -6.00 1.10
CA ASP A 394 -17.65 -5.44 1.74
C ASP A 394 -18.82 -6.43 1.83
N VAL A 395 -18.49 -7.70 1.94
CA VAL A 395 -19.50 -8.73 2.08
C VAL A 395 -18.96 -9.79 3.04
N ALA A 396 -19.83 -10.40 3.84
CA ALA A 396 -19.41 -11.55 4.63
C ALA A 396 -19.72 -12.81 3.84
N MET A 397 -18.71 -13.63 3.59
CA MET A 397 -18.92 -14.87 2.86
C MET A 397 -19.64 -15.87 3.75
N THR A 398 -20.70 -16.49 3.25
CA THR A 398 -21.47 -17.44 4.06
C THR A 398 -21.27 -18.89 3.64
N VAL A 399 -20.74 -19.09 2.44
CA VAL A 399 -20.54 -20.42 1.87
C VAL A 399 -19.20 -20.39 1.13
N GLU A 400 -18.38 -21.41 1.31
N GLU A 400 -18.40 -21.44 1.29
CA GLU A 400 -17.13 -21.44 0.56
CA GLU A 400 -17.17 -21.50 0.54
C GLU A 400 -17.42 -21.78 -0.90
C GLU A 400 -17.43 -21.81 -0.92
N ALA A 401 -16.65 -21.19 -1.80
CA ALA A 401 -16.74 -21.51 -3.22
C ALA A 401 -15.61 -22.52 -3.49
N PRO A 402 -15.78 -23.38 -4.51
CA PRO A 402 -14.74 -24.39 -4.76
C PRO A 402 -13.44 -23.79 -5.31
N ASN A 403 -13.49 -22.55 -5.79
CA ASN A 403 -12.32 -21.93 -6.38
C ASN A 403 -11.98 -20.61 -5.72
N TYR A 404 -12.55 -20.39 -4.53
CA TYR A 404 -12.24 -19.18 -3.77
C TYR A 404 -12.40 -19.45 -2.26
N TYR A 405 -11.28 -19.57 -1.57
CA TYR A 405 -11.30 -19.89 -0.14
C TYR A 405 -11.03 -18.65 0.71
N ALA A 406 -11.90 -18.43 1.70
CA ALA A 406 -11.90 -17.20 2.48
C ALA A 406 -10.68 -17.12 3.40
N THR B 30 0.74 18.13 -15.56
CA THR B 30 -0.23 17.12 -15.14
C THR B 30 0.40 15.75 -14.89
N ASP B 31 -0.42 14.82 -14.39
CA ASP B 31 0.02 13.46 -14.11
C ASP B 31 0.36 12.72 -15.42
N PRO B 32 1.64 12.35 -15.59
N PRO B 32 -5.04 6.41 -24.66
CA PRO B 32 2.14 11.76 -16.85
CA PRO B 32 -3.59 6.53 -24.65
C PRO B 32 1.63 10.34 -17.13
C PRO B 32 -3.03 7.22 -23.40
N VAL B 33 1.41 9.54 -16.09
N VAL B 33 -3.82 8.04 -22.70
CA VAL B 33 1.05 8.13 -16.28
CA VAL B 33 -3.41 8.48 -21.38
C VAL B 33 -0.30 7.96 -16.99
C VAL B 33 -3.36 7.21 -20.54
N PRO B 34 -0.35 7.11 -18.01
N PRO B 34 -2.21 6.95 -19.89
CA PRO B 34 -1.65 6.83 -18.64
CA PRO B 34 -1.98 5.66 -19.21
C PRO B 34 -2.54 6.05 -17.68
C PRO B 34 -2.90 5.36 -18.02
N THR B 35 -3.71 6.61 -17.38
N THR B 35 -3.68 6.33 -17.56
CA THR B 35 -4.67 5.93 -16.50
CA THR B 35 -4.67 6.03 -16.51
C THR B 35 -6.07 5.86 -17.11
C THR B 35 -6.09 5.98 -17.09
N GLY B 36 -6.19 6.17 -18.40
CA GLY B 36 -7.47 6.00 -19.08
C GLY B 36 -8.01 7.26 -19.73
N GLY B 37 -8.64 7.06 -20.89
CA GLY B 37 -9.19 8.14 -21.67
C GLY B 37 -8.14 8.87 -22.48
N ASP B 38 -8.57 9.94 -23.14
N ASP B 38 -8.55 9.95 -23.15
CA ASP B 38 -7.70 10.71 -24.03
CA ASP B 38 -7.64 10.69 -24.02
C ASP B 38 -7.37 12.10 -23.52
C ASP B 38 -7.21 12.03 -23.45
N ASP B 39 -7.73 12.39 -22.28
CA ASP B 39 -7.48 13.73 -21.73
C ASP B 39 -6.43 13.70 -20.62
N PRO B 40 -5.24 14.23 -20.89
CA PRO B 40 -4.16 14.17 -19.90
C PRO B 40 -4.43 15.03 -18.67
N HIS B 41 -5.41 15.91 -18.74
CA HIS B 41 -5.74 16.76 -17.61
C HIS B 41 -6.90 16.23 -16.75
N LYS B 42 -7.50 15.11 -17.15
CA LYS B 42 -8.58 14.54 -16.36
C LYS B 42 -8.14 14.15 -14.96
N VAL B 43 -7.01 13.45 -14.87
CA VAL B 43 -6.40 13.17 -13.58
C VAL B 43 -5.22 14.13 -13.51
N ALA B 44 -5.41 15.21 -12.77
CA ALA B 44 -4.62 16.43 -12.94
C ALA B 44 -3.31 16.45 -12.16
N MET B 45 -3.26 15.71 -11.07
CA MET B 45 -2.04 15.62 -10.28
C MET B 45 -2.04 14.47 -9.29
N LEU B 46 -0.90 14.22 -8.66
CA LEU B 46 -0.80 13.22 -7.60
C LEU B 46 -0.81 13.92 -6.25
N GLY B 47 -1.82 13.63 -5.43
CA GLY B 47 -1.96 14.31 -4.14
C GLY B 47 -1.25 13.58 -3.02
N LEU B 48 -0.45 14.33 -2.24
CA LEU B 48 0.25 13.75 -1.11
C LEU B 48 -0.32 14.29 0.18
N THR B 49 -0.23 13.49 1.23
CA THR B 49 -0.53 14.05 2.53
C THR B 49 0.60 13.78 3.49
N PHE B 50 0.38 14.02 4.78
CA PHE B 50 1.51 14.08 5.72
C PHE B 50 2.32 12.78 5.74
N ASP B 51 1.64 11.65 5.81
CA ASP B 51 2.34 10.35 5.86
C ASP B 51 3.11 9.99 4.58
N ASP B 52 2.94 10.78 3.52
CA ASP B 52 3.68 10.54 2.27
C ASP B 52 5.05 11.21 2.22
N VAL B 53 5.35 12.07 3.19
CA VAL B 53 6.59 12.86 3.08
C VAL B 53 7.33 12.95 4.41
N LEU B 54 8.64 13.16 4.31
CA LEU B 54 9.50 13.47 5.45
C LEU B 54 10.28 14.73 5.13
N LEU B 55 10.62 15.51 6.16
CA LEU B 55 11.49 16.65 5.94
C LEU B 55 12.94 16.17 5.89
N LEU B 56 13.72 16.71 4.96
CA LEU B 56 15.12 16.35 4.87
C LEU B 56 15.92 17.17 5.86
N PRO B 57 16.77 16.50 6.65
CA PRO B 57 17.68 17.28 7.51
C PRO B 57 18.61 18.13 6.64
N ALA B 58 19.09 19.23 7.20
CA ALA B 58 19.99 20.12 6.49
C ALA B 58 21.02 20.67 7.43
N ALA B 59 21.98 21.39 6.86
CA ALA B 59 23.02 22.03 7.62
C ALA B 59 22.38 22.97 8.66
N SER B 60 22.83 22.88 9.90
CA SER B 60 22.12 23.58 10.97
C SER B 60 23.02 24.20 12.01
N ASP B 61 22.68 25.42 12.42
CA ASP B 61 23.23 26.00 13.63
C ASP B 61 22.10 26.30 14.60
N VAL B 62 21.02 25.54 14.47
CA VAL B 62 19.84 25.68 15.32
C VAL B 62 19.65 24.46 16.21
N VAL B 63 19.34 24.69 17.49
CA VAL B 63 18.95 23.57 18.35
C VAL B 63 17.55 23.89 18.85
N PRO B 64 16.83 22.90 19.39
CA PRO B 64 15.42 23.17 19.67
C PRO B 64 15.22 24.40 20.58
N ALA B 65 16.11 24.57 21.55
CA ALA B 65 16.08 25.73 22.45
C ALA B 65 16.12 27.07 21.73
N THR B 66 16.87 27.15 20.63
CA THR B 66 17.10 28.45 19.99
C THR B 66 16.14 28.76 18.87
N ALA B 67 15.33 27.77 18.48
CA ALA B 67 14.40 27.98 17.40
C ALA B 67 13.31 29.00 17.85
N ASP B 68 12.80 29.75 16.90
CA ASP B 68 11.76 30.76 17.18
C ASP B 68 10.53 30.28 16.45
N THR B 69 9.47 29.95 17.19
CA THR B 69 8.29 29.32 16.59
C THR B 69 7.20 30.33 16.20
N SER B 70 7.48 31.62 16.35
CA SER B 70 6.46 32.62 15.99
C SER B 70 6.08 32.61 14.49
N SER B 71 4.82 32.94 14.17
CA SER B 71 4.40 32.89 12.79
C SER B 71 3.13 33.71 12.64
N GLN B 72 2.88 34.22 11.44
CA GLN B 72 1.66 35.00 11.18
C GLN B 72 0.44 34.09 11.19
N LEU B 73 -0.57 34.45 11.97
CA LEU B 73 -1.89 33.86 11.82
C LEU B 73 -2.60 34.55 10.66
N THR B 74 -2.51 35.88 10.61
CA THR B 74 -3.13 36.65 9.54
C THR B 74 -2.13 37.71 9.12
N LYS B 75 -2.46 38.50 8.10
CA LYS B 75 -1.57 39.59 7.67
C LYS B 75 -1.08 40.46 8.85
N LYS B 76 -1.97 40.78 9.79
CA LYS B 76 -1.60 41.66 10.90
C LYS B 76 -1.32 41.00 12.25
N ILE B 77 -1.64 39.72 12.41
CA ILE B 77 -1.51 39.10 13.73
C ILE B 77 -0.47 38.00 13.71
N ARG B 78 0.53 38.13 14.57
CA ARG B 78 1.58 37.09 14.68
C ARG B 78 1.40 36.41 16.03
N LEU B 79 1.45 35.08 16.03
CA LEU B 79 1.35 34.28 17.25
C LEU B 79 2.74 33.82 17.69
N LYS B 80 2.92 33.54 18.98
CA LYS B 80 4.19 33.02 19.47
C LYS B 80 4.34 31.53 19.13
N VAL B 81 3.21 30.82 19.09
CA VAL B 81 3.16 29.41 18.79
C VAL B 81 2.13 29.26 17.65
N PRO B 82 2.50 28.56 16.57
CA PRO B 82 1.70 28.66 15.33
C PRO B 82 0.55 27.68 15.29
N LEU B 83 -0.25 27.65 16.35
CA LEU B 83 -1.31 26.66 16.48
C LEU B 83 -2.61 27.36 16.86
N VAL B 84 -3.71 26.87 16.27
N VAL B 84 -3.71 26.90 16.27
CA VAL B 84 -5.04 27.40 16.50
CA VAL B 84 -5.01 27.44 16.63
C VAL B 84 -5.95 26.23 16.83
C VAL B 84 -5.98 26.27 16.81
N SER B 85 -6.89 26.41 17.76
CA SER B 85 -7.88 25.36 18.02
C SER B 85 -9.07 25.48 17.08
N SER B 86 -9.61 24.34 16.64
CA SER B 86 -10.71 24.32 15.67
C SER B 86 -11.99 24.89 16.24
N ALA B 87 -12.78 25.51 15.37
CA ALA B 87 -14.06 26.10 15.77
C ALA B 87 -15.13 25.01 15.79
N MET B 88 -14.99 24.08 16.73
CA MET B 88 -15.89 22.96 16.81
C MET B 88 -16.47 22.94 18.20
N ASP B 89 -17.73 22.51 18.34
CA ASP B 89 -18.39 22.54 19.64
C ASP B 89 -17.89 21.51 20.65
N THR B 90 -16.96 20.65 20.25
CA THR B 90 -16.30 19.75 21.18
C THR B 90 -14.83 20.09 21.33
N VAL B 91 -14.42 21.24 20.80
CA VAL B 91 -13.01 21.67 20.90
C VAL B 91 -12.84 23.06 21.54
N THR B 92 -13.55 24.07 21.04
CA THR B 92 -13.27 25.45 21.47
C THR B 92 -14.44 26.27 21.98
N GLU B 93 -14.52 26.41 23.29
CA GLU B 93 -15.31 27.47 23.93
C GLU B 93 -14.34 28.34 24.72
N SER B 94 -14.84 29.18 25.63
CA SER B 94 -13.95 30.18 26.22
C SER B 94 -12.73 29.60 26.94
N ARG B 95 -12.92 28.50 27.67
N ARG B 95 -12.88 28.51 27.64
CA ARG B 95 -11.81 27.89 28.41
CA ARG B 95 -11.81 27.91 28.41
C ARG B 95 -10.67 27.45 27.52
C ARG B 95 -10.67 27.44 27.51
N MET B 96 -11.00 26.86 26.37
CA MET B 96 -9.98 26.47 25.40
C MET B 96 -9.35 27.71 24.78
N ALA B 97 -10.15 28.70 24.44
CA ALA B 97 -9.62 29.91 23.83
C ALA B 97 -8.65 30.62 24.77
N ILE B 98 -8.98 30.62 26.06
CA ILE B 98 -8.14 31.27 27.04
C ILE B 98 -6.82 30.51 27.14
N ALA B 99 -6.91 29.19 27.22
CA ALA B 99 -5.71 28.38 27.40
C ALA B 99 -4.78 28.44 26.19
N MET B 100 -5.36 28.42 25.00
CA MET B 100 -4.60 28.53 23.75
C MET B 100 -3.88 29.87 23.66
N ALA B 101 -4.59 30.97 23.94
CA ALA B 101 -3.93 32.28 23.89
C ALA B 101 -2.80 32.36 24.93
N ARG B 102 -3.02 31.80 26.10
CA ARG B 102 -2.01 31.83 27.15
C ARG B 102 -0.79 30.98 26.77
N ALA B 103 -1.01 29.95 25.94
CA ALA B 103 0.09 29.10 25.48
C ALA B 103 0.80 29.68 24.27
N GLY B 104 0.35 30.84 23.82
CA GLY B 104 0.98 31.49 22.67
C GLY B 104 0.28 31.31 21.34
N GLY B 105 -0.84 30.59 21.31
CA GLY B 105 -1.60 30.42 20.08
C GLY B 105 -2.92 31.18 20.14
N MET B 106 -3.98 30.57 19.60
CA MET B 106 -5.29 31.22 19.63
C MET B 106 -6.40 30.18 19.50
N GLY B 107 -7.57 30.45 20.05
CA GLY B 107 -8.70 29.59 19.79
C GLY B 107 -9.68 30.28 18.85
N VAL B 108 -10.40 29.48 18.06
CA VAL B 108 -11.51 30.05 17.31
C VAL B 108 -12.82 29.50 17.88
N LEU B 109 -13.58 30.39 18.52
CA LEU B 109 -14.84 30.00 19.14
C LEU B 109 -15.86 29.48 18.12
N HIS B 110 -16.45 28.33 18.42
CA HIS B 110 -17.40 27.70 17.51
C HIS B 110 -18.69 28.51 17.44
N ARG B 111 -19.46 28.28 16.38
CA ARG B 111 -20.69 29.03 16.15
C ARG B 111 -21.96 28.19 16.25
N ASN B 112 -21.88 27.05 16.92
CA ASN B 112 -23.06 26.20 17.09
C ASN B 112 -23.78 26.56 18.38
N LEU B 113 -24.11 27.83 18.53
CA LEU B 113 -24.79 28.32 19.74
C LEU B 113 -25.37 29.68 19.40
N PRO B 114 -26.28 30.20 20.24
CA PRO B 114 -26.93 31.47 19.90
C PRO B 114 -25.92 32.61 19.85
N VAL B 115 -26.21 33.64 19.07
CA VAL B 115 -25.27 34.74 18.87
C VAL B 115 -24.82 35.41 20.19
N ALA B 116 -25.77 35.63 21.09
CA ALA B 116 -25.45 36.29 22.36
C ALA B 116 -24.54 35.45 23.24
N GLU B 117 -24.63 34.13 23.11
N GLU B 117 -24.63 34.13 23.09
CA GLU B 117 -23.76 33.26 23.89
CA GLU B 117 -23.79 33.23 23.87
C GLU B 117 -22.34 33.25 23.33
C GLU B 117 -22.35 33.20 23.33
N GLN B 118 -22.22 33.22 22.00
CA GLN B 118 -20.92 33.26 21.36
C GLN B 118 -20.21 34.59 21.62
N ALA B 119 -20.95 35.68 21.52
CA ALA B 119 -20.37 36.99 21.82
C ALA B 119 -19.97 37.08 23.31
N GLY B 120 -20.80 36.51 24.17
CA GLY B 120 -20.47 36.40 25.58
C GLY B 120 -19.14 35.69 25.83
N GLN B 121 -18.85 34.65 25.06
CA GLN B 121 -17.62 33.90 25.24
C GLN B 121 -16.42 34.71 24.77
N VAL B 122 -16.62 35.52 23.72
CA VAL B 122 -15.59 36.45 23.30
C VAL B 122 -15.29 37.39 24.48
N GLU B 123 -16.34 37.88 25.13
CA GLU B 123 -16.16 38.79 26.27
C GLU B 123 -15.40 38.10 27.41
N MET B 124 -15.74 36.85 27.68
N MET B 124 -15.75 36.84 27.66
CA MET B 124 -15.08 36.10 28.76
CA MET B 124 -15.12 36.03 28.70
C MET B 124 -13.58 35.95 28.49
C MET B 124 -13.62 35.93 28.48
N VAL B 125 -13.22 35.72 27.23
CA VAL B 125 -11.81 35.60 26.87
C VAL B 125 -11.12 36.96 27.01
N LYS B 126 -11.80 38.01 26.55
CA LYS B 126 -11.25 39.35 26.64
C LYS B 126 -11.07 39.84 28.07
N ARG B 127 -11.94 39.38 28.97
CA ARG B 127 -11.88 39.76 30.37
C ARG B 127 -10.68 39.12 31.07
N SER B 128 -10.06 38.14 30.41
CA SER B 128 -9.02 37.33 31.05
C SER B 128 -7.61 37.77 30.68
N GLY B 129 -7.44 39.07 30.44
CA GLY B 129 -6.13 39.61 30.12
C GLY B 129 -5.90 40.15 28.71
N GLY B 130 -6.96 40.48 27.98
CA GLY B 130 -6.79 41.02 26.64
C GLY B 130 -6.14 40.04 25.68
N LEU B 131 -6.42 38.76 25.92
CA LEU B 131 -5.94 37.67 25.07
C LEU B 131 -6.56 37.79 23.68
N LEU B 132 -5.82 37.33 22.67
CA LEU B 132 -6.34 37.25 21.31
C LEU B 132 -7.45 36.20 21.26
N VAL B 133 -8.46 36.43 20.42
CA VAL B 133 -9.48 35.42 20.21
C VAL B 133 -10.12 35.57 18.84
N GLY B 134 -10.52 34.45 18.25
CA GLY B 134 -11.20 34.45 16.99
C GLY B 134 -12.56 33.82 17.18
N ALA B 135 -13.44 33.98 16.20
CA ALA B 135 -14.76 33.38 16.25
C ALA B 135 -15.24 33.06 14.86
N ALA B 136 -15.91 31.92 14.74
CA ALA B 136 -16.44 31.48 13.46
C ALA B 136 -17.80 32.13 13.15
N VAL B 137 -18.03 32.44 11.88
CA VAL B 137 -19.36 32.79 11.38
C VAL B 137 -19.57 32.08 10.05
N GLY B 138 -20.84 31.97 9.66
CA GLY B 138 -21.24 31.33 8.42
C GLY B 138 -21.46 32.37 7.36
N VAL B 139 -22.40 32.12 6.46
N VAL B 139 -22.45 32.15 6.50
CA VAL B 139 -22.72 33.08 5.41
CA VAL B 139 -22.72 33.05 5.38
C VAL B 139 -24.19 33.46 5.50
C VAL B 139 -24.21 33.40 5.28
N GLY B 140 -24.51 34.67 5.05
CA GLY B 140 -25.89 35.14 5.02
C GLY B 140 -26.23 36.15 6.10
N GLY B 141 -27.52 36.52 6.15
CA GLY B 141 -27.99 37.55 7.07
C GLY B 141 -27.80 37.26 8.55
N ASP B 142 -28.16 36.05 8.99
CA ASP B 142 -27.97 35.71 10.40
C ASP B 142 -26.49 35.72 10.76
N ALA B 143 -25.66 35.25 9.84
CA ALA B 143 -24.21 35.22 10.03
C ALA B 143 -23.65 36.65 10.09
N TRP B 144 -24.25 37.56 9.34
CA TRP B 144 -23.85 38.96 9.36
C TRP B 144 -24.12 39.57 10.75
N VAL B 145 -25.34 39.37 11.25
CA VAL B 145 -25.69 39.83 12.60
C VAL B 145 -24.71 39.25 13.61
N ARG B 146 -24.44 37.96 13.49
CA ARG B 146 -23.48 37.29 14.37
C ARG B 146 -22.12 37.97 14.30
N ALA B 147 -21.60 38.16 13.09
CA ALA B 147 -20.32 38.84 12.92
C ALA B 147 -20.29 40.22 13.59
N MET B 148 -21.34 41.02 13.39
CA MET B 148 -21.37 42.36 13.96
C MET B 148 -21.34 42.34 15.48
N MET B 149 -22.04 41.38 16.07
N MET B 149 -22.02 41.37 16.08
CA MET B 149 -22.05 41.23 17.53
CA MET B 149 -22.05 41.27 17.54
C MET B 149 -20.69 40.80 18.07
C MET B 149 -20.72 40.76 18.11
N LEU B 150 -20.06 39.86 17.38
CA LEU B 150 -18.72 39.40 17.75
C LEU B 150 -17.73 40.56 17.70
N VAL B 151 -17.84 41.41 16.68
CA VAL B 151 -16.97 42.58 16.57
C VAL B 151 -17.19 43.56 17.73
N ASP B 152 -18.44 43.83 18.04
CA ASP B 152 -18.78 44.69 19.20
C ASP B 152 -18.25 44.10 20.51
N ALA B 153 -18.19 42.76 20.56
CA ALA B 153 -17.72 42.06 21.76
C ALA B 153 -16.19 42.08 21.86
N GLY B 154 -15.52 42.51 20.79
CA GLY B 154 -14.07 42.69 20.80
C GLY B 154 -13.25 41.60 20.13
N VAL B 155 -13.90 40.80 19.29
CA VAL B 155 -13.17 39.67 18.66
C VAL B 155 -12.00 40.20 17.81
N ASP B 156 -10.89 39.48 17.76
CA ASP B 156 -9.75 39.92 16.95
C ASP B 156 -9.82 39.41 15.51
N VAL B 157 -10.40 38.23 15.34
CA VAL B 157 -10.40 37.55 14.06
C VAL B 157 -11.76 36.96 13.82
N LEU B 158 -12.35 37.26 12.67
CA LEU B 158 -13.56 36.58 12.24
C LEU B 158 -13.14 35.50 11.27
N VAL B 159 -13.63 34.30 11.48
CA VAL B 159 -13.34 33.21 10.53
C VAL B 159 -14.63 32.83 9.78
N VAL B 160 -14.68 33.15 8.48
CA VAL B 160 -15.79 32.70 7.63
C VAL B 160 -15.55 31.23 7.38
N ASP B 161 -16.39 30.42 8.01
CA ASP B 161 -16.16 29.01 8.35
C ASP B 161 -17.12 28.19 7.49
N THR B 162 -16.69 27.78 6.29
CA THR B 162 -17.59 27.06 5.40
C THR B 162 -16.92 25.81 4.81
N ALA B 163 -17.77 24.93 4.27
CA ALA B 163 -17.28 23.67 3.68
C ALA B 163 -16.54 23.94 2.36
N HIS B 164 -17.02 24.93 1.61
CA HIS B 164 -16.50 25.17 0.27
C HIS B 164 -16.43 26.68 0.02
N ALA B 165 -15.25 27.26 0.23
CA ALA B 165 -15.14 28.73 0.14
C ALA B 165 -15.12 29.25 -1.30
N HIS B 166 -14.97 28.33 -2.26
CA HIS B 166 -14.93 28.73 -3.67
C HIS B 166 -16.34 28.86 -4.19
N ASN B 167 -17.32 28.68 -3.32
CA ASN B 167 -18.66 29.11 -3.67
C ASN B 167 -18.73 30.63 -3.65
N ARG B 168 -19.39 31.20 -4.65
CA ARG B 168 -19.53 32.66 -4.78
C ARG B 168 -20.11 33.42 -3.54
N LEU B 169 -21.02 32.77 -2.81
CA LEU B 169 -21.63 33.37 -1.62
C LEU B 169 -20.58 33.58 -0.52
N VAL B 170 -19.63 32.68 -0.44
CA VAL B 170 -18.60 32.77 0.59
C VAL B 170 -17.63 33.91 0.31
N LEU B 171 -17.24 34.04 -0.96
CA LEU B 171 -16.32 35.10 -1.37
C LEU B 171 -16.97 36.47 -1.11
N ASP B 172 -18.27 36.55 -1.36
CA ASP B 172 -19.04 37.76 -1.08
C ASP B 172 -19.00 38.11 0.39
N MET B 173 -19.17 37.10 1.26
CA MET B 173 -19.21 37.36 2.69
C MET B 173 -17.86 37.87 3.19
N VAL B 174 -16.79 37.24 2.73
CA VAL B 174 -15.44 37.70 3.08
C VAL B 174 -15.22 39.14 2.62
N GLY B 175 -15.55 39.41 1.36
CA GLY B 175 -15.34 40.72 0.80
C GLY B 175 -16.13 41.79 1.52
N LYS B 176 -17.37 41.47 1.89
N LYS B 176 -17.37 41.46 1.89
CA LYS B 176 -18.23 42.44 2.57
CA LYS B 176 -18.20 42.46 2.57
C LYS B 176 -17.77 42.69 4.00
C LYS B 176 -17.77 42.69 4.02
N LEU B 177 -17.36 41.64 4.71
CA LEU B 177 -16.86 41.79 6.08
C LEU B 177 -15.61 42.65 6.05
N LYS B 178 -14.69 42.36 5.13
CA LYS B 178 -13.48 43.17 5.03
C LYS B 178 -13.81 44.63 4.73
N SER B 179 -14.81 44.86 3.88
CA SER B 179 -15.23 46.22 3.53
C SER B 179 -15.77 47.01 4.71
N GLU B 180 -16.49 46.32 5.58
CA GLU B 180 -17.26 47.00 6.61
C GLU B 180 -16.54 47.10 7.93
N VAL B 181 -15.82 46.05 8.31
CA VAL B 181 -15.21 46.00 9.63
C VAL B 181 -13.75 45.64 9.57
N GLY B 182 -13.18 45.64 8.38
CA GLY B 182 -11.84 45.09 8.17
C GLY B 182 -10.70 45.96 8.68
N ASP B 183 -11.01 47.19 9.04
CA ASP B 183 -10.07 48.05 9.74
C ASP B 183 -10.03 47.68 11.22
N ARG B 184 -11.10 47.06 11.70
CA ARG B 184 -11.25 46.71 13.11
C ARG B 184 -10.89 45.25 13.42
N VAL B 185 -11.10 44.36 12.45
CA VAL B 185 -10.98 42.93 12.69
C VAL B 185 -10.28 42.29 11.49
N GLU B 186 -9.50 41.23 11.73
CA GLU B 186 -9.00 40.43 10.63
C GLU B 186 -10.05 39.41 10.17
N VAL B 187 -10.07 39.13 8.87
CA VAL B 187 -11.10 38.26 8.30
C VAL B 187 -10.43 37.09 7.59
N VAL B 188 -10.70 35.89 8.08
CA VAL B 188 -10.14 34.67 7.51
C VAL B 188 -11.23 33.97 6.71
N GLY B 189 -10.87 33.37 5.57
CA GLY B 189 -11.85 32.63 4.78
C GLY B 189 -11.41 31.19 4.59
N GLY B 190 -12.36 30.27 4.50
CA GLY B 190 -12.04 28.85 4.29
C GLY B 190 -13.34 28.09 4.14
N ASN B 191 -13.26 26.84 3.72
CA ASN B 191 -11.99 26.15 3.47
C ASN B 191 -11.78 25.91 1.98
N VAL B 192 -10.51 25.79 1.59
CA VAL B 192 -10.16 25.58 0.19
C VAL B 192 -9.23 24.40 0.08
N ALA B 193 -9.07 23.88 -1.13
CA ALA B 193 -8.09 22.80 -1.32
C ALA B 193 -7.38 22.95 -2.65
N THR B 194 -7.55 24.09 -3.31
CA THR B 194 -6.93 24.33 -4.61
C THR B 194 -6.29 25.71 -4.67
N ARG B 195 -5.41 25.86 -5.65
CA ARG B 195 -4.79 27.13 -5.93
C ARG B 195 -5.82 28.17 -6.36
N SER B 196 -6.75 27.78 -7.26
CA SER B 196 -7.73 28.73 -7.78
C SER B 196 -8.65 29.25 -6.67
N ALA B 197 -9.01 28.38 -5.75
CA ALA B 197 -9.87 28.77 -4.64
C ALA B 197 -9.14 29.71 -3.67
N ALA B 198 -7.90 29.39 -3.36
CA ALA B 198 -7.09 30.28 -2.53
C ALA B 198 -6.92 31.64 -3.21
N ALA B 199 -6.68 31.62 -4.52
CA ALA B 199 -6.52 32.87 -5.26
C ALA B 199 -7.81 33.73 -5.20
N ALA B 200 -8.96 33.06 -5.27
CA ALA B 200 -10.24 33.80 -5.19
C ALA B 200 -10.43 34.45 -3.83
N LEU B 201 -10.06 33.73 -2.77
CA LEU B 201 -10.13 34.29 -1.41
C LEU B 201 -9.18 35.47 -1.23
N VAL B 202 -7.96 35.33 -1.72
CA VAL B 202 -7.02 36.46 -1.70
C VAL B 202 -7.60 37.69 -2.40
N ASP B 203 -8.20 37.47 -3.57
CA ASP B 203 -8.79 38.57 -4.32
C ASP B 203 -10.03 39.17 -3.64
N ALA B 204 -10.69 38.39 -2.79
CA ALA B 204 -11.85 38.87 -2.04
C ALA B 204 -11.41 39.69 -0.83
N GLY B 205 -10.12 39.66 -0.51
CA GLY B 205 -9.60 40.45 0.59
C GLY B 205 -9.28 39.69 1.87
N ALA B 206 -9.21 38.36 1.79
CA ALA B 206 -8.97 37.55 2.99
C ALA B 206 -7.63 37.89 3.63
N ASP B 207 -7.59 37.91 4.96
CA ASP B 207 -6.34 38.21 5.66
C ASP B 207 -5.59 36.95 5.97
N ALA B 208 -6.25 35.80 5.80
CA ALA B 208 -5.62 34.48 5.79
C ALA B 208 -6.56 33.52 5.09
N VAL B 209 -6.02 32.42 4.62
CA VAL B 209 -6.80 31.39 3.91
C VAL B 209 -6.64 30.07 4.63
N LYS B 210 -7.76 29.42 4.94
CA LYS B 210 -7.72 28.17 5.64
C LYS B 210 -7.92 27.02 4.66
N VAL B 211 -7.00 26.06 4.69
CA VAL B 211 -6.93 24.95 3.74
C VAL B 211 -7.31 23.65 4.37
N GLY B 212 -8.16 22.89 3.68
CA GLY B 212 -8.52 21.57 4.17
C GLY B 212 -9.94 21.25 3.75
N VAL B 213 -10.08 20.42 2.73
CA VAL B 213 -11.39 19.91 2.35
C VAL B 213 -11.33 18.41 2.56
N GLY B 214 -11.89 17.96 3.69
CA GLY B 214 -11.97 16.54 3.99
C GLY B 214 -10.92 15.83 4.89
N PRO B 215 -9.78 16.49 5.24
CA PRO B 215 -8.77 15.67 5.93
C PRO B 215 -9.07 15.42 7.42
N GLY B 216 -10.05 16.12 7.97
CA GLY B 216 -10.29 16.06 9.40
C GLY B 216 -10.58 14.64 9.87
N SER B 217 -10.12 14.32 11.08
CA SER B 217 -10.27 12.98 11.62
C SER B 217 -11.72 12.52 11.73
N ILE B 218 -12.65 13.47 11.91
CA ILE B 218 -14.05 13.13 12.05
C ILE B 218 -14.85 13.47 10.80
N CYS B 219 -14.15 13.88 9.75
CA CYS B 219 -14.84 14.36 8.54
C CYS B 219 -15.05 13.23 7.53
N THR B 220 -16.20 13.25 6.85
CA THR B 220 -16.44 12.22 5.83
C THR B 220 -16.71 12.81 4.45
N THR B 221 -16.43 14.09 4.29
CA THR B 221 -16.62 14.76 2.99
C THR B 221 -16.02 13.99 1.81
N ARG B 222 -14.80 13.52 1.96
N ARG B 222 -14.79 13.52 1.99
CA ARG B 222 -14.15 12.80 0.86
CA ARG B 222 -14.10 12.80 0.92
C ARG B 222 -14.80 11.47 0.55
C ARG B 222 -14.78 11.48 0.57
N VAL B 223 -15.54 10.92 1.51
CA VAL B 223 -16.22 9.65 1.32
C VAL B 223 -17.64 9.84 0.80
N VAL B 224 -18.39 10.76 1.41
CA VAL B 224 -19.80 10.88 1.07
C VAL B 224 -20.00 11.76 -0.17
N ALA B 225 -19.08 12.69 -0.40
CA ALA B 225 -19.11 13.51 -1.62
C ALA B 225 -18.04 13.11 -2.62
N GLY B 226 -17.00 12.42 -2.18
CA GLY B 226 -15.95 11.97 -3.09
C GLY B 226 -14.98 13.09 -3.46
N VAL B 227 -14.98 14.15 -2.65
N VAL B 227 -15.00 14.17 -2.71
CA VAL B 227 -14.31 15.40 -3.03
CA VAL B 227 -14.21 15.32 -3.08
C VAL B 227 -13.21 15.80 -2.04
C VAL B 227 -13.11 15.61 -2.08
N GLY B 228 -12.10 16.31 -2.56
CA GLY B 228 -11.09 16.89 -1.68
C GLY B 228 -9.73 16.83 -2.33
N ALA B 229 -8.69 17.12 -1.56
CA ALA B 229 -7.33 16.94 -2.03
C ALA B 229 -6.51 16.59 -0.81
N PRO B 230 -5.59 15.63 -0.97
CA PRO B 230 -4.70 15.28 0.13
C PRO B 230 -3.98 16.51 0.67
N GLN B 231 -3.78 16.55 1.98
CA GLN B 231 -3.52 17.85 2.64
C GLN B 231 -2.16 18.50 2.34
N ILE B 232 -1.10 17.73 2.09
CA ILE B 232 0.16 18.38 1.74
C ILE B 232 0.08 19.08 0.37
N THR B 233 -0.49 18.38 -0.61
CA THR B 233 -0.67 18.96 -1.94
C THR B 233 -1.63 20.16 -1.86
N ALA B 234 -2.68 20.04 -1.05
CA ALA B 234 -3.63 21.16 -0.89
C ALA B 234 -2.91 22.41 -0.35
N ILE B 235 -2.02 22.23 0.64
CA ILE B 235 -1.24 23.33 1.17
C ILE B 235 -0.29 23.86 0.09
N LEU B 236 0.44 22.98 -0.59
CA LEU B 236 1.38 23.44 -1.62
C LEU B 236 0.69 24.30 -2.69
N GLU B 237 -0.49 23.87 -3.09
CA GLU B 237 -1.24 24.55 -4.11
C GLU B 237 -1.79 25.89 -3.59
N ALA B 238 -2.35 25.89 -2.38
CA ALA B 238 -2.90 27.14 -1.81
C ALA B 238 -1.80 28.15 -1.63
N VAL B 239 -0.65 27.69 -1.13
CA VAL B 239 0.48 28.57 -0.89
C VAL B 239 0.98 29.18 -2.19
N ALA B 240 0.91 28.43 -3.29
CA ALA B 240 1.33 29.00 -4.58
C ALA B 240 0.54 30.28 -4.95
N ALA B 241 -0.68 30.36 -4.44
CA ALA B 241 -1.52 31.55 -4.65
C ALA B 241 -1.33 32.59 -3.54
N CYS B 242 -1.23 32.12 -2.31
CA CYS B 242 -1.25 33.02 -1.14
C CYS B 242 0.08 33.65 -0.86
N ARG B 243 1.13 32.86 -0.99
CA ARG B 243 2.43 33.34 -0.61
C ARG B 243 2.89 34.54 -1.41
N PRO B 244 2.73 34.54 -2.73
CA PRO B 244 3.10 35.72 -3.48
C PRO B 244 2.23 36.94 -3.15
N ALA B 245 1.08 36.74 -2.52
CA ALA B 245 0.22 37.87 -2.18
C ALA B 245 0.45 38.30 -0.73
N GLY B 246 1.33 37.59 -0.04
CA GLY B 246 1.60 37.86 1.37
C GLY B 246 0.47 37.47 2.32
N VAL B 247 -0.32 36.48 1.91
CA VAL B 247 -1.46 36.04 2.72
C VAL B 247 -1.12 34.69 3.36
N PRO B 248 -1.17 34.62 4.71
CA PRO B 248 -0.80 33.38 5.42
C PRO B 248 -1.85 32.30 5.18
N VAL B 249 -1.40 31.05 5.19
CA VAL B 249 -2.26 29.89 5.04
C VAL B 249 -2.35 29.15 6.36
N ILE B 250 -3.57 28.81 6.76
CA ILE B 250 -3.83 28.00 7.95
C ILE B 250 -4.12 26.57 7.51
N ALA B 251 -3.32 25.62 7.97
CA ALA B 251 -3.49 24.23 7.61
C ALA B 251 -4.45 23.55 8.58
N ASP B 252 -5.66 23.28 8.11
CA ASP B 252 -6.75 22.81 8.96
C ASP B 252 -7.12 21.35 8.70
N GLY B 253 -6.77 20.47 9.64
CA GLY B 253 -7.25 19.09 9.58
C GLY B 253 -6.21 18.07 9.18
N GLY B 254 -6.33 16.86 9.74
CA GLY B 254 -5.48 15.74 9.35
C GLY B 254 -4.19 15.56 10.13
N LEU B 255 -3.92 16.48 11.07
CA LEU B 255 -2.67 16.42 11.83
C LEU B 255 -2.88 15.54 13.04
N GLN B 256 -1.93 14.62 13.30
CA GLN B 256 -2.03 13.68 14.42
C GLN B 256 -0.78 13.65 15.29
N TYR B 257 0.31 14.21 14.79
CA TYR B 257 1.56 14.19 15.55
C TYR B 257 2.28 15.50 15.41
N SER B 258 3.17 15.77 16.35
CA SER B 258 3.93 17.01 16.30
C SER B 258 4.68 17.14 14.98
N GLY B 259 5.18 16.03 14.45
CA GLY B 259 5.89 16.11 13.17
C GLY B 259 5.00 16.53 12.01
N ASP B 260 3.69 16.30 12.10
CA ASP B 260 2.81 16.70 11.01
C ASP B 260 2.73 18.22 10.96
N ILE B 261 2.78 18.85 12.12
CA ILE B 261 2.79 20.31 12.19
C ILE B 261 4.01 20.84 11.45
N ALA B 262 5.19 20.23 11.69
CA ALA B 262 6.38 20.66 10.98
C ALA B 262 6.22 20.51 9.47
N LYS B 263 5.63 19.38 9.04
CA LYS B 263 5.44 19.13 7.60
C LYS B 263 4.47 20.16 6.99
N ALA B 264 3.39 20.46 7.70
CA ALA B 264 2.42 21.45 7.21
C ALA B 264 3.08 22.82 6.99
N LEU B 265 3.89 23.23 7.95
CA LEU B 265 4.55 24.53 7.89
C LEU B 265 5.64 24.52 6.82
N ALA B 266 6.40 23.42 6.73
CA ALA B 266 7.37 23.30 5.64
C ALA B 266 6.75 23.34 4.25
N ALA B 267 5.52 22.82 4.12
CA ALA B 267 4.80 22.88 2.86
C ALA B 267 4.35 24.32 2.55
N GLY B 268 4.49 25.23 3.52
CA GLY B 268 4.19 26.62 3.25
C GLY B 268 3.12 27.26 4.11
N ALA B 269 2.40 26.46 4.91
CA ALA B 269 1.43 27.02 5.85
C ALA B 269 2.18 27.84 6.89
N SER B 270 1.46 28.79 7.48
CA SER B 270 1.95 29.64 8.55
C SER B 270 1.47 29.19 9.93
N THR B 271 0.29 28.57 9.98
CA THR B 271 -0.21 28.01 11.23
C THR B 271 -0.94 26.72 10.92
N ALA B 272 -1.22 25.96 11.98
CA ALA B 272 -1.98 24.73 11.86
C ALA B 272 -3.16 24.81 12.80
N MET B 273 -4.31 24.33 12.33
CA MET B 273 -5.50 24.28 13.16
C MET B 273 -5.74 22.84 13.57
N LEU B 274 -5.95 22.62 14.87
CA LEU B 274 -6.07 21.26 15.42
C LEU B 274 -7.43 21.03 16.05
N GLY B 275 -7.99 19.86 15.77
CA GLY B 275 -9.23 19.41 16.37
C GLY B 275 -8.96 18.23 17.29
N SER B 276 -8.71 17.05 16.71
CA SER B 276 -8.61 15.87 17.56
C SER B 276 -7.49 15.93 18.59
N LEU B 277 -6.36 16.51 18.23
CA LEU B 277 -5.24 16.64 19.18
C LEU B 277 -5.57 17.47 20.42
N LEU B 278 -6.59 18.32 20.31
CA LEU B 278 -6.99 19.20 21.43
C LEU B 278 -8.32 18.77 22.05
N ALA B 279 -9.14 18.04 21.31
CA ALA B 279 -10.43 17.59 21.83
C ALA B 279 -10.32 16.74 23.08
N GLY B 280 -9.18 16.07 23.26
CA GLY B 280 -9.00 15.21 24.42
C GLY B 280 -8.49 15.94 25.66
N THR B 281 -8.24 17.23 25.54
CA THR B 281 -7.67 17.96 26.67
C THR B 281 -8.72 18.44 27.69
N ALA B 282 -8.24 18.77 28.88
CA ALA B 282 -9.12 19.17 29.97
C ALA B 282 -9.95 20.39 29.59
N GLU B 283 -9.37 21.26 28.76
CA GLU B 283 -10.00 22.54 28.43
C GLU B 283 -11.07 22.43 27.33
N ALA B 284 -11.08 21.33 26.58
CA ALA B 284 -12.11 21.14 25.55
C ALA B 284 -13.48 20.99 26.24
N PRO B 285 -14.56 21.44 25.58
CA PRO B 285 -15.86 21.30 26.24
C PRO B 285 -16.32 19.84 26.28
N GLY B 286 -17.19 19.52 27.24
CA GLY B 286 -17.63 18.15 27.45
C GLY B 286 -17.19 17.56 28.78
N GLU B 287 -17.91 16.55 29.25
CA GLU B 287 -17.49 15.82 30.45
C GLU B 287 -16.66 14.60 30.07
N LEU B 288 -15.93 14.04 31.04
CA LEU B 288 -15.14 12.85 30.80
C LEU B 288 -16.04 11.64 30.60
N ILE B 289 -15.77 10.88 29.53
CA ILE B 289 -16.49 9.63 29.27
C ILE B 289 -15.68 8.45 29.82
N PHE B 290 -16.36 7.52 30.48
N PHE B 290 -16.36 7.55 30.52
CA PHE B 290 -15.69 6.40 31.11
CA PHE B 290 -15.72 6.38 31.13
C PHE B 290 -16.17 5.06 30.56
C PHE B 290 -16.22 5.11 30.47
N VAL B 291 -15.35 4.45 29.72
CA VAL B 291 -15.67 3.16 29.11
C VAL B 291 -14.55 2.18 29.38
N ASN B 292 -14.90 1.02 29.94
CA ASN B 292 -13.95 -0.07 30.18
C ASN B 292 -12.66 0.37 30.88
N GLY B 293 -12.81 1.03 32.03
CA GLY B 293 -11.67 1.45 32.82
C GLY B 293 -10.82 2.53 32.17
N LYS B 294 -11.29 3.09 31.07
CA LYS B 294 -10.54 4.14 30.37
C LYS B 294 -11.33 5.44 30.25
N GLN B 295 -10.60 6.51 29.95
CA GLN B 295 -11.15 7.88 29.94
C GLN B 295 -11.15 8.50 28.55
N TYR B 296 -12.31 9.02 28.14
CA TYR B 296 -12.44 9.62 26.82
C TYR B 296 -13.18 10.97 26.87
N LYS B 297 -13.09 11.70 25.76
CA LYS B 297 -13.87 12.94 25.56
C LYS B 297 -14.64 12.82 24.26
N SER B 298 -15.85 13.37 24.24
CA SER B 298 -16.64 13.39 23.00
C SER B 298 -16.02 14.29 21.96
N TYR B 299 -16.05 13.85 20.69
CA TYR B 299 -15.49 14.64 19.59
C TYR B 299 -16.34 14.34 18.36
N ARG B 300 -16.86 15.37 17.72
CA ARG B 300 -17.75 15.15 16.58
C ARG B 300 -17.56 16.21 15.49
N GLY B 301 -17.76 15.80 14.24
CA GLY B 301 -17.65 16.74 13.15
C GLY B 301 -18.79 17.72 13.24
N MET B 302 -18.54 18.95 12.80
CA MET B 302 -19.60 19.95 12.78
C MET B 302 -20.60 19.68 11.66
N GLY B 303 -20.24 18.74 10.79
CA GLY B 303 -21.12 18.30 9.73
C GLY B 303 -21.80 16.99 10.06
N SER B 304 -21.59 16.52 11.29
CA SER B 304 -22.24 15.29 11.76
C SER B 304 -23.70 15.57 12.12
N LEU B 305 -24.55 14.54 12.06
N LEU B 305 -24.54 14.54 12.04
CA LEU B 305 -25.98 14.71 12.34
CA LEU B 305 -25.96 14.64 12.37
C LEU B 305 -26.18 15.32 13.72
C LEU B 305 -26.16 15.33 13.71
N GLY B 306 -25.46 14.83 14.72
CA GLY B 306 -25.57 15.34 16.07
C GLY B 306 -25.21 16.80 16.25
N ALA B 307 -24.25 17.30 15.48
CA ALA B 307 -23.92 18.73 15.50
C ALA B 307 -24.97 19.54 14.77
N MET B 308 -25.41 19.06 13.61
CA MET B 308 -26.49 19.72 12.86
C MET B 308 -27.77 19.77 13.69
N ARG B 309 -27.91 18.82 14.61
CA ARG B 309 -29.10 18.74 15.45
C ARG B 309 -29.10 19.82 16.52
N GLU B 330 -25.37 26.05 6.44
CA GLU B 330 -25.51 24.61 6.26
C GLU B 330 -25.53 24.18 4.79
N ASP B 331 -26.69 24.27 4.14
CA ASP B 331 -26.88 23.82 2.75
C ASP B 331 -26.78 22.30 2.55
N LYS B 332 -26.45 21.57 3.61
CA LYS B 332 -26.23 20.13 3.51
C LYS B 332 -27.55 19.40 3.48
N LEU B 333 -27.62 18.36 2.64
CA LEU B 333 -28.78 17.50 2.59
C LEU B 333 -28.50 16.21 3.39
N VAL B 334 -27.21 15.90 3.56
CA VAL B 334 -26.75 14.72 4.31
C VAL B 334 -25.50 15.08 5.13
N PRO B 335 -25.21 14.28 6.19
CA PRO B 335 -24.05 14.64 7.02
C PRO B 335 -22.73 14.47 6.31
N GLU B 336 -21.74 15.26 6.72
CA GLU B 336 -20.37 15.11 6.24
C GLU B 336 -19.39 14.89 7.37
N GLY B 337 -19.87 14.26 8.44
CA GLY B 337 -18.97 13.91 9.54
C GLY B 337 -19.60 12.84 10.42
N ILE B 338 -18.82 12.35 11.38
CA ILE B 338 -19.30 11.36 12.32
C ILE B 338 -19.19 11.87 13.75
N GLU B 339 -19.79 11.14 14.67
CA GLU B 339 -19.68 11.44 16.07
C GLU B 339 -18.82 10.37 16.73
N GLY B 340 -17.89 10.78 17.58
CA GLY B 340 -17.05 9.80 18.22
C GLY B 340 -16.45 10.23 19.53
N ARG B 341 -15.38 9.55 19.92
N ARG B 341 -15.38 9.53 19.92
CA ARG B 341 -14.67 9.89 21.14
CA ARG B 341 -14.67 9.86 21.15
C ARG B 341 -13.18 9.68 20.94
C ARG B 341 -13.17 9.68 20.93
N VAL B 342 -12.38 10.44 21.67
CA VAL B 342 -10.93 10.35 21.62
C VAL B 342 -10.43 10.18 23.06
N PRO B 343 -9.24 9.59 23.21
CA PRO B 343 -8.73 9.41 24.58
C PRO B 343 -8.48 10.76 25.28
N PHE B 344 -8.69 10.75 26.58
CA PHE B 344 -8.39 11.93 27.39
C PHE B 344 -6.88 12.14 27.44
N ARG B 345 -6.44 13.38 27.23
CA ARG B 345 -5.01 13.69 27.14
C ARG B 345 -4.46 14.66 28.18
N GLY B 346 -5.26 15.07 29.16
CA GLY B 346 -4.76 15.93 30.24
C GLY B 346 -4.78 17.42 29.88
N PRO B 347 -4.01 18.24 30.62
CA PRO B 347 -4.05 19.69 30.45
C PRO B 347 -3.59 20.12 29.07
N LEU B 348 -4.25 21.11 28.50
CA LEU B 348 -3.87 21.65 27.19
C LEU B 348 -2.40 22.06 27.16
N SER B 349 -1.94 22.74 28.21
CA SER B 349 -0.57 23.25 28.24
C SER B 349 0.48 22.17 27.95
N SER B 350 0.30 21.01 28.55
CA SER B 350 1.22 19.89 28.33
C SER B 350 1.19 19.35 26.90
N VAL B 351 0.00 19.33 26.29
CA VAL B 351 -0.11 18.91 24.91
C VAL B 351 0.64 19.89 24.03
N ILE B 352 0.44 21.17 24.27
CA ILE B 352 1.05 22.18 23.41
C ILE B 352 2.58 22.15 23.58
N HIS B 353 3.04 21.87 24.79
N HIS B 353 3.03 21.88 24.79
CA HIS B 353 4.47 21.76 25.05
CA HIS B 353 4.47 21.77 25.05
C HIS B 353 5.08 20.63 24.23
C HIS B 353 5.09 20.62 24.25
N GLN B 354 4.37 19.50 24.16
CA GLN B 354 4.82 18.38 23.35
C GLN B 354 4.82 18.73 21.85
N LEU B 355 3.79 19.43 21.41
CA LEU B 355 3.70 19.80 20.01
C LEU B 355 4.78 20.80 19.62
N THR B 356 4.97 21.84 20.43
CA THR B 356 6.03 22.81 20.11
C THR B 356 7.42 22.23 20.23
N GLY B 357 7.60 21.28 21.15
CA GLY B 357 8.90 20.64 21.30
C GLY B 357 9.28 19.84 20.08
N GLY B 358 8.28 19.17 19.49
CA GLY B 358 8.49 18.39 18.27
C GLY B 358 8.76 19.30 17.09
N LEU B 359 8.03 20.41 17.00
CA LEU B 359 8.28 21.41 15.97
C LEU B 359 9.71 21.95 16.10
N ARG B 360 10.09 22.29 17.32
CA ARG B 360 11.44 22.83 17.55
C ARG B 360 12.54 21.82 17.16
N ALA B 361 12.30 20.54 17.41
CA ALA B 361 13.22 19.48 16.92
C ALA B 361 13.33 19.53 15.40
N ALA B 362 12.20 19.61 14.71
CA ALA B 362 12.22 19.71 13.26
C ALA B 362 12.99 20.94 12.80
N MET B 363 12.84 22.06 13.51
CA MET B 363 13.58 23.26 13.13
C MET B 363 15.09 23.04 13.35
N GLY B 364 15.45 22.32 14.41
CA GLY B 364 16.87 21.98 14.62
C GLY B 364 17.44 21.10 13.48
N TYR B 365 16.69 20.06 13.11
CA TYR B 365 17.14 19.17 12.05
C TYR B 365 17.26 19.85 10.67
N THR B 366 16.37 20.80 10.38
CA THR B 366 16.33 21.44 9.06
C THR B 366 17.13 22.74 9.00
N GLY B 367 17.73 23.14 10.12
CA GLY B 367 18.56 24.34 10.16
C GLY B 367 17.71 25.60 10.05
N SER B 368 16.49 25.54 10.57
CA SER B 368 15.53 26.63 10.49
C SER B 368 15.44 27.45 11.79
N PRO B 369 16.01 28.67 11.81
CA PRO B 369 15.90 29.47 13.06
C PRO B 369 14.49 30.04 13.29
N THR B 370 13.71 30.14 12.22
CA THR B 370 12.38 30.75 12.24
C THR B 370 11.45 29.94 11.36
N ILE B 371 10.15 30.18 11.50
CA ILE B 371 9.14 29.47 10.74
C ILE B 371 9.30 29.84 9.27
N GLU B 372 9.64 31.11 9.02
CA GLU B 372 9.85 31.56 7.63
C GLU B 372 10.95 30.75 6.93
N VAL B 373 11.98 30.36 7.67
CA VAL B 373 12.99 29.49 7.06
C VAL B 373 12.52 28.02 6.96
N LEU B 374 11.76 27.56 7.94
CA LEU B 374 11.19 26.21 7.87
C LEU B 374 10.30 26.01 6.62
N GLN B 375 9.60 27.07 6.24
CA GLN B 375 8.80 27.06 5.02
C GLN B 375 9.61 26.83 3.74
N GLN B 376 10.94 26.91 3.82
CA GLN B 376 11.80 26.65 2.66
C GLN B 376 12.42 25.26 2.66
N ALA B 377 12.06 24.43 3.63
CA ALA B 377 12.66 23.12 3.76
C ALA B 377 12.23 22.19 2.62
N GLN B 378 12.95 21.09 2.44
CA GLN B 378 12.60 20.16 1.37
C GLN B 378 12.07 18.85 1.92
N PHE B 379 11.26 18.16 1.10
CA PHE B 379 10.72 16.87 1.46
C PHE B 379 11.36 15.76 0.65
N VAL B 380 11.33 14.56 1.20
CA VAL B 380 11.46 13.36 0.39
C VAL B 380 10.12 12.63 0.46
N ARG B 381 9.71 12.04 -0.63
CA ARG B 381 8.48 11.29 -0.68
C ARG B 381 8.79 9.88 -0.30
N ILE B 382 7.88 9.22 0.39
CA ILE B 382 8.19 7.87 0.88
C ILE B 382 7.17 6.83 0.48
N THR B 383 7.51 5.56 0.68
CA THR B 383 6.66 4.45 0.30
C THR B 383 6.01 3.91 1.57
N PRO B 384 5.09 2.94 1.42
CA PRO B 384 4.53 2.37 2.65
C PRO B 384 5.61 1.76 3.57
N ALA B 385 6.66 1.18 3.00
CA ALA B 385 7.75 0.65 3.83
C ALA B 385 8.46 1.78 4.58
N GLY B 386 8.58 2.93 3.94
CA GLY B 386 9.22 4.07 4.58
C GLY B 386 8.38 4.54 5.76
N LEU B 387 7.06 4.48 5.59
CA LEU B 387 6.18 4.91 6.67
C LEU B 387 6.25 3.92 7.85
N LYS B 388 6.27 2.64 7.55
CA LYS B 388 6.37 1.63 8.59
C LYS B 388 7.68 1.83 9.34
N GLU B 389 8.73 2.15 8.61
CA GLU B 389 10.06 2.35 9.20
C GLU B 389 10.10 3.60 10.09
N SER B 390 9.29 4.59 9.74
CA SER B 390 9.30 5.86 10.47
C SER B 390 8.75 5.74 11.88
N HIS B 391 7.62 5.04 12.01
CA HIS B 391 7.09 4.71 13.32
C HIS B 391 7.97 3.68 14.03
N PRO B 392 7.81 3.53 15.35
CA PRO B 392 8.40 2.36 16.00
C PRO B 392 7.88 1.13 15.28
N HIS B 393 8.72 0.10 15.16
CA HIS B 393 8.36 -1.11 14.46
C HIS B 393 9.04 -2.29 15.10
N ASP B 394 8.41 -3.47 15.05
CA ASP B 394 9.03 -4.70 15.55
C ASP B 394 9.43 -4.65 17.03
N VAL B 395 8.66 -3.91 17.81
CA VAL B 395 8.87 -3.84 19.24
C VAL B 395 7.51 -3.69 19.92
N ALA B 396 7.37 -4.24 21.11
CA ALA B 396 6.17 -3.99 21.88
C ALA B 396 6.44 -2.84 22.84
N MET B 397 5.63 -1.80 22.73
CA MET B 397 5.73 -0.64 23.62
C MET B 397 5.30 -1.04 25.01
N THR B 398 6.10 -0.67 26.01
CA THR B 398 5.78 -1.04 27.40
C THR B 398 5.32 0.15 28.24
N VAL B 399 5.58 1.35 27.76
CA VAL B 399 5.11 2.54 28.46
C VAL B 399 4.79 3.65 27.45
N GLU B 400 3.85 4.50 27.80
CA GLU B 400 3.46 5.57 26.89
C GLU B 400 4.51 6.66 26.86
N ALA B 401 4.78 7.19 25.67
CA ALA B 401 5.60 8.39 25.54
C ALA B 401 4.62 9.56 25.57
N PRO B 402 5.05 10.72 26.08
CA PRO B 402 4.09 11.84 26.14
C PRO B 402 3.76 12.40 24.77
N ASN B 403 4.55 12.05 23.76
CA ASN B 403 4.35 12.58 22.41
C ASN B 403 4.16 11.48 21.38
N TYR B 404 3.96 10.26 21.85
CA TYR B 404 3.72 9.13 20.95
C TYR B 404 2.81 8.10 21.63
N TYR B 405 1.57 8.08 21.22
CA TYR B 405 0.60 7.14 21.75
C TYR B 405 0.54 5.85 21.01
N ALA B 406 0.39 4.78 21.76
CA ALA B 406 0.33 3.48 21.10
C ALA B 406 -1.11 3.09 20.78
N THR C 29 16.41 16.56 -12.69
CA THR C 29 17.18 15.92 -11.64
C THR C 29 16.42 15.94 -10.29
N THR C 30 15.14 15.61 -10.37
CA THR C 30 14.26 15.60 -9.20
C THR C 30 13.07 14.67 -9.42
N ASP C 31 12.22 14.53 -8.40
CA ASP C 31 11.00 13.75 -8.51
C ASP C 31 10.08 14.38 -9.57
N PRO C 32 9.89 13.68 -10.71
N PRO C 32 1.83 23.14 -13.27
CA PRO C 32 9.19 14.24 -11.87
CA PRO C 32 2.31 22.94 -11.90
C PRO C 32 7.70 14.45 -11.65
C PRO C 32 3.04 21.63 -11.77
N VAL C 33 7.07 13.58 -10.87
N VAL C 33 3.86 21.53 -10.74
CA VAL C 33 5.61 13.60 -10.72
CA VAL C 33 4.46 20.29 -10.32
C VAL C 33 5.10 14.90 -10.08
C VAL C 33 3.31 19.37 -9.94
N PRO C 34 4.10 15.54 -10.71
N PRO C 34 3.33 18.11 -10.44
CA PRO C 34 3.53 16.75 -10.11
CA PRO C 34 2.25 17.12 -10.28
C PRO C 34 2.77 16.41 -8.85
C PRO C 34 1.94 16.74 -8.83
N THR C 35 3.12 17.06 -7.75
N THR C 35 2.82 17.07 -7.89
CA THR C 35 2.48 16.83 -6.45
CA THR C 35 2.50 16.84 -6.47
C THR C 35 2.12 18.14 -5.74
C THR C 35 2.16 18.14 -5.74
N GLY C 36 2.15 19.25 -6.47
CA GLY C 36 1.71 20.51 -5.90
C GLY C 36 2.74 21.62 -5.86
N GLY C 37 2.28 22.85 -6.07
CA GLY C 37 3.16 24.00 -6.09
C GLY C 37 3.90 24.14 -7.41
N ASP C 38 4.78 25.14 -7.49
CA ASP C 38 5.51 25.41 -8.72
C ASP C 38 6.99 25.08 -8.64
N ASP C 39 7.41 24.48 -7.53
CA ASP C 39 8.84 24.23 -7.32
C ASP C 39 9.15 22.73 -7.42
N PRO C 40 9.82 22.31 -8.51
CA PRO C 40 10.08 20.89 -8.77
C PRO C 40 11.06 20.29 -7.77
N HIS C 41 11.72 21.14 -6.99
CA HIS C 41 12.69 20.67 -6.02
C HIS C 41 12.15 20.59 -4.60
N LYS C 42 10.91 21.02 -4.41
CA LYS C 42 10.27 20.94 -3.08
C LYS C 42 10.20 19.51 -2.57
N VAL C 43 9.72 18.60 -3.42
CA VAL C 43 9.75 17.19 -3.10
C VAL C 43 10.90 16.64 -3.95
N ALA C 44 12.03 16.39 -3.31
CA ALA C 44 13.33 16.31 -3.99
C ALA C 44 13.68 14.93 -4.51
N MET C 45 13.12 13.89 -3.91
CA MET C 45 13.33 12.53 -4.39
C MET C 45 12.34 11.55 -3.79
N LEU C 46 12.38 10.31 -4.26
CA LEU C 46 11.56 9.23 -3.71
C LEU C 46 12.46 8.36 -2.85
N GLY C 47 12.17 8.29 -1.55
CA GLY C 47 13.01 7.53 -0.64
C GLY C 47 12.56 6.07 -0.54
N LEU C 48 13.53 5.16 -0.66
CA LEU C 48 13.26 3.74 -0.56
C LEU C 48 13.86 3.22 0.72
N THR C 49 13.23 2.22 1.30
CA THR C 49 13.94 1.48 2.34
C THR C 49 14.02 -0.01 2.06
N PHE C 50 14.45 -0.80 3.05
CA PHE C 50 14.80 -2.21 2.78
C PHE C 50 13.67 -2.99 2.13
N ASP C 51 12.45 -2.84 2.64
CA ASP C 51 11.33 -3.58 2.09
C ASP C 51 10.90 -3.13 0.68
N ASP C 52 11.50 -2.06 0.17
CA ASP C 52 11.19 -1.60 -1.18
C ASP C 52 12.03 -2.27 -2.26
N VAL C 53 13.09 -3.00 -1.88
CA VAL C 53 14.03 -3.51 -2.89
C VAL C 53 14.43 -4.94 -2.64
N LEU C 54 14.81 -5.61 -3.72
CA LEU C 54 15.44 -6.94 -3.66
C LEU C 54 16.73 -6.91 -4.45
N LEU C 55 17.71 -7.72 -4.04
CA LEU C 55 18.93 -7.85 -4.82
C LEU C 55 18.70 -8.81 -6.00
N LEU C 56 19.18 -8.44 -7.18
CA LEU C 56 19.02 -9.31 -8.34
C LEU C 56 20.13 -10.37 -8.29
N PRO C 57 19.75 -11.63 -8.44
CA PRO C 57 20.79 -12.66 -8.62
C PRO C 57 21.62 -12.37 -9.86
N ALA C 58 22.86 -12.84 -9.86
CA ALA C 58 23.73 -12.63 -11.00
C ALA C 58 24.59 -13.86 -11.20
N ALA C 59 25.37 -13.85 -12.28
CA ALA C 59 26.24 -14.96 -12.62
C ALA C 59 27.21 -15.16 -11.46
N SER C 60 27.41 -16.41 -11.05
CA SER C 60 28.13 -16.64 -9.78
C SER C 60 29.04 -17.85 -9.81
N ASP C 61 30.25 -17.68 -9.27
CA ASP C 61 31.09 -18.82 -8.95
C ASP C 61 31.35 -18.79 -7.43
N VAL C 62 30.42 -18.21 -6.70
CA VAL C 62 30.48 -18.10 -5.24
C VAL C 62 29.40 -18.95 -4.59
N VAL C 63 29.77 -19.69 -3.56
CA VAL C 63 28.76 -20.34 -2.73
C VAL C 63 28.95 -19.78 -1.31
N PRO C 64 27.96 -19.97 -0.45
CA PRO C 64 28.02 -19.28 0.86
C PRO C 64 29.33 -19.59 1.61
N ALA C 65 29.79 -20.83 1.51
CA ALA C 65 31.03 -21.26 2.14
C ALA C 65 32.25 -20.43 1.68
N THR C 66 32.27 -20.02 0.41
CA THR C 66 33.48 -19.39 -0.13
C THR C 66 33.45 -17.87 -0.08
N ALA C 67 32.30 -17.29 0.25
CA ALA C 67 32.17 -15.86 0.36
C ALA C 67 33.09 -15.33 1.49
N ASP C 68 33.59 -14.11 1.34
CA ASP C 68 34.47 -13.51 2.36
C ASP C 68 33.69 -12.32 2.88
N THR C 69 33.27 -12.35 4.15
CA THR C 69 32.44 -11.29 4.69
C THR C 69 33.20 -10.11 5.31
N SER C 70 34.52 -10.12 5.24
CA SER C 70 35.26 -8.99 5.85
C SER C 70 34.96 -7.61 5.18
N SER C 71 35.10 -6.54 5.95
CA SER C 71 34.74 -5.24 5.44
C SER C 71 35.30 -4.17 6.38
N GLN C 72 35.54 -2.98 5.84
CA GLN C 72 36.06 -1.85 6.63
C GLN C 72 34.99 -1.32 7.55
N LEU C 73 35.32 -1.27 8.84
CA LEU C 73 34.52 -0.47 9.77
C LEU C 73 34.89 1.02 9.62
N THR C 74 36.20 1.28 9.56
CA THR C 74 36.69 2.65 9.37
C THR C 74 37.81 2.60 8.36
N LYS C 75 38.40 3.74 8.04
CA LYS C 75 39.52 3.74 7.09
C LYS C 75 40.61 2.72 7.45
N LYS C 76 40.91 2.60 8.74
CA LYS C 76 42.01 1.74 9.22
C LYS C 76 41.62 0.39 9.84
N ILE C 77 40.34 0.20 10.13
CA ILE C 77 39.93 -1.02 10.82
C ILE C 77 39.03 -1.88 9.93
N ARG C 78 39.45 -3.11 9.68
CA ARG C 78 38.65 -4.05 8.91
C ARG C 78 38.15 -5.11 9.88
N LEU C 79 36.87 -5.46 9.77
CA LEU C 79 36.26 -6.49 10.63
C LEU C 79 36.13 -7.78 9.83
N LYS C 80 36.04 -8.93 10.51
CA LYS C 80 35.78 -10.20 9.80
C LYS C 80 34.30 -10.36 9.41
N VAL C 81 33.43 -9.78 10.22
CA VAL C 81 31.99 -9.82 10.04
C VAL C 81 31.53 -8.36 10.12
N PRO C 82 30.76 -7.90 9.12
CA PRO C 82 30.55 -6.46 8.97
C PRO C 82 29.42 -5.95 9.85
N LEU C 83 29.45 -6.28 11.13
CA LEU C 83 28.34 -5.97 12.03
C LEU C 83 28.85 -5.32 13.30
N VAL C 84 28.08 -4.35 13.77
N VAL C 84 28.15 -4.30 13.76
CA VAL C 84 28.42 -3.59 14.97
CA VAL C 84 28.51 -3.68 15.03
C VAL C 84 27.19 -3.55 15.86
C VAL C 84 27.25 -3.47 15.85
N SER C 85 27.36 -3.64 17.16
CA SER C 85 26.22 -3.47 18.05
C SER C 85 26.01 -1.99 18.43
N SER C 86 24.75 -1.60 18.54
N SER C 86 24.74 -1.60 18.55
CA SER C 86 24.40 -0.20 18.84
CA SER C 86 24.43 -0.20 18.80
C SER C 86 24.88 0.30 20.19
C SER C 86 24.83 0.31 20.19
N ALA C 87 25.19 1.59 20.26
CA ALA C 87 25.59 2.21 21.53
C ALA C 87 24.37 2.60 22.34
N MET C 88 23.65 1.59 22.80
CA MET C 88 22.41 1.80 23.53
C MET C 88 22.53 1.09 24.85
N ASP C 89 21.92 1.65 25.89
CA ASP C 89 22.07 1.08 27.23
C ASP C 89 21.29 -0.22 27.45
N THR C 90 20.56 -0.68 26.44
CA THR C 90 19.91 -1.98 26.51
C THR C 90 20.51 -2.92 25.45
N VAL C 91 21.62 -2.50 24.85
CA VAL C 91 22.26 -3.34 23.83
C VAL C 91 23.74 -3.62 24.12
N THR C 92 24.55 -2.58 24.36
CA THR C 92 26.00 -2.80 24.44
C THR C 92 26.68 -2.28 25.69
N GLU C 93 27.00 -3.20 26.61
CA GLU C 93 28.00 -2.97 27.64
C GLU C 93 29.11 -3.99 27.40
N SER C 94 29.95 -4.27 28.40
CA SER C 94 31.15 -5.04 28.10
C SER C 94 30.90 -6.47 27.60
N ARG C 95 29.90 -7.16 28.15
CA ARG C 95 29.63 -8.53 27.70
C ARG C 95 29.28 -8.58 26.22
N MET C 96 28.46 -7.65 25.76
CA MET C 96 28.13 -7.56 24.34
C MET C 96 29.35 -7.21 23.51
N ALA C 97 30.15 -6.27 23.98
CA ALA C 97 31.29 -5.82 23.18
C ALA C 97 32.28 -6.97 23.03
N ILE C 98 32.48 -7.73 24.10
CA ILE C 98 33.38 -8.88 24.06
C ILE C 98 32.85 -9.95 23.10
N ALA C 99 31.56 -10.26 23.19
CA ALA C 99 30.99 -11.30 22.34
C ALA C 99 31.01 -10.89 20.86
N MET C 100 30.67 -9.63 20.58
CA MET C 100 30.72 -9.09 19.22
C MET C 100 32.13 -9.18 18.63
N ALA C 101 33.13 -8.74 19.38
CA ALA C 101 34.51 -8.81 18.89
C ALA C 101 34.91 -10.26 18.63
N ARG C 102 34.55 -11.15 19.54
CA ARG C 102 34.88 -12.57 19.37
C ARG C 102 34.19 -13.19 18.15
N ALA C 103 33.02 -12.65 17.77
CA ALA C 103 32.28 -13.13 16.62
C ALA C 103 32.78 -12.49 15.32
N GLY C 104 33.77 -11.61 15.44
CA GLY C 104 34.37 -11.00 14.28
C GLY C 104 33.85 -9.61 13.98
N GLY C 105 32.96 -9.09 14.84
CA GLY C 105 32.44 -7.74 14.66
C GLY C 105 32.99 -6.81 15.71
N MET C 106 32.17 -5.87 16.17
CA MET C 106 32.60 -4.97 17.24
C MET C 106 31.40 -4.42 17.96
N GLY C 107 31.55 -4.09 19.24
CA GLY C 107 30.50 -3.38 19.93
C GLY C 107 30.89 -1.92 20.14
N VAL C 108 29.90 -1.06 20.17
CA VAL C 108 30.13 0.33 20.57
C VAL C 108 29.47 0.56 21.93
N LEU C 109 30.30 0.71 22.96
CA LEU C 109 29.83 0.93 24.32
C LEU C 109 29.01 2.21 24.46
N HIS C 110 27.83 2.08 25.06
CA HIS C 110 26.94 3.23 25.23
C HIS C 110 27.51 4.24 26.22
N ARG C 111 26.97 5.46 26.16
CA ARG C 111 27.49 6.55 26.99
C ARG C 111 26.51 7.04 28.05
N ASN C 112 25.48 6.26 28.35
CA ASN C 112 24.51 6.67 29.36
C ASN C 112 24.94 6.21 30.73
N LEU C 113 26.15 6.58 31.12
CA LEU C 113 26.70 6.18 32.41
C LEU C 113 27.90 7.06 32.69
N PRO C 114 28.38 7.08 33.94
CA PRO C 114 29.49 7.96 34.27
C PRO C 114 30.74 7.65 33.45
N VAL C 115 31.54 8.67 33.18
CA VAL C 115 32.74 8.49 32.38
C VAL C 115 33.66 7.36 32.90
N ALA C 116 33.88 7.31 34.21
CA ALA C 116 34.76 6.28 34.78
C ALA C 116 34.23 4.86 34.58
N GLU C 117 32.90 4.72 34.53
CA GLU C 117 32.31 3.39 34.30
C GLU C 117 32.44 2.99 32.85
N GLN C 118 32.27 3.93 31.95
CA GLN C 118 32.40 3.65 30.52
C GLN C 118 33.85 3.30 30.19
N ALA C 119 34.79 4.04 30.76
CA ALA C 119 36.20 3.75 30.56
C ALA C 119 36.56 2.39 31.18
N GLY C 120 35.96 2.10 32.34
CA GLY C 120 36.12 0.79 32.94
C GLY C 120 35.70 -0.34 32.02
N GLN C 121 34.58 -0.17 31.32
CA GLN C 121 34.11 -1.20 30.40
C GLN C 121 35.04 -1.37 29.22
N VAL C 122 35.64 -0.27 28.74
CA VAL C 122 36.63 -0.36 27.67
C VAL C 122 37.76 -1.27 28.17
N GLU C 123 38.17 -1.05 29.41
CA GLU C 123 39.25 -1.84 29.99
C GLU C 123 38.88 -3.32 30.13
N MET C 124 37.65 -3.59 30.58
N MET C 124 37.65 -3.59 30.57
CA MET C 124 37.17 -4.97 30.69
CA MET C 124 37.18 -4.97 30.68
C MET C 124 37.23 -5.68 29.34
C MET C 124 37.26 -5.68 29.33
N VAL C 125 36.88 -4.97 28.27
CA VAL C 125 36.98 -5.55 26.94
C VAL C 125 38.45 -5.76 26.54
N LYS C 126 39.29 -4.75 26.73
CA LYS C 126 40.69 -4.82 26.28
C LYS C 126 41.47 -5.89 27.03
N ARG C 127 41.05 -6.19 28.26
CA ARG C 127 41.73 -7.20 29.07
C ARG C 127 41.23 -8.61 28.77
N SER C 128 40.37 -8.73 27.75
CA SER C 128 39.75 -9.99 27.42
C SER C 128 40.32 -10.55 26.11
N GLY C 129 41.57 -10.22 25.80
CA GLY C 129 42.22 -10.69 24.60
C GLY C 129 42.62 -9.66 23.55
N GLY C 130 42.65 -8.38 23.91
CA GLY C 130 43.04 -7.35 22.96
C GLY C 130 42.02 -7.18 21.84
N LEU C 131 40.77 -7.44 22.18
CA LEU C 131 39.64 -7.33 21.27
C LEU C 131 39.41 -5.88 20.87
N LEU C 132 38.89 -5.67 19.67
CA LEU C 132 38.52 -4.33 19.21
C LEU C 132 37.32 -3.85 20.02
N VAL C 133 37.27 -2.55 20.32
CA VAL C 133 36.12 -1.97 20.98
C VAL C 133 35.92 -0.49 20.62
N GLY C 134 34.68 -0.06 20.48
CA GLY C 134 34.39 1.35 20.30
C GLY C 134 33.59 1.88 21.46
N ALA C 135 33.45 3.21 21.52
CA ALA C 135 32.68 3.85 22.59
C ALA C 135 32.07 5.14 22.08
N ALA C 136 30.81 5.38 22.46
CA ALA C 136 30.13 6.60 22.04
C ALA C 136 30.48 7.79 22.95
N VAL C 137 30.59 8.97 22.34
CA VAL C 137 30.66 10.23 23.09
C VAL C 137 29.73 11.22 22.44
N GLY C 138 29.34 12.26 23.18
CA GLY C 138 28.47 13.31 22.68
C GLY C 138 29.30 14.48 22.19
N VAL C 139 28.78 15.69 22.37
N VAL C 139 28.82 15.69 22.43
CA VAL C 139 29.54 16.88 22.00
CA VAL C 139 29.48 16.90 21.95
C VAL C 139 29.67 17.80 23.20
C VAL C 139 29.57 17.95 23.07
N GLY C 140 30.73 18.59 23.20
CA GLY C 140 30.95 19.56 24.27
C GLY C 140 32.04 19.16 25.24
N GLY C 141 32.26 20.02 26.24
CA GLY C 141 33.30 19.82 27.23
C GLY C 141 33.26 18.51 28.00
N ASP C 142 32.10 18.13 28.52
CA ASP C 142 32.00 16.85 29.23
C ASP C 142 32.28 15.68 28.30
N ALA C 143 31.79 15.76 27.06
CA ALA C 143 32.04 14.72 26.06
C ALA C 143 33.53 14.65 25.73
N TRP C 144 34.21 15.79 25.80
CA TRP C 144 35.64 15.82 25.55
C TRP C 144 36.42 15.07 26.63
N VAL C 145 36.10 15.35 27.89
CA VAL C 145 36.73 14.64 29.00
C VAL C 145 36.47 13.14 28.86
N ARG C 146 35.24 12.79 28.51
CA ARG C 146 34.86 11.40 28.30
C ARG C 146 35.72 10.78 27.21
N ALA C 147 35.85 11.46 26.08
CA ALA C 147 36.65 10.92 24.98
C ALA C 147 38.11 10.70 25.40
N MET C 148 38.69 11.65 26.13
CA MET C 148 40.11 11.53 26.51
C MET C 148 40.31 10.33 27.43
N MET C 149 39.35 10.12 28.33
N MET C 149 39.35 10.10 28.33
CA MET C 149 39.42 9.00 29.26
CA MET C 149 39.47 8.98 29.26
C MET C 149 39.30 7.68 28.53
C MET C 149 39.25 7.64 28.57
N LEU C 150 38.39 7.62 27.55
CA LEU C 150 38.20 6.44 26.73
C LEU C 150 39.48 6.12 25.96
N VAL C 151 40.12 7.15 25.42
CA VAL C 151 41.37 6.97 24.69
C VAL C 151 42.45 6.43 25.64
N ASP C 152 42.53 7.00 26.83
CA ASP C 152 43.51 6.52 27.81
C ASP C 152 43.26 5.06 28.19
N ALA C 153 41.99 4.66 28.20
CA ALA C 153 41.59 3.30 28.54
C ALA C 153 41.85 2.31 27.41
N GLY C 154 42.16 2.83 26.22
CA GLY C 154 42.56 2.00 25.10
C GLY C 154 41.52 1.76 24.02
N VAL C 155 40.48 2.58 23.99
CA VAL C 155 39.42 2.38 23.00
C VAL C 155 39.99 2.47 21.59
N ASP C 156 39.45 1.69 20.66
CA ASP C 156 39.95 1.70 19.28
C ASP C 156 39.22 2.70 18.41
N VAL C 157 37.96 2.95 18.75
CA VAL C 157 37.09 3.77 17.92
C VAL C 157 36.26 4.66 18.82
N LEU C 158 36.29 5.96 18.57
CA LEU C 158 35.37 6.88 19.21
C LEU C 158 34.23 7.13 18.24
N VAL C 159 33.00 7.03 18.72
CA VAL C 159 31.84 7.32 17.88
C VAL C 159 31.16 8.59 18.40
N VAL C 160 31.27 9.70 17.64
CA VAL C 160 30.54 10.92 17.98
C VAL C 160 29.09 10.65 17.60
N ASP C 161 28.28 10.47 18.65
CA ASP C 161 26.98 9.79 18.63
C ASP C 161 25.90 10.87 18.80
N THR C 162 25.39 11.43 17.70
CA THR C 162 24.40 12.52 17.80
C THR C 162 23.21 12.30 16.89
N ALA C 163 22.14 13.02 17.21
CA ALA C 163 20.91 12.86 16.43
C ALA C 163 21.09 13.50 15.04
N HIS C 164 21.83 14.59 14.99
CA HIS C 164 21.96 15.34 13.74
C HIS C 164 23.40 15.82 13.56
N ALA C 165 24.19 15.07 12.81
CA ALA C 165 25.62 15.39 12.70
C ALA C 165 25.91 16.57 11.78
N HIS C 166 24.88 17.00 11.03
CA HIS C 166 25.04 18.16 10.14
C HIS C 166 24.85 19.47 10.93
N ASN C 167 24.71 19.33 12.22
CA ASN C 167 24.84 20.51 13.06
C ASN C 167 26.32 20.87 13.19
N ARG C 168 26.62 22.15 13.04
CA ARG C 168 28.01 22.66 13.13
C ARG C 168 28.84 22.23 14.37
N LEU C 169 28.16 22.05 15.51
CA LEU C 169 28.85 21.67 16.75
C LEU C 169 29.41 20.24 16.67
N VAL C 170 28.74 19.42 15.89
CA VAL C 170 29.12 18.01 15.77
C VAL C 170 30.32 17.88 14.84
N LEU C 171 30.30 18.62 13.75
CA LEU C 171 31.41 18.66 12.81
C LEU C 171 32.66 19.15 13.56
N ASP C 172 32.48 20.16 14.41
CA ASP C 172 33.59 20.64 15.23
C ASP C 172 34.20 19.54 16.12
N MET C 173 33.33 18.79 16.78
CA MET C 173 33.76 17.75 17.70
C MET C 173 34.55 16.69 16.93
N VAL C 174 34.03 16.30 15.77
CA VAL C 174 34.71 15.31 14.95
C VAL C 174 36.11 15.81 14.57
N GLY C 175 36.17 17.03 14.04
CA GLY C 175 37.42 17.62 13.61
C GLY C 175 38.43 17.76 14.72
N LYS C 176 37.97 18.17 15.90
N LYS C 176 37.98 18.19 15.90
CA LYS C 176 38.88 18.38 17.03
CA LYS C 176 38.90 18.37 17.03
C LYS C 176 39.44 17.05 17.57
C LYS C 176 39.44 17.04 17.55
N LEU C 177 38.58 16.04 17.69
CA LEU C 177 39.05 14.72 18.13
C LEU C 177 40.06 14.15 17.14
N LYS C 178 39.77 14.31 15.86
CA LYS C 178 40.69 13.82 14.83
C LYS C 178 42.03 14.54 14.91
N SER C 179 42.00 15.85 15.16
CA SER C 179 43.23 16.63 15.24
C SER C 179 44.05 16.28 16.48
N GLU C 180 43.36 15.97 17.57
CA GLU C 180 44.04 15.78 18.83
C GLU C 180 44.47 14.33 19.07
N VAL C 181 43.61 13.39 18.72
CA VAL C 181 43.91 11.99 19.05
C VAL C 181 43.78 11.08 17.85
N GLY C 182 43.66 11.65 16.66
CA GLY C 182 43.33 10.90 15.46
C GLY C 182 44.42 9.93 15.03
N ASP C 183 45.63 10.17 15.50
CA ASP C 183 46.72 9.22 15.31
C ASP C 183 46.54 7.94 16.15
N ARG C 184 45.88 8.09 17.30
CA ARG C 184 45.75 7.00 18.26
C ARG C 184 44.46 6.21 18.09
N VAL C 185 43.42 6.90 17.63
N VAL C 185 43.40 6.90 17.65
CA VAL C 185 42.08 6.32 17.63
CA VAL C 185 42.06 6.34 17.66
C VAL C 185 41.40 6.68 16.32
C VAL C 185 41.31 6.73 16.40
N GLU C 186 40.47 5.82 15.89
CA GLU C 186 39.60 6.15 14.75
C GLU C 186 38.37 6.93 15.26
N VAL C 187 37.89 7.88 14.47
CA VAL C 187 36.80 8.77 14.90
C VAL C 187 35.66 8.65 13.91
N VAL C 188 34.50 8.18 14.40
CA VAL C 188 33.33 8.00 13.56
C VAL C 188 32.37 9.15 13.88
N GLY C 189 31.66 9.64 12.89
CA GLY C 189 30.68 10.68 13.13
C GLY C 189 29.31 10.24 12.62
N GLY C 190 28.25 10.67 13.30
CA GLY C 190 26.89 10.41 12.82
C GLY C 190 25.91 11.08 13.76
N ASN C 191 24.62 11.04 13.42
CA ASN C 191 24.11 10.36 12.23
C ASN C 191 23.68 11.33 11.13
N VAL C 192 23.71 10.85 9.89
CA VAL C 192 23.34 11.66 8.75
C VAL C 192 22.33 10.90 7.90
N ALA C 193 21.67 11.62 7.00
CA ALA C 193 20.73 10.93 6.09
C ALA C 193 20.76 11.57 4.71
N THR C 194 21.78 12.40 4.47
CA THR C 194 21.90 13.07 3.18
C THR C 194 23.33 13.06 2.67
N ARG C 195 23.45 13.26 1.37
CA ARG C 195 24.75 13.41 0.75
C ARG C 195 25.53 14.60 1.31
N SER C 196 24.90 15.76 1.48
CA SER C 196 25.63 16.93 1.96
C SER C 196 26.13 16.77 3.40
N ALA C 197 25.35 16.11 4.25
CA ALA C 197 25.79 15.87 5.63
C ALA C 197 26.97 14.89 5.66
N ALA C 198 26.87 13.84 4.86
CA ALA C 198 28.00 12.89 4.77
C ALA C 198 29.24 13.60 4.27
N ALA C 199 29.08 14.46 3.26
CA ALA C 199 30.21 15.21 2.72
C ALA C 199 30.84 16.13 3.76
N ALA C 200 30.00 16.74 4.60
CA ALA C 200 30.50 17.59 5.68
C ALA C 200 31.32 16.81 6.71
N LEU C 201 30.87 15.61 7.07
CA LEU C 201 31.62 14.75 7.98
C LEU C 201 32.94 14.30 7.37
N VAL C 202 32.92 13.90 6.09
CA VAL C 202 34.16 13.58 5.37
C VAL C 202 35.16 14.75 5.43
N ASP C 203 34.64 15.95 5.21
N ASP C 203 34.65 15.96 5.21
CA ASP C 203 35.49 17.15 5.23
CA ASP C 203 35.52 17.13 5.22
C ASP C 203 36.03 17.46 6.63
C ASP C 203 36.08 17.41 6.63
N ALA C 204 35.32 17.04 7.66
CA ALA C 204 35.73 17.27 9.04
C ALA C 204 36.75 16.22 9.49
N GLY C 205 36.96 15.22 8.65
CA GLY C 205 37.99 14.23 8.89
C GLY C 205 37.49 12.91 9.46
N ALA C 206 36.19 12.66 9.35
CA ALA C 206 35.63 11.40 9.83
C ALA C 206 36.28 10.18 9.19
N ASP C 207 36.51 9.16 10.02
CA ASP C 207 37.08 7.90 9.51
C ASP C 207 36.01 6.93 9.06
N ALA C 208 34.78 7.21 9.44
CA ALA C 208 33.58 6.54 8.94
C ALA C 208 32.40 7.43 9.23
N VAL C 209 31.33 7.23 8.48
CA VAL C 209 30.12 8.06 8.59
C VAL C 209 28.94 7.15 8.87
N LYS C 210 28.20 7.46 9.92
CA LYS C 210 27.10 6.59 10.30
C LYS C 210 25.78 7.19 9.80
N VAL C 211 24.99 6.35 9.12
CA VAL C 211 23.78 6.81 8.43
C VAL C 211 22.54 6.26 9.09
N GLY C 212 21.57 7.15 9.33
CA GLY C 212 20.29 6.72 9.84
C GLY C 212 19.70 7.84 10.69
N VAL C 213 18.70 8.52 10.14
CA VAL C 213 17.97 9.51 10.92
C VAL C 213 16.55 8.96 10.96
N GLY C 214 16.18 8.35 12.09
CA GLY C 214 14.83 7.87 12.25
C GLY C 214 14.45 6.40 12.00
N PRO C 215 15.32 5.60 11.33
CA PRO C 215 14.74 4.30 10.96
C PRO C 215 14.73 3.26 12.10
N GLY C 216 15.34 3.60 13.24
CA GLY C 216 15.43 2.66 14.35
C GLY C 216 14.08 2.12 14.81
N SER C 217 14.05 0.85 15.20
CA SER C 217 12.80 0.20 15.64
C SER C 217 12.13 0.89 16.84
N ILE C 218 12.92 1.52 17.71
CA ILE C 218 12.37 2.22 18.85
C ILE C 218 12.40 3.74 18.70
N CYS C 219 12.76 4.21 17.51
CA CYS C 219 12.97 5.65 17.31
C CYS C 219 11.68 6.31 16.80
N THR C 220 11.40 7.52 17.27
CA THR C 220 10.19 8.23 16.82
C THR C 220 10.52 9.57 16.15
N THR C 221 11.79 9.82 15.89
CA THR C 221 12.19 11.08 15.24
C THR C 221 11.33 11.42 14.02
N ARG C 222 11.08 10.46 13.15
N ARG C 222 11.09 10.44 13.16
CA ARG C 222 10.35 10.75 11.93
CA ARG C 222 10.36 10.68 11.91
C ARG C 222 8.91 11.13 12.22
C ARG C 222 8.90 11.08 12.20
N VAL C 223 8.41 10.71 13.37
CA VAL C 223 7.04 11.00 13.74
C VAL C 223 6.92 12.30 14.54
N VAL C 224 7.80 12.46 15.53
CA VAL C 224 7.65 13.62 16.42
C VAL C 224 8.26 14.88 15.81
N ALA C 225 9.30 14.70 15.01
CA ALA C 225 9.90 15.83 14.30
C ALA C 225 9.54 15.87 12.81
N GLY C 226 9.08 14.74 12.27
CA GLY C 226 8.69 14.69 10.88
C GLY C 226 9.86 14.64 9.91
N VAL C 227 11.02 14.26 10.43
CA VAL C 227 12.27 14.42 9.71
C VAL C 227 12.93 13.07 9.47
N GLY C 228 13.56 12.92 8.32
CA GLY C 228 14.40 11.75 8.08
C GLY C 228 14.50 11.41 6.62
N ALA C 229 15.03 10.23 6.31
CA ALA C 229 15.06 9.72 4.96
C ALA C 229 15.02 8.21 5.02
N PRO C 230 14.20 7.58 4.18
CA PRO C 230 14.16 6.12 4.13
C PRO C 230 15.56 5.56 3.96
N GLN C 231 15.82 4.45 4.63
CA GLN C 231 17.23 4.05 4.88
C GLN C 231 18.05 3.63 3.65
N ILE C 232 17.42 3.00 2.66
CA ILE C 232 18.19 2.63 1.46
C ILE C 232 18.61 3.88 0.69
N THR C 233 17.70 4.82 0.50
CA THR C 233 18.06 6.06 -0.16
C THR C 233 19.11 6.87 0.64
N ALA C 234 18.99 6.86 1.97
CA ALA C 234 19.94 7.57 2.82
C ALA C 234 21.33 6.99 2.64
N ILE C 235 21.42 5.66 2.52
CA ILE C 235 22.69 5.01 2.32
C ILE C 235 23.22 5.38 0.92
N LEU C 236 22.37 5.26 -0.09
CA LEU C 236 22.81 5.56 -1.46
C LEU C 236 23.37 6.99 -1.55
N GLU C 237 22.66 7.93 -0.95
CA GLU C 237 23.10 9.32 -0.94
C GLU C 237 24.39 9.55 -0.15
N ALA C 238 24.49 8.99 1.05
CA ALA C 238 25.72 9.13 1.86
C ALA C 238 26.91 8.53 1.15
N VAL C 239 26.70 7.36 0.55
CA VAL C 239 27.76 6.65 -0.15
C VAL C 239 28.25 7.49 -1.33
N ALA C 240 27.33 8.20 -1.98
CA ALA C 240 27.74 9.05 -3.10
C ALA C 240 28.81 10.09 -2.68
N ALA C 241 28.79 10.48 -1.41
CA ALA C 241 29.77 11.42 -0.87
C ALA C 241 30.98 10.69 -0.28
N CYS C 242 30.72 9.59 0.39
CA CYS C 242 31.77 8.89 1.15
C CYS C 242 32.65 7.99 0.33
N ARG C 243 32.04 7.24 -0.59
N ARG C 243 32.04 7.24 -0.59
CA ARG C 243 32.79 6.28 -1.41
CA ARG C 243 32.80 6.29 -1.42
C ARG C 243 33.93 6.92 -2.22
C ARG C 243 33.94 6.93 -2.19
N PRO C 244 33.66 8.04 -2.91
CA PRO C 244 34.78 8.64 -3.65
C PRO C 244 35.90 9.17 -2.75
N ALA C 245 35.61 9.38 -1.46
CA ALA C 245 36.61 9.86 -0.52
C ALA C 245 37.27 8.69 0.23
N GLY C 246 36.82 7.48 -0.07
CA GLY C 246 37.37 6.30 0.59
C GLY C 246 36.96 6.17 2.06
N VAL C 247 35.79 6.73 2.39
CA VAL C 247 35.31 6.72 3.77
C VAL C 247 34.15 5.74 3.91
N PRO C 248 34.30 4.73 4.78
CA PRO C 248 33.26 3.69 4.91
C PRO C 248 31.99 4.25 5.52
N VAL C 249 30.84 3.72 5.10
CA VAL C 249 29.56 4.10 5.68
C VAL C 249 29.01 2.97 6.57
N ILE C 250 28.57 3.32 7.77
CA ILE C 250 27.90 2.40 8.70
C ILE C 250 26.39 2.59 8.61
N ALA C 251 25.65 1.53 8.23
CA ALA C 251 24.20 1.64 8.10
C ALA C 251 23.55 1.35 9.45
N ASP C 252 23.00 2.38 10.09
CA ASP C 252 22.54 2.28 11.49
C ASP C 252 21.01 2.39 11.59
N GLY C 253 20.34 1.28 11.86
CA GLY C 253 18.92 1.29 12.17
C GLY C 253 18.03 0.73 11.09
N GLY C 254 16.92 0.12 11.50
CA GLY C 254 15.90 -0.33 10.59
C GLY C 254 16.08 -1.75 10.06
N LEU C 255 17.16 -2.42 10.45
N LEU C 255 17.17 -2.41 10.44
CA LEU C 255 17.42 -3.78 9.97
CA LEU C 255 17.40 -3.79 9.97
C LEU C 255 16.72 -4.80 10.85
C LEU C 255 16.68 -4.79 10.87
N GLN C 256 16.00 -5.75 10.23
CA GLN C 256 15.25 -6.79 10.96
C GLN C 256 15.54 -8.22 10.54
N TYR C 257 16.13 -8.39 9.38
CA TYR C 257 16.41 -9.75 8.88
C TYR C 257 17.78 -9.78 8.26
N SER C 258 18.34 -10.98 8.15
CA SER C 258 19.67 -11.11 7.55
C SER C 258 19.70 -10.52 6.13
N GLY C 259 18.61 -10.66 5.37
CA GLY C 259 18.57 -10.07 4.03
C GLY C 259 18.72 -8.55 4.01
N ASP C 260 18.33 -7.89 5.10
CA ASP C 260 18.41 -6.43 5.12
C ASP C 260 19.87 -6.01 5.21
N ILE C 261 20.68 -6.80 5.90
CA ILE C 261 22.11 -6.53 5.97
C ILE C 261 22.70 -6.58 4.57
N ALA C 262 22.33 -7.60 3.80
CA ALA C 262 22.81 -7.71 2.43
C ALA C 262 22.37 -6.51 1.59
N LYS C 263 21.12 -6.07 1.78
CA LYS C 263 20.66 -4.88 1.05
C LYS C 263 21.42 -3.61 1.44
N ALA C 264 21.65 -3.43 2.74
CA ALA C 264 22.38 -2.23 3.19
C ALA C 264 23.79 -2.19 2.59
N LEU C 265 24.45 -3.35 2.57
CA LEU C 265 25.82 -3.42 2.06
C LEU C 265 25.81 -3.24 0.55
N ALA C 266 24.84 -3.85 -0.14
CA ALA C 266 24.73 -3.63 -1.57
C ALA C 266 24.45 -2.18 -1.96
N ALA C 267 23.75 -1.44 -1.10
CA ALA C 267 23.47 -0.04 -1.33
C ALA C 267 24.77 0.78 -1.15
N GLY C 268 25.80 0.14 -0.62
CA GLY C 268 27.10 0.79 -0.55
C GLY C 268 27.67 0.95 0.85
N ALA C 269 26.89 0.60 1.88
CA ALA C 269 27.45 0.64 3.23
C ALA C 269 28.53 -0.43 3.35
N SER C 270 29.43 -0.24 4.31
CA SER C 270 30.49 -1.19 4.57
C SER C 270 30.21 -2.07 5.79
N THR C 271 29.41 -1.54 6.72
CA THR C 271 28.99 -2.30 7.89
C THR C 271 27.57 -1.90 8.27
N ALA C 272 26.95 -2.71 9.12
CA ALA C 272 25.61 -2.44 9.61
C ALA C 272 25.63 -2.44 11.13
N MET C 273 24.93 -1.47 11.73
CA MET C 273 24.82 -1.40 13.18
C MET C 273 23.43 -1.85 13.56
N LEU C 274 23.37 -2.76 14.54
CA LEU C 274 22.13 -3.46 14.91
C LEU C 274 21.75 -3.17 16.36
N GLY C 275 20.49 -2.86 16.59
CA GLY C 275 19.98 -2.69 17.94
C GLY C 275 18.99 -3.79 18.30
N SER C 276 17.82 -3.73 17.68
N SER C 276 17.80 -3.78 17.70
CA SER C 276 16.76 -4.68 17.97
CA SER C 276 16.77 -4.74 18.08
C SER C 276 17.23 -6.14 17.85
C SER C 276 17.18 -6.20 17.84
N LEU C 277 17.88 -6.47 16.74
CA LEU C 277 18.34 -7.85 16.48
C LEU C 277 19.28 -8.42 17.56
N LEU C 278 19.90 -7.54 18.33
CA LEU C 278 20.87 -7.93 19.35
C LEU C 278 20.34 -7.71 20.77
N ALA C 279 19.35 -6.83 20.92
CA ALA C 279 18.83 -6.51 22.24
C ALA C 279 18.21 -7.70 22.91
N GLY C 280 17.75 -8.68 22.13
CA GLY C 280 17.14 -9.85 22.72
C GLY C 280 18.12 -10.96 23.05
N THR C 281 19.41 -10.72 22.87
CA THR C 281 20.39 -11.79 23.12
C THR C 281 20.83 -11.83 24.58
N ALA C 282 21.41 -12.95 24.97
CA ALA C 282 21.84 -13.19 26.34
C ALA C 282 22.82 -12.11 26.78
N GLU C 283 23.64 -11.64 25.84
CA GLU C 283 24.75 -10.75 26.15
C GLU C 283 24.31 -9.29 26.32
N ALA C 284 23.11 -8.96 25.87
CA ALA C 284 22.59 -7.60 26.02
C ALA C 284 22.31 -7.31 27.49
N PRO C 285 22.51 -6.06 27.95
CA PRO C 285 22.26 -5.78 29.36
C PRO C 285 20.77 -5.91 29.68
N GLY C 286 20.44 -6.19 30.93
CA GLY C 286 19.07 -6.41 31.32
C GLY C 286 18.79 -7.83 31.80
N GLU C 287 17.78 -7.96 32.66
CA GLU C 287 17.32 -9.27 33.09
C GLU C 287 16.21 -9.76 32.18
N LEU C 288 15.97 -11.08 32.16
CA LEU C 288 14.89 -11.63 31.35
C LEU C 288 13.55 -11.18 31.91
N ILE C 289 12.68 -10.69 31.02
CA ILE C 289 11.32 -10.30 31.39
C ILE C 289 10.34 -11.44 31.06
N PHE C 290 9.45 -11.75 31.99
N PHE C 290 9.48 -11.76 32.02
CA PHE C 290 8.54 -12.87 31.81
CA PHE C 290 8.51 -12.85 31.87
C PHE C 290 7.08 -12.42 31.82
C PHE C 290 7.11 -12.27 31.79
N VAL C 291 6.49 -12.39 30.62
CA VAL C 291 5.10 -11.97 30.45
C VAL C 291 4.35 -13.07 29.73
N ASN C 292 3.23 -13.50 30.32
CA ASN C 292 2.36 -14.51 29.72
C ASN C 292 3.09 -15.75 29.20
N GLY C 293 3.89 -16.38 30.05
CA GLY C 293 4.60 -17.60 29.68
C GLY C 293 5.63 -17.42 28.59
N LYS C 294 6.03 -16.19 28.32
CA LYS C 294 7.02 -15.92 27.29
C LYS C 294 8.17 -15.06 27.81
N GLN C 295 9.28 -15.07 27.08
CA GLN C 295 10.52 -14.41 27.51
C GLN C 295 10.91 -13.22 26.64
N TYR C 296 11.17 -12.09 27.30
CA TYR C 296 11.51 -10.86 26.60
C TYR C 296 12.68 -10.17 27.28
N LYS C 297 13.28 -9.21 26.58
CA LYS C 297 14.23 -8.29 27.20
C LYS C 297 13.85 -6.83 26.93
N SER C 298 14.18 -5.96 27.88
CA SER C 298 13.93 -4.52 27.71
C SER C 298 14.76 -3.92 26.58
N TYR C 299 14.14 -3.03 25.81
CA TYR C 299 14.84 -2.38 24.71
C TYR C 299 14.21 -1.01 24.57
N ARG C 300 15.04 0.02 24.61
CA ARG C 300 14.50 1.37 24.59
C ARG C 300 15.38 2.33 23.82
N GLY C 301 14.77 3.32 23.19
CA GLY C 301 15.55 4.30 22.47
C GLY C 301 16.32 5.14 23.43
N MET C 302 17.50 5.61 23.01
CA MET C 302 18.31 6.49 23.85
C MET C 302 17.69 7.89 23.93
N GLY C 303 16.73 8.16 23.05
CA GLY C 303 16.00 9.41 23.08
C GLY C 303 14.65 9.27 23.75
N SER C 304 14.39 8.11 24.36
CA SER C 304 13.16 7.87 25.11
C SER C 304 13.26 8.54 26.48
N LEU C 305 12.11 8.88 27.06
CA LEU C 305 12.08 9.56 28.36
C LEU C 305 12.87 8.79 29.42
N GLY C 306 12.69 7.47 29.42
CA GLY C 306 13.39 6.60 30.36
C GLY C 306 14.91 6.60 30.25
N ALA C 307 15.42 6.68 29.02
CA ALA C 307 16.87 6.80 28.80
C ALA C 307 17.37 8.18 29.21
N MET C 308 16.65 9.23 28.82
CA MET C 308 17.03 10.59 29.20
C MET C 308 17.01 10.76 30.71
N ARG C 309 16.18 9.94 31.37
CA ARG C 309 16.05 9.95 32.83
C ARG C 309 17.41 9.72 33.51
N GLU C 330 22.44 16.32 24.63
CA GLU C 330 21.03 16.05 24.44
C GLU C 330 20.34 17.12 23.59
N ASP C 331 20.08 18.29 24.19
CA ASP C 331 19.41 19.43 23.53
C ASP C 331 17.94 19.19 23.15
N LYS C 332 17.41 18.04 23.53
CA LYS C 332 16.03 17.69 23.19
C LYS C 332 15.07 18.34 24.17
N LEU C 333 13.93 18.80 23.66
CA LEU C 333 12.89 19.33 24.51
C LEU C 333 11.81 18.26 24.77
N VAL C 334 11.69 17.30 23.86
CA VAL C 334 10.74 16.20 23.97
C VAL C 334 11.41 14.89 23.53
N PRO C 335 10.86 13.72 23.93
CA PRO C 335 11.54 12.48 23.56
C PRO C 335 11.49 12.15 22.07
N GLU C 336 12.47 11.39 21.61
CA GLU C 336 12.45 10.91 20.22
C GLU C 336 12.58 9.41 20.14
N GLY C 337 12.07 8.73 21.16
CA GLY C 337 12.00 7.28 21.13
C GLY C 337 10.99 6.76 22.16
N ILE C 338 10.79 5.46 22.13
CA ILE C 338 9.90 4.81 23.09
C ILE C 338 10.65 3.74 23.88
N GLU C 339 9.98 3.20 24.89
CA GLU C 339 10.53 2.12 25.70
C GLU C 339 9.69 0.88 25.43
N GLY C 340 10.37 -0.25 25.25
CA GLY C 340 9.63 -1.46 24.94
C GLY C 340 10.33 -2.74 25.33
N ARG C 341 9.89 -3.84 24.74
N ARG C 341 9.86 -3.84 24.73
CA ARG C 341 10.51 -5.14 24.97
CA ARG C 341 10.44 -5.16 24.93
C ARG C 341 10.52 -5.93 23.66
C ARG C 341 10.58 -5.86 23.58
N VAL C 342 11.54 -6.76 23.50
CA VAL C 342 11.70 -7.61 22.32
C VAL C 342 11.84 -9.06 22.81
N PRO C 343 11.47 -10.03 21.97
CA PRO C 343 11.58 -11.40 22.45
C PRO C 343 13.04 -11.81 22.71
N PHE C 344 13.21 -12.71 23.66
CA PHE C 344 14.51 -13.29 23.94
C PHE C 344 14.94 -14.19 22.79
N ARG C 345 16.16 -14.00 22.31
CA ARG C 345 16.69 -14.72 21.15
C ARG C 345 17.90 -15.64 21.40
N GLY C 346 18.32 -15.81 22.65
CA GLY C 346 19.41 -16.72 22.97
C GLY C 346 20.80 -16.10 22.83
N PRO C 347 21.82 -16.95 22.71
CA PRO C 347 23.22 -16.51 22.68
C PRO C 347 23.51 -15.61 21.48
N LEU C 348 24.27 -14.55 21.68
CA LEU C 348 24.67 -13.66 20.57
C LEU C 348 25.29 -14.45 19.41
N SER C 349 26.16 -15.41 19.74
CA SER C 349 26.88 -16.17 18.71
C SER C 349 25.94 -16.83 17.68
N SER C 350 24.85 -17.44 18.14
CA SER C 350 23.90 -18.08 17.26
C SER C 350 23.14 -17.09 16.38
N VAL C 351 22.81 -15.92 16.93
CA VAL C 351 22.21 -14.87 16.13
C VAL C 351 23.17 -14.42 15.03
N ILE C 352 24.42 -14.16 15.39
CA ILE C 352 25.37 -13.67 14.42
C ILE C 352 25.59 -14.73 13.31
N HIS C 353 25.59 -16.01 13.71
N HIS C 353 25.59 -16.01 13.71
CA HIS C 353 25.73 -17.10 12.75
CA HIS C 353 25.74 -17.09 12.75
C HIS C 353 24.60 -17.06 11.73
C HIS C 353 24.59 -17.11 11.74
N GLN C 354 23.37 -16.87 12.20
CA GLN C 354 22.24 -16.77 11.29
C GLN C 354 22.38 -15.55 10.38
N LEU C 355 22.85 -14.44 10.92
CA LEU C 355 22.94 -13.22 10.13
C LEU C 355 24.03 -13.34 9.05
N THR C 356 25.20 -13.84 9.44
CA THR C 356 26.27 -14.00 8.45
C THR C 356 25.94 -15.09 7.44
N GLY C 357 25.21 -16.11 7.88
CA GLY C 357 24.79 -17.17 6.95
C GLY C 357 23.89 -16.65 5.86
N GLY C 358 22.96 -15.75 6.23
CA GLY C 358 22.08 -15.11 5.27
C GLY C 358 22.82 -14.16 4.35
N LEU C 359 23.77 -13.40 4.91
CA LEU C 359 24.59 -12.53 4.08
C LEU C 359 25.37 -13.38 3.07
N ARG C 360 25.96 -14.46 3.54
CA ARG C 360 26.72 -15.34 2.64
C ARG C 360 25.87 -15.92 1.52
N ALA C 361 24.62 -16.26 1.83
CA ALA C 361 23.68 -16.66 0.78
C ALA C 361 23.51 -15.56 -0.28
N ALA C 362 23.30 -14.33 0.18
CA ALA C 362 23.20 -13.19 -0.74
C ALA C 362 24.43 -13.06 -1.60
N MET C 363 25.60 -13.27 -1.01
CA MET C 363 26.82 -13.18 -1.80
C MET C 363 26.88 -14.29 -2.85
N GLY C 364 26.41 -15.49 -2.49
CA GLY C 364 26.34 -16.56 -3.49
C GLY C 364 25.41 -16.22 -4.64
N TYR C 365 24.21 -15.71 -4.33
CA TYR C 365 23.24 -15.38 -5.35
C TYR C 365 23.70 -14.26 -6.29
N THR C 366 24.45 -13.30 -5.74
CA THR C 366 24.85 -12.13 -6.52
C THR C 366 26.24 -12.30 -7.12
N GLY C 367 26.88 -13.45 -6.87
CA GLY C 367 28.19 -13.73 -7.44
C GLY C 367 29.25 -12.82 -6.85
N SER C 368 29.10 -12.47 -5.58
CA SER C 368 30.01 -11.55 -4.88
C SER C 368 30.98 -12.32 -3.99
N PRO C 369 32.28 -12.42 -4.37
CA PRO C 369 33.27 -13.10 -3.50
C PRO C 369 33.61 -12.32 -2.23
N THR C 370 33.40 -11.00 -2.27
CA THR C 370 33.78 -10.10 -1.20
C THR C 370 32.70 -9.05 -1.02
N ILE C 371 32.79 -8.33 0.09
CA ILE C 371 31.80 -7.28 0.36
C ILE C 371 31.96 -6.17 -0.68
N GLU C 372 33.21 -5.89 -1.06
CA GLU C 372 33.47 -4.89 -2.08
C GLU C 372 32.77 -5.19 -3.41
N VAL C 373 32.64 -6.46 -3.77
CA VAL C 373 31.85 -6.80 -4.96
C VAL C 373 30.34 -6.75 -4.68
N LEU C 374 29.93 -7.13 -3.47
CA LEU C 374 28.51 -7.04 -3.12
C LEU C 374 28.00 -5.58 -3.22
N GLN C 375 28.89 -4.63 -2.96
CA GLN C 375 28.53 -3.21 -3.04
C GLN C 375 28.24 -2.76 -4.47
N GLN C 376 28.50 -3.63 -5.45
CA GLN C 376 28.25 -3.30 -6.87
C GLN C 376 26.98 -3.99 -7.39
N ALA C 377 26.27 -4.68 -6.53
CA ALA C 377 25.09 -5.44 -6.93
C ALA C 377 23.94 -4.52 -7.32
N GLN C 378 22.96 -5.05 -8.04
CA GLN C 378 21.82 -4.23 -8.46
C GLN C 378 20.55 -4.62 -7.74
N PHE C 379 19.64 -3.64 -7.60
CA PHE C 379 18.33 -3.87 -6.99
C PHE C 379 17.24 -3.85 -8.03
N VAL C 380 16.15 -4.54 -7.71
CA VAL C 380 14.86 -4.28 -8.33
C VAL C 380 13.95 -3.68 -7.26
N ARG C 381 13.19 -2.66 -7.63
N ARG C 381 13.21 -2.66 -7.64
CA ARG C 381 12.26 -2.02 -6.69
CA ARG C 381 12.25 -2.06 -6.73
C ARG C 381 10.89 -2.71 -6.78
C ARG C 381 11.00 -2.93 -6.77
N ILE C 382 10.31 -3.04 -5.64
CA ILE C 382 9.11 -3.88 -5.61
C ILE C 382 7.87 -3.17 -5.12
N THR C 383 6.71 -3.81 -5.29
CA THR C 383 5.43 -3.26 -4.89
C THR C 383 4.99 -3.96 -3.59
N PRO C 384 3.91 -3.49 -2.95
CA PRO C 384 3.39 -4.21 -1.79
C PRO C 384 3.11 -5.70 -2.07
N ALA C 385 2.66 -6.04 -3.27
CA ALA C 385 2.41 -7.46 -3.60
C ALA C 385 3.73 -8.20 -3.62
N GLY C 386 4.77 -7.53 -4.11
CA GLY C 386 6.09 -8.12 -4.19
C GLY C 386 6.60 -8.43 -2.80
N LEU C 387 6.36 -7.53 -1.86
CA LEU C 387 6.78 -7.76 -0.48
C LEU C 387 6.01 -8.94 0.18
N LYS C 388 4.71 -9.00 -0.07
CA LYS C 388 3.91 -10.08 0.48
C LYS C 388 4.41 -11.40 -0.08
N GLU C 389 4.77 -11.38 -1.35
CA GLU C 389 5.26 -12.61 -2.02
C GLU C 389 6.63 -13.02 -1.49
N SER C 390 7.41 -12.05 -1.04
CA SER C 390 8.78 -12.31 -0.57
C SER C 390 8.78 -13.10 0.73
N HIS C 391 7.95 -12.67 1.67
CA HIS C 391 7.75 -13.43 2.90
C HIS C 391 6.97 -14.72 2.64
N PRO C 392 6.99 -15.66 3.61
CA PRO C 392 6.04 -16.76 3.52
C PRO C 392 4.64 -16.18 3.43
N HIS C 393 3.78 -16.83 2.68
CA HIS C 393 2.43 -16.34 2.49
C HIS C 393 1.49 -17.52 2.36
N ASP C 394 0.22 -17.35 2.75
CA ASP C 394 -0.80 -18.37 2.55
C ASP C 394 -0.47 -19.72 3.18
N VAL C 395 0.24 -19.69 4.30
CA VAL C 395 0.59 -20.89 5.02
C VAL C 395 0.64 -20.56 6.51
N ALA C 396 0.23 -21.49 7.35
CA ALA C 396 0.40 -21.32 8.78
C ALA C 396 1.74 -21.93 9.17
N MET C 397 2.60 -21.12 9.79
CA MET C 397 3.90 -21.63 10.22
C MET C 397 3.69 -22.54 11.44
N THR C 398 4.32 -23.72 11.43
CA THR C 398 4.14 -24.67 12.52
C THR C 398 5.36 -24.79 13.44
N VAL C 399 6.50 -24.37 12.93
CA VAL C 399 7.75 -24.46 13.66
C VAL C 399 8.49 -23.15 13.41
N GLU C 400 9.15 -22.61 14.42
N GLU C 400 9.25 -22.71 14.38
CA GLU C 400 9.91 -21.40 14.20
CA GLU C 400 9.98 -21.48 14.24
C GLU C 400 11.22 -21.74 13.50
C GLU C 400 11.29 -21.73 13.53
N ALA C 401 11.62 -20.91 12.54
CA ALA C 401 12.91 -21.08 11.86
C ALA C 401 13.94 -20.25 12.62
N PRO C 402 15.22 -20.66 12.59
CA PRO C 402 16.20 -19.90 13.38
C PRO C 402 16.48 -18.52 12.80
N ASN C 403 16.13 -18.27 11.55
CA ASN C 403 16.38 -16.99 10.90
C ASN C 403 15.09 -16.35 10.37
N TYR C 404 13.96 -16.86 10.77
CA TYR C 404 12.68 -16.24 10.44
C TYR C 404 11.62 -16.40 11.57
N TYR C 405 11.34 -15.33 12.28
CA TYR C 405 10.56 -15.42 13.49
C TYR C 405 9.15 -15.02 13.28
N ALA C 406 8.33 -15.30 14.28
CA ALA C 406 6.89 -15.37 14.02
C ALA C 406 6.28 -14.09 13.43
N THR D 30 1.55 4.33 -23.49
CA THR D 30 1.62 3.16 -22.61
C THR D 30 2.32 3.48 -21.27
N ASP D 31 2.28 2.51 -20.37
CA ASP D 31 2.94 2.60 -19.07
C ASP D 31 4.46 2.74 -19.25
N PRO D 32 5.02 3.92 -18.93
N PRO D 32 15.61 -2.41 -21.56
CA PRO D 32 6.43 4.24 -19.20
CA PRO D 32 14.33 -3.11 -21.42
C PRO D 32 7.43 3.43 -18.37
C PRO D 32 13.26 -2.25 -20.77
N VAL D 33 7.07 3.10 -17.14
N VAL D 33 12.01 -2.59 -21.05
CA VAL D 33 7.99 2.45 -16.22
CA VAL D 33 10.88 -2.05 -20.32
C VAL D 33 8.41 1.06 -16.71
C VAL D 33 11.14 -2.31 -18.84
N PRO D 34 9.72 0.76 -16.70
N PRO D 34 11.05 -1.24 -18.01
CA PRO D 34 10.17 -0.58 -17.13
CA PRO D 34 11.28 -1.23 -16.56
C PRO D 34 9.80 -1.63 -16.08
C PRO D 34 10.51 -2.31 -15.81
N THR D 35 9.05 -2.65 -16.50
N THR D 35 9.34 -2.70 -16.29
CA THR D 35 8.60 -3.70 -15.57
CA THR D 35 8.57 -3.72 -15.57
C THR D 35 8.90 -5.10 -16.11
C THR D 35 8.85 -5.12 -16.14
N GLY D 36 9.70 -5.18 -17.16
CA GLY D 36 10.15 -6.48 -17.68
C GLY D 36 9.79 -6.77 -19.11
N GLY D 37 10.69 -7.49 -19.76
CA GLY D 37 10.59 -7.81 -21.18
C GLY D 37 10.96 -6.63 -22.07
N ASP D 38 10.82 -6.83 -23.40
CA ASP D 38 11.16 -5.80 -24.39
C ASP D 38 9.95 -5.12 -25.04
N ASP D 39 8.76 -5.49 -24.62
CA ASP D 39 7.53 -4.93 -25.22
C ASP D 39 6.84 -3.89 -24.33
N PRO D 40 6.87 -2.60 -24.75
CA PRO D 40 6.33 -1.53 -23.90
C PRO D 40 4.82 -1.54 -23.83
N HIS D 41 4.18 -2.35 -24.68
CA HIS D 41 2.72 -2.42 -24.69
C HIS D 41 2.19 -3.64 -23.95
N LYS D 42 3.09 -4.50 -23.47
CA LYS D 42 2.66 -5.67 -22.69
C LYS D 42 1.89 -5.28 -21.43
N VAL D 43 2.43 -4.34 -20.66
CA VAL D 43 1.70 -3.75 -19.54
C VAL D 43 1.23 -2.38 -20.03
N ALA D 44 -0.05 -2.30 -20.37
CA ALA D 44 -0.55 -1.29 -21.31
C ALA D 44 -0.98 0.02 -20.67
N MET D 45 -1.36 -0.05 -19.41
CA MET D 45 -1.71 1.16 -18.66
C MET D 45 -1.80 0.92 -17.16
N LEU D 46 -1.97 2.00 -16.40
CA LEU D 46 -2.15 1.92 -14.96
C LEU D 46 -3.62 2.09 -14.66
N GLY D 47 -4.24 1.08 -14.07
CA GLY D 47 -5.66 1.11 -13.80
C GLY D 47 -6.00 1.68 -12.43
N LEU D 48 -6.92 2.64 -12.41
CA LEU D 48 -7.34 3.25 -11.15
C LEU D 48 -8.75 2.85 -10.82
N THR D 49 -9.07 2.77 -9.53
CA THR D 49 -10.47 2.63 -9.20
C THR D 49 -10.90 3.72 -8.24
N PHE D 50 -12.10 3.58 -7.66
CA PHE D 50 -12.69 4.72 -6.93
C PHE D 50 -11.79 5.24 -5.81
N ASP D 51 -11.25 4.33 -5.00
CA ASP D 51 -10.40 4.74 -3.89
C ASP D 51 -9.05 5.37 -4.30
N ASP D 52 -8.73 5.34 -5.58
CA ASP D 52 -7.49 5.98 -6.06
C ASP D 52 -7.67 7.46 -6.39
N VAL D 53 -8.91 7.97 -6.43
CA VAL D 53 -9.12 9.35 -6.88
C VAL D 53 -10.08 10.12 -5.99
N LEU D 54 -9.91 11.44 -6.01
CA LEU D 54 -10.86 12.38 -5.41
C LEU D 54 -11.23 13.43 -6.44
N LEU D 55 -12.44 13.98 -6.36
CA LEU D 55 -12.82 15.07 -7.22
C LEU D 55 -12.30 16.38 -6.65
N LEU D 56 -11.75 17.22 -7.52
CA LEU D 56 -11.22 18.50 -7.08
C LEU D 56 -12.39 19.47 -6.95
N PRO D 57 -12.48 20.17 -5.82
CA PRO D 57 -13.50 21.22 -5.76
C PRO D 57 -13.19 22.30 -6.81
N ALA D 58 -14.19 23.04 -7.22
CA ALA D 58 -14.01 24.09 -8.21
C ALA D 58 -14.94 25.23 -7.90
N ALA D 59 -14.81 26.29 -8.69
CA ALA D 59 -15.61 27.49 -8.51
C ALA D 59 -17.07 27.10 -8.66
N SER D 60 -17.93 27.59 -7.77
CA SER D 60 -19.31 27.07 -7.73
C SER D 60 -20.36 28.10 -7.38
N ASP D 61 -21.46 28.05 -8.13
CA ASP D 61 -22.67 28.75 -7.73
C ASP D 61 -23.80 27.74 -7.53
N VAL D 62 -23.44 26.51 -7.19
CA VAL D 62 -24.37 25.41 -6.97
C VAL D 62 -24.32 24.99 -5.51
N VAL D 63 -25.48 24.76 -4.93
CA VAL D 63 -25.55 24.14 -3.62
C VAL D 63 -26.34 22.84 -3.78
N PRO D 64 -26.27 21.95 -2.79
CA PRO D 64 -26.90 20.65 -3.01
C PRO D 64 -28.38 20.75 -3.38
N ALA D 65 -29.08 21.69 -2.79
CA ALA D 65 -30.50 21.93 -3.12
C ALA D 65 -30.74 22.28 -4.58
N THR D 66 -29.82 23.00 -5.21
CA THR D 66 -30.06 23.45 -6.58
C THR D 66 -29.51 22.54 -7.68
N ALA D 67 -28.72 21.53 -7.30
CA ALA D 67 -28.17 20.62 -8.29
C ALA D 67 -29.32 19.83 -8.95
N ASP D 68 -29.14 19.51 -10.22
CA ASP D 68 -30.11 18.70 -10.98
C ASP D 68 -29.46 17.35 -11.21
N THR D 69 -30.01 16.29 -10.64
CA THR D 69 -29.35 14.97 -10.75
C THR D 69 -29.82 14.12 -11.93
N SER D 70 -30.69 14.66 -12.80
CA SER D 70 -31.14 13.86 -13.94
C SER D 70 -30.02 13.47 -14.93
N SER D 71 -30.19 12.31 -15.57
CA SER D 71 -29.14 11.84 -16.46
C SER D 71 -29.73 10.76 -17.36
N GLN D 72 -29.14 10.59 -18.53
CA GLN D 72 -29.57 9.58 -19.49
C GLN D 72 -29.21 8.18 -19.01
N LEU D 73 -30.21 7.31 -18.95
CA LEU D 73 -29.95 5.89 -18.80
C LEU D 73 -29.54 5.31 -20.17
N THR D 74 -30.33 5.67 -21.20
CA THR D 74 -30.04 5.23 -22.57
C THR D 74 -30.19 6.45 -23.46
N LYS D 75 -29.94 6.26 -24.76
CA LYS D 75 -30.13 7.34 -25.73
C LYS D 75 -31.48 8.04 -25.56
N LYS D 76 -32.55 7.26 -25.40
CA LYS D 76 -33.89 7.83 -25.29
C LYS D 76 -34.49 8.03 -23.89
N ILE D 77 -33.92 7.40 -22.87
CA ILE D 77 -34.52 7.46 -21.54
C ILE D 77 -33.67 8.25 -20.57
N ARG D 78 -34.25 9.28 -19.96
CA ARG D 78 -33.57 10.07 -18.94
C ARG D 78 -34.23 9.76 -17.61
N LEU D 79 -33.41 9.54 -16.57
CA LEU D 79 -33.91 9.30 -15.21
C LEU D 79 -33.76 10.56 -14.39
N LYS D 80 -34.55 10.68 -13.33
CA LYS D 80 -34.38 11.83 -12.43
C LYS D 80 -33.22 11.63 -11.46
N VAL D 81 -32.97 10.38 -11.10
CA VAL D 81 -31.87 10.00 -10.21
C VAL D 81 -31.04 8.97 -10.96
N PRO D 82 -29.71 9.16 -11.04
CA PRO D 82 -28.95 8.36 -12.03
C PRO D 82 -28.49 7.03 -11.48
N LEU D 83 -29.45 6.29 -10.93
CA LEU D 83 -29.16 5.03 -10.25
C LEU D 83 -30.06 3.91 -10.76
N VAL D 84 -29.48 2.74 -10.99
N VAL D 84 -29.47 2.73 -10.92
CA VAL D 84 -30.28 1.59 -11.33
CA VAL D 84 -30.21 1.56 -11.38
C VAL D 84 -29.89 0.40 -10.46
C VAL D 84 -29.87 0.37 -10.50
N SER D 85 -30.86 -0.45 -10.16
CA SER D 85 -30.58 -1.61 -9.33
C SER D 85 -30.12 -2.79 -10.19
N SER D 86 -29.18 -3.57 -9.65
N SER D 86 -29.19 -3.58 -9.67
CA SER D 86 -28.58 -4.70 -10.38
CA SER D 86 -28.59 -4.64 -10.47
C SER D 86 -29.57 -5.80 -10.72
C SER D 86 -29.51 -5.82 -10.70
N ALA D 87 -29.34 -6.46 -11.86
CA ALA D 87 -30.19 -7.59 -12.24
C ALA D 87 -29.72 -8.86 -11.56
N MET D 88 -29.90 -8.91 -10.25
CA MET D 88 -29.46 -10.05 -9.47
C MET D 88 -30.61 -10.57 -8.67
N ASP D 89 -30.64 -11.88 -8.43
CA ASP D 89 -31.78 -12.50 -7.77
C ASP D 89 -31.88 -12.19 -6.27
N THR D 90 -30.89 -11.48 -5.73
CA THR D 90 -30.98 -11.01 -4.34
C THR D 90 -31.08 -9.48 -4.28
N VAL D 91 -31.33 -8.85 -5.42
CA VAL D 91 -31.43 -7.38 -5.46
C VAL D 91 -32.73 -6.89 -6.11
N THR D 92 -33.02 -7.33 -7.33
CA THR D 92 -34.14 -6.75 -8.09
C THR D 92 -35.21 -7.73 -8.58
N GLU D 93 -36.33 -7.75 -7.86
CA GLU D 93 -37.60 -8.29 -8.37
C GLU D 93 -38.60 -7.13 -8.37
N SER D 94 -39.90 -7.40 -8.45
CA SER D 94 -40.81 -6.30 -8.75
C SER D 94 -40.85 -5.21 -7.66
N ARG D 95 -40.74 -5.62 -6.41
CA ARG D 95 -40.80 -4.68 -5.30
C ARG D 95 -39.67 -3.65 -5.38
N MET D 96 -38.47 -4.11 -5.73
CA MET D 96 -37.31 -3.23 -5.89
C MET D 96 -37.47 -2.36 -7.12
N ALA D 97 -37.95 -2.95 -8.21
CA ALA D 97 -38.11 -2.19 -9.45
C ALA D 97 -39.14 -1.07 -9.25
N ILE D 98 -40.21 -1.37 -8.53
CA ILE D 98 -41.24 -0.37 -8.26
C ILE D 98 -40.66 0.74 -7.39
N ALA D 99 -39.94 0.36 -6.34
CA ALA D 99 -39.39 1.36 -5.43
C ALA D 99 -38.34 2.26 -6.10
N MET D 100 -37.48 1.65 -6.93
CA MET D 100 -36.44 2.38 -7.67
C MET D 100 -37.05 3.39 -8.65
N ALA D 101 -38.05 2.95 -9.41
CA ALA D 101 -38.71 3.88 -10.33
C ALA D 101 -39.39 5.04 -9.60
N ARG D 102 -40.00 4.76 -8.44
CA ARG D 102 -40.66 5.80 -7.67
C ARG D 102 -39.67 6.78 -7.07
N ALA D 103 -38.44 6.32 -6.82
CA ALA D 103 -37.37 7.14 -6.29
C ALA D 103 -36.68 7.93 -7.41
N GLY D 104 -37.09 7.70 -8.66
CA GLY D 104 -36.55 8.45 -9.78
C GLY D 104 -35.49 7.67 -10.54
N GLY D 105 -35.22 6.44 -10.15
CA GLY D 105 -34.27 5.59 -10.86
C GLY D 105 -34.96 4.52 -11.67
N MET D 106 -34.32 3.35 -11.74
CA MET D 106 -34.91 2.20 -12.42
C MET D 106 -34.36 0.88 -11.88
N GLY D 107 -35.16 -0.18 -11.92
CA GLY D 107 -34.62 -1.49 -11.57
C GLY D 107 -34.49 -2.31 -12.84
N VAL D 108 -33.50 -3.19 -12.87
CA VAL D 108 -33.39 -4.17 -13.95
C VAL D 108 -33.72 -5.55 -13.37
N LEU D 109 -34.85 -6.10 -13.77
CA LEU D 109 -35.30 -7.39 -13.24
C LEU D 109 -34.36 -8.52 -13.63
N HIS D 110 -34.00 -9.35 -12.66
CA HIS D 110 -33.07 -10.44 -12.88
C HIS D 110 -33.73 -11.52 -13.74
N ARG D 111 -32.90 -12.38 -14.33
CA ARG D 111 -33.37 -13.40 -15.27
C ARG D 111 -33.12 -14.82 -14.76
N ASN D 112 -32.90 -14.97 -13.47
CA ASN D 112 -32.72 -16.30 -12.89
C ASN D 112 -34.04 -16.91 -12.47
N LEU D 113 -34.96 -16.99 -13.42
CA LEU D 113 -36.30 -17.49 -13.15
C LEU D 113 -36.97 -17.75 -14.49
N PRO D 114 -38.09 -18.48 -14.50
CA PRO D 114 -38.72 -18.82 -15.78
C PRO D 114 -39.19 -17.59 -16.53
N VAL D 115 -39.23 -17.69 -17.85
CA VAL D 115 -39.58 -16.55 -18.67
C VAL D 115 -40.95 -15.94 -18.31
N ALA D 116 -41.95 -16.79 -18.06
CA ALA D 116 -43.28 -16.27 -17.69
C ALA D 116 -43.30 -15.53 -16.34
N GLU D 117 -42.43 -15.91 -15.41
CA GLU D 117 -42.37 -15.21 -14.13
C GLU D 117 -41.69 -13.85 -14.26
N GLN D 118 -40.66 -13.78 -15.09
CA GLN D 118 -39.95 -12.53 -15.32
C GLN D 118 -40.88 -11.54 -16.04
N ALA D 119 -41.60 -12.04 -17.03
CA ALA D 119 -42.56 -11.22 -17.78
C ALA D 119 -43.69 -10.76 -16.85
N GLY D 120 -44.15 -11.66 -15.99
CA GLY D 120 -45.13 -11.32 -14.97
C GLY D 120 -44.67 -10.20 -14.05
N GLN D 121 -43.38 -10.19 -13.71
CA GLN D 121 -42.86 -9.14 -12.85
C GLN D 121 -42.82 -7.81 -13.57
N VAL D 122 -42.53 -7.84 -14.87
CA VAL D 122 -42.58 -6.62 -15.68
C VAL D 122 -44.01 -6.06 -15.62
N GLU D 123 -44.99 -6.93 -15.79
CA GLU D 123 -46.39 -6.50 -15.75
C GLU D 123 -46.75 -5.89 -14.39
N MET D 124 -46.27 -6.52 -13.32
N MET D 124 -46.28 -6.52 -13.31
CA MET D 124 -46.49 -6.04 -11.97
CA MET D 124 -46.54 -6.01 -11.98
C MET D 124 -45.97 -4.62 -11.80
C MET D 124 -45.98 -4.61 -11.79
N VAL D 125 -44.82 -4.34 -12.39
CA VAL D 125 -44.24 -3.02 -12.30
C VAL D 125 -45.05 -2.06 -13.18
N LYS D 126 -45.44 -2.51 -14.38
CA LYS D 126 -46.16 -1.65 -15.31
C LYS D 126 -47.53 -1.22 -14.81
N ARG D 127 -48.15 -2.06 -13.99
CA ARG D 127 -49.49 -1.72 -13.52
C ARG D 127 -49.48 -1.05 -12.15
N SER D 128 -48.29 -0.59 -11.74
CA SER D 128 -48.11 0.19 -10.51
C SER D 128 -47.89 1.67 -10.81
N GLY D 129 -48.36 2.12 -11.97
CA GLY D 129 -48.23 3.52 -12.35
C GLY D 129 -47.53 3.87 -13.66
N GLY D 130 -47.30 2.90 -14.53
CA GLY D 130 -46.64 3.18 -15.79
C GLY D 130 -45.17 3.53 -15.59
N LEU D 131 -44.64 2.99 -14.50
CA LEU D 131 -43.25 3.15 -14.09
C LEU D 131 -42.28 2.53 -15.10
N LEU D 132 -41.10 3.14 -15.27
CA LEU D 132 -40.07 2.55 -16.13
C LEU D 132 -39.55 1.23 -15.54
N VAL D 133 -39.23 0.28 -16.40
CA VAL D 133 -38.61 -0.95 -15.91
C VAL D 133 -37.71 -1.57 -16.98
N GLY D 134 -36.63 -2.20 -16.54
CA GLY D 134 -35.79 -2.98 -17.44
C GLY D 134 -35.77 -4.43 -17.01
N ALA D 135 -35.24 -5.27 -17.89
CA ALA D 135 -35.12 -6.69 -17.57
C ALA D 135 -33.92 -7.27 -18.28
N ALA D 136 -33.23 -8.18 -17.60
CA ALA D 136 -32.07 -8.81 -18.18
C ALA D 136 -32.42 -10.00 -19.07
N VAL D 137 -31.66 -10.17 -20.15
CA VAL D 137 -31.70 -11.41 -20.96
C VAL D 137 -30.27 -11.83 -21.24
N GLY D 138 -30.10 -13.11 -21.61
CA GLY D 138 -28.80 -13.64 -21.99
C GLY D 138 -28.62 -13.64 -23.50
N VAL D 139 -27.93 -14.64 -24.02
N VAL D 139 -27.96 -14.67 -24.02
CA VAL D 139 -27.75 -14.77 -25.46
CA VAL D 139 -27.70 -14.80 -25.45
C VAL D 139 -28.20 -16.16 -25.92
C VAL D 139 -28.12 -16.19 -25.95
N GLY D 140 -28.67 -16.26 -27.16
CA GLY D 140 -29.17 -17.52 -27.70
C GLY D 140 -30.69 -17.57 -27.89
N GLY D 141 -31.16 -18.70 -28.42
CA GLY D 141 -32.58 -18.90 -28.69
C GLY D 141 -33.50 -18.70 -27.50
N ASP D 142 -33.18 -19.33 -26.38
CA ASP D 142 -34.00 -19.17 -25.18
C ASP D 142 -34.03 -17.73 -24.68
N ALA D 143 -32.90 -17.06 -24.74
CA ALA D 143 -32.82 -15.65 -24.39
C ALA D 143 -33.68 -14.82 -25.34
N TRP D 144 -33.74 -15.22 -26.61
CA TRP D 144 -34.53 -14.51 -27.60
C TRP D 144 -36.01 -14.60 -27.26
N VAL D 145 -36.48 -15.81 -26.95
CA VAL D 145 -37.87 -16.00 -26.56
C VAL D 145 -38.18 -15.16 -25.31
N ARG D 146 -37.24 -15.14 -24.38
CA ARG D 146 -37.39 -14.37 -23.14
C ARG D 146 -37.53 -12.89 -23.49
N ALA D 147 -36.64 -12.38 -24.34
CA ALA D 147 -36.69 -10.99 -24.77
C ALA D 147 -38.04 -10.62 -25.39
N MET D 148 -38.51 -11.46 -26.30
CA MET D 148 -39.77 -11.21 -27.01
C MET D 148 -40.93 -11.14 -26.03
N MET D 149 -40.91 -12.01 -25.02
N MET D 149 -40.91 -12.01 -25.02
CA MET D 149 -41.96 -12.03 -24.01
CA MET D 149 -41.98 -12.02 -24.03
C MET D 149 -41.92 -10.79 -23.14
C MET D 149 -41.92 -10.82 -23.09
N LEU D 150 -40.70 -10.38 -22.76
CA LEU D 150 -40.51 -9.17 -21.97
C LEU D 150 -41.03 -7.95 -22.73
N VAL D 151 -40.75 -7.88 -24.03
CA VAL D 151 -41.24 -6.78 -24.86
C VAL D 151 -42.78 -6.78 -24.91
N ASP D 152 -43.38 -7.95 -25.11
CA ASP D 152 -44.85 -8.04 -25.09
C ASP D 152 -45.44 -7.61 -23.74
N ALA D 153 -44.67 -7.83 -22.67
CA ALA D 153 -45.11 -7.46 -21.32
C ALA D 153 -44.94 -5.96 -21.02
N GLY D 154 -44.26 -5.24 -21.91
CA GLY D 154 -44.20 -3.79 -21.82
C GLY D 154 -42.87 -3.26 -21.28
N VAL D 155 -41.85 -4.10 -21.26
CA VAL D 155 -40.56 -3.65 -20.72
C VAL D 155 -40.03 -2.44 -21.48
N ASP D 156 -39.35 -1.52 -20.79
CA ASP D 156 -38.82 -0.33 -21.45
C ASP D 156 -37.40 -0.52 -21.93
N VAL D 157 -36.65 -1.36 -21.23
CA VAL D 157 -35.24 -1.55 -21.53
C VAL D 157 -34.91 -3.03 -21.43
N LEU D 158 -34.32 -3.58 -22.48
CA LEU D 158 -33.71 -4.91 -22.41
C LEU D 158 -32.23 -4.76 -22.13
N VAL D 159 -31.73 -5.50 -21.16
CA VAL D 159 -30.30 -5.46 -20.87
C VAL D 159 -29.70 -6.83 -21.23
N VAL D 160 -28.87 -6.85 -22.28
CA VAL D 160 -28.15 -8.07 -22.64
C VAL D 160 -27.02 -8.15 -21.65
N ASP D 161 -27.18 -9.12 -20.75
CA ASP D 161 -26.54 -9.19 -19.44
C ASP D 161 -25.51 -10.33 -19.51
N THR D 162 -24.26 -10.03 -19.88
CA THR D 162 -23.24 -11.07 -20.05
C THR D 162 -21.91 -10.73 -19.36
N ALA D 163 -21.14 -11.75 -19.07
CA ALA D 163 -19.85 -11.55 -18.44
C ALA D 163 -18.87 -10.83 -19.37
N HIS D 164 -18.96 -11.12 -20.67
CA HIS D 164 -17.97 -10.61 -21.62
C HIS D 164 -18.68 -10.21 -22.93
N ALA D 165 -19.05 -8.94 -23.05
CA ALA D 165 -19.80 -8.50 -24.22
C ALA D 165 -18.95 -8.36 -25.49
N HIS D 166 -17.62 -8.48 -25.38
CA HIS D 166 -16.77 -8.40 -26.56
C HIS D 166 -16.65 -9.77 -27.21
N ASN D 167 -17.45 -10.71 -26.74
CA ASN D 167 -17.63 -11.94 -27.48
C ASN D 167 -18.60 -11.70 -28.62
N ARG D 168 -18.24 -12.19 -29.80
CA ARG D 168 -19.04 -12.01 -31.02
C ARG D 168 -20.54 -12.38 -30.89
N LEU D 169 -20.85 -13.38 -30.06
CA LEU D 169 -22.24 -13.83 -29.88
C LEU D 169 -23.09 -12.76 -29.16
N VAL D 170 -22.44 -12.02 -28.27
CA VAL D 170 -23.16 -10.97 -27.55
C VAL D 170 -23.45 -9.78 -28.46
N LEU D 171 -22.47 -9.40 -29.26
CA LEU D 171 -22.65 -8.31 -30.23
C LEU D 171 -23.79 -8.63 -31.20
N ASP D 172 -23.85 -9.89 -31.65
CA ASP D 172 -24.95 -10.33 -32.50
C ASP D 172 -26.32 -10.16 -31.84
N MET D 173 -26.40 -10.55 -30.56
CA MET D 173 -27.66 -10.48 -29.83
C MET D 173 -28.14 -9.04 -29.71
N VAL D 174 -27.22 -8.14 -29.40
CA VAL D 174 -27.55 -6.72 -29.30
C VAL D 174 -28.03 -6.19 -30.65
N GLY D 175 -27.28 -6.52 -31.70
CA GLY D 175 -27.59 -6.04 -33.03
C GLY D 175 -28.92 -6.55 -33.51
N LYS D 176 -29.22 -7.81 -33.21
N LYS D 176 -29.22 -7.82 -33.21
CA LYS D 176 -30.47 -8.39 -33.66
CA LYS D 176 -30.48 -8.42 -33.67
C LYS D 176 -31.69 -7.89 -32.89
C LYS D 176 -31.70 -7.91 -32.89
N LEU D 177 -31.57 -7.76 -31.58
CA LEU D 177 -32.66 -7.18 -30.78
C LEU D 177 -32.94 -5.77 -31.27
N LYS D 178 -31.88 -5.01 -31.51
CA LYS D 178 -32.03 -3.64 -31.97
C LYS D 178 -32.73 -3.60 -33.32
N SER D 179 -32.44 -4.57 -34.19
CA SER D 179 -33.08 -4.63 -35.51
C SER D 179 -34.56 -4.98 -35.44
N GLU D 180 -34.90 -5.88 -34.54
CA GLU D 180 -36.24 -6.44 -34.49
C GLU D 180 -37.20 -5.61 -33.64
N VAL D 181 -36.71 -5.15 -32.49
CA VAL D 181 -37.59 -4.53 -31.52
C VAL D 181 -37.11 -3.16 -31.07
N GLY D 182 -36.07 -2.66 -31.72
CA GLY D 182 -35.38 -1.46 -31.28
C GLY D 182 -36.22 -0.19 -31.33
N ASP D 183 -37.25 -0.22 -32.18
CA ASP D 183 -38.22 0.87 -32.23
C ASP D 183 -39.11 0.93 -30.99
N ARG D 184 -39.27 -0.20 -30.33
CA ARG D 184 -40.19 -0.32 -29.20
C ARG D 184 -39.47 -0.29 -27.85
N VAL D 185 -38.24 -0.77 -27.84
N VAL D 185 -38.24 -0.78 -27.84
CA VAL D 185 -37.52 -0.97 -26.60
CA VAL D 185 -37.51 -0.99 -26.59
C VAL D 185 -36.10 -0.44 -26.77
C VAL D 185 -36.06 -0.56 -26.74
N GLU D 186 -35.49 0.01 -25.67
CA GLU D 186 -34.08 0.36 -25.67
C GLU D 186 -33.27 -0.90 -25.33
N VAL D 187 -32.10 -1.04 -25.95
CA VAL D 187 -31.29 -2.24 -25.79
C VAL D 187 -29.92 -1.88 -25.22
N VAL D 188 -29.61 -2.39 -24.04
CA VAL D 188 -28.33 -2.11 -23.37
C VAL D 188 -27.46 -3.36 -23.53
N GLY D 189 -26.16 -3.18 -23.69
CA GLY D 189 -25.27 -4.31 -23.76
C GLY D 189 -24.17 -4.19 -22.71
N GLY D 190 -23.72 -5.31 -22.18
CA GLY D 190 -22.57 -5.31 -21.29
C GLY D 190 -22.26 -6.74 -20.95
N ASN D 191 -21.19 -6.98 -20.20
CA ASN D 191 -20.35 -5.90 -19.67
C ASN D 191 -19.00 -5.78 -20.36
N VAL D 192 -18.45 -4.57 -20.35
CA VAL D 192 -17.16 -4.32 -20.99
C VAL D 192 -16.21 -3.63 -20.02
N ALA D 193 -14.93 -3.65 -20.35
CA ALA D 193 -13.96 -2.91 -19.51
C ALA D 193 -12.89 -2.23 -20.36
N THR D 194 -13.12 -2.17 -21.67
CA THR D 194 -12.17 -1.56 -22.57
C THR D 194 -12.86 -0.64 -23.57
N ARG D 195 -12.05 0.25 -24.15
CA ARG D 195 -12.49 1.11 -25.20
C ARG D 195 -12.92 0.30 -26.42
N SER D 196 -12.14 -0.71 -26.82
CA SER D 196 -12.47 -1.49 -28.01
C SER D 196 -13.79 -2.24 -27.85
N ALA D 197 -14.04 -2.78 -26.66
CA ALA D 197 -15.28 -3.50 -26.41
C ALA D 197 -16.48 -2.54 -26.43
N ALA D 198 -16.33 -1.37 -25.82
CA ALA D 198 -17.39 -0.37 -25.83
C ALA D 198 -17.66 0.06 -27.26
N ALA D 199 -16.59 0.28 -28.02
CA ALA D 199 -16.75 0.68 -29.43
C ALA D 199 -17.51 -0.39 -30.23
N ALA D 200 -17.23 -1.65 -29.97
CA ALA D 200 -17.95 -2.74 -30.68
C ALA D 200 -19.45 -2.75 -30.35
N LEU D 201 -19.77 -2.48 -29.07
CA LEU D 201 -21.17 -2.44 -28.64
C LEU D 201 -21.89 -1.25 -29.28
N VAL D 202 -21.21 -0.11 -29.31
CA VAL D 202 -21.76 1.06 -30.03
C VAL D 202 -22.03 0.73 -31.52
N ASP D 203 -21.09 0.05 -32.16
N ASP D 203 -21.09 0.04 -32.14
CA ASP D 203 -21.26 -0.30 -33.57
CA ASP D 203 -21.22 -0.31 -33.56
C ASP D 203 -22.38 -1.32 -33.77
C ASP D 203 -22.35 -1.33 -33.77
N ALA D 204 -22.67 -2.11 -32.74
CA ALA D 204 -23.74 -3.10 -32.83
C ALA D 204 -25.10 -2.45 -32.60
N GLY D 205 -25.10 -1.20 -32.19
CA GLY D 205 -26.34 -0.47 -32.04
C GLY D 205 -26.82 -0.30 -30.61
N ALA D 206 -25.97 -0.57 -29.63
CA ALA D 206 -26.35 -0.45 -28.23
C ALA D 206 -26.84 0.96 -27.91
N ASP D 207 -27.88 1.03 -27.08
CA ASP D 207 -28.42 2.32 -26.65
C ASP D 207 -27.77 2.79 -25.37
N ALA D 208 -27.05 1.88 -24.70
CA ALA D 208 -26.17 2.23 -23.59
C ALA D 208 -25.20 1.07 -23.45
N VAL D 209 -24.07 1.34 -22.81
CA VAL D 209 -23.02 0.34 -22.59
C VAL D 209 -22.73 0.21 -21.11
N LYS D 210 -22.72 -1.03 -20.61
CA LYS D 210 -22.55 -1.23 -19.19
C LYS D 210 -21.12 -1.69 -18.94
N VAL D 211 -20.45 -1.01 -18.03
CA VAL D 211 -19.01 -1.21 -17.77
C VAL D 211 -18.82 -1.85 -16.43
N GLY D 212 -17.96 -2.87 -16.39
CA GLY D 212 -17.61 -3.50 -15.14
C GLY D 212 -17.29 -4.96 -15.40
N VAL D 213 -16.00 -5.28 -15.45
CA VAL D 213 -15.61 -6.68 -15.50
C VAL D 213 -14.86 -6.97 -14.21
N GLY D 214 -15.55 -7.61 -13.25
CA GLY D 214 -14.91 -7.93 -11.99
C GLY D 214 -15.04 -7.06 -10.74
N PRO D 215 -15.54 -5.79 -10.86
CA PRO D 215 -15.41 -4.98 -9.64
C PRO D 215 -16.49 -5.27 -8.57
N GLY D 216 -17.49 -6.08 -8.90
CA GLY D 216 -18.60 -6.30 -7.99
C GLY D 216 -18.15 -6.84 -6.64
N SER D 217 -18.81 -6.39 -5.58
CA SER D 217 -18.49 -6.84 -4.22
C SER D 217 -18.50 -8.36 -4.05
N ILE D 218 -19.35 -9.07 -4.79
CA ILE D 218 -19.45 -10.52 -4.66
C ILE D 218 -18.81 -11.27 -5.83
N CYS D 219 -18.13 -10.54 -6.70
CA CYS D 219 -17.61 -11.13 -7.92
C CYS D 219 -16.17 -11.59 -7.70
N THR D 220 -15.81 -12.72 -8.31
CA THR D 220 -14.43 -13.23 -8.20
C THR D 220 -13.76 -13.38 -9.57
N THR D 221 -14.36 -12.81 -10.59
CA THR D 221 -13.79 -12.91 -11.95
C THR D 221 -12.32 -12.52 -12.01
N ARG D 222 -11.96 -11.41 -11.37
N ARG D 222 -11.98 -11.41 -11.36
CA ARG D 222 -10.57 -10.97 -11.43
CA ARG D 222 -10.60 -10.92 -11.37
C ARG D 222 -9.63 -11.91 -10.72
C ARG D 222 -9.64 -11.87 -10.68
N VAL D 223 -10.17 -12.73 -9.82
CA VAL D 223 -9.36 -13.65 -9.06
C VAL D 223 -9.30 -15.04 -9.73
N VAL D 224 -10.47 -15.55 -10.15
CA VAL D 224 -10.51 -16.89 -10.70
C VAL D 224 -10.06 -16.92 -12.17
N ALA D 225 -10.29 -15.83 -12.88
CA ALA D 225 -9.87 -15.76 -14.28
C ALA D 225 -8.66 -14.84 -14.43
N GLY D 226 -8.44 -13.96 -13.45
CA GLY D 226 -7.31 -13.05 -13.52
C GLY D 226 -7.52 -11.88 -14.46
N VAL D 227 -8.79 -11.61 -14.77
N VAL D 227 -8.76 -11.64 -14.84
CA VAL D 227 -9.17 -10.70 -15.85
CA VAL D 227 -9.01 -10.61 -15.82
C VAL D 227 -9.99 -9.51 -15.35
C VAL D 227 -9.78 -9.45 -15.20
N GLY D 228 -9.72 -8.33 -15.88
CA GLY D 228 -10.55 -7.16 -15.58
C GLY D 228 -9.83 -5.87 -15.81
N ALA D 229 -10.43 -4.77 -15.38
CA ALA D 229 -9.76 -3.49 -15.35
C ALA D 229 -10.37 -2.72 -14.20
N PRO D 230 -9.52 -2.05 -13.41
CA PRO D 230 -9.99 -1.19 -12.33
C PRO D 230 -11.05 -0.23 -12.84
N GLN D 231 -12.08 -0.01 -12.02
CA GLN D 231 -13.33 0.55 -12.53
C GLN D 231 -13.29 2.00 -13.01
N ILE D 232 -12.46 2.85 -12.41
CA ILE D 232 -12.40 4.23 -12.92
C ILE D 232 -11.75 4.24 -14.31
N THR D 233 -10.63 3.54 -14.47
CA THR D 233 -10.01 3.45 -15.78
C THR D 233 -10.93 2.78 -16.83
N ALA D 234 -11.68 1.77 -16.42
CA ALA D 234 -12.60 1.08 -17.32
C ALA D 234 -13.67 2.06 -17.81
N ILE D 235 -14.16 2.92 -16.91
CA ILE D 235 -15.14 3.93 -17.28
C ILE D 235 -14.51 4.94 -18.24
N LEU D 236 -13.32 5.45 -17.88
CA LEU D 236 -12.67 6.45 -18.73
C LEU D 236 -12.46 5.92 -20.14
N GLU D 237 -12.04 4.67 -20.23
CA GLU D 237 -11.78 4.06 -21.52
C GLU D 237 -13.06 3.81 -22.31
N ALA D 238 -14.08 3.27 -21.64
CA ALA D 238 -15.38 3.02 -22.32
C ALA D 238 -15.99 4.34 -22.79
N VAL D 239 -15.92 5.36 -21.95
CA VAL D 239 -16.46 6.67 -22.31
C VAL D 239 -15.72 7.26 -23.51
N ALA D 240 -14.42 6.99 -23.62
CA ALA D 240 -13.69 7.52 -24.79
C ALA D 240 -14.29 7.02 -26.13
N ALA D 241 -14.94 5.86 -26.10
CA ALA D 241 -15.62 5.33 -27.27
C ALA D 241 -17.09 5.74 -27.35
N CYS D 242 -17.76 5.75 -26.20
CA CYS D 242 -19.21 5.97 -26.15
C CYS D 242 -19.62 7.42 -26.23
N ARG D 243 -18.92 8.30 -25.50
CA ARG D 243 -19.30 9.71 -25.46
C ARG D 243 -19.34 10.37 -26.85
N PRO D 244 -18.32 10.14 -27.68
CA PRO D 244 -18.37 10.76 -29.01
C PRO D 244 -19.49 10.18 -29.88
N ALA D 245 -20.03 9.02 -29.52
CA ALA D 245 -21.11 8.44 -30.30
C ALA D 245 -22.47 8.77 -29.68
N GLY D 246 -22.45 9.50 -28.55
CA GLY D 246 -23.66 9.88 -27.84
C GLY D 246 -24.34 8.73 -27.11
N VAL D 247 -23.55 7.74 -26.70
CA VAL D 247 -24.12 6.56 -26.07
C VAL D 247 -23.76 6.58 -24.59
N PRO D 248 -24.77 6.58 -23.70
CA PRO D 248 -24.54 6.68 -22.25
C PRO D 248 -23.83 5.41 -21.74
N VAL D 249 -22.99 5.59 -20.72
CA VAL D 249 -22.31 4.50 -20.07
C VAL D 249 -22.91 4.26 -18.67
N ILE D 250 -23.20 3.01 -18.34
CA ILE D 250 -23.69 2.62 -17.02
C ILE D 250 -22.53 2.04 -16.24
N ALA D 251 -22.18 2.65 -15.10
CA ALA D 251 -21.08 2.14 -14.30
C ALA D 251 -21.59 1.06 -13.34
N ASP D 252 -21.23 -0.20 -13.62
CA ASP D 252 -21.77 -1.36 -12.89
C ASP D 252 -20.73 -2.05 -11.97
N GLY D 253 -20.87 -1.87 -10.66
CA GLY D 253 -20.09 -2.64 -9.72
C GLY D 253 -19.00 -1.84 -9.03
N GLY D 254 -18.73 -2.19 -7.78
CA GLY D 254 -17.63 -1.64 -7.04
C GLY D 254 -17.94 -0.40 -6.21
N LEU D 255 -19.16 0.11 -6.32
N LEU D 255 -19.15 0.12 -6.33
CA LEU D 255 -19.56 1.31 -5.57
CA LEU D 255 -19.54 1.31 -5.56
C LEU D 255 -20.00 0.95 -4.16
C LEU D 255 -19.98 0.95 -4.15
N GLN D 256 -19.49 1.70 -3.17
CA GLN D 256 -19.80 1.44 -1.75
C GLN D 256 -20.27 2.67 -0.99
N TYR D 257 -20.00 3.86 -1.52
CA TYR D 257 -20.40 5.07 -0.83
C TYR D 257 -20.98 6.05 -1.81
N SER D 258 -21.74 7.03 -1.32
CA SER D 258 -22.32 8.02 -2.21
C SER D 258 -21.25 8.77 -3.02
N GLY D 259 -20.07 8.97 -2.42
CA GLY D 259 -19.00 9.65 -3.14
C GLY D 259 -18.49 8.87 -4.34
N ASP D 260 -18.63 7.54 -4.29
CA ASP D 260 -18.22 6.72 -5.43
C ASP D 260 -19.11 6.97 -6.65
N ILE D 261 -20.40 7.19 -6.41
CA ILE D 261 -21.33 7.53 -7.49
C ILE D 261 -20.83 8.79 -8.18
N ALA D 262 -20.49 9.80 -7.38
CA ALA D 262 -20.01 11.05 -7.95
C ALA D 262 -18.76 10.82 -8.77
N LYS D 263 -17.85 9.98 -8.26
CA LYS D 263 -16.63 9.68 -9.01
C LYS D 263 -16.92 8.97 -10.32
N ALA D 264 -17.83 7.99 -10.29
CA ALA D 264 -18.18 7.24 -11.50
C ALA D 264 -18.71 8.20 -12.57
N LEU D 265 -19.58 9.12 -12.14
CA LEU D 265 -20.22 10.02 -13.08
C LEU D 265 -19.21 11.06 -13.58
N ALA D 266 -18.36 11.56 -12.70
CA ALA D 266 -17.28 12.44 -13.13
C ALA D 266 -16.32 11.80 -14.15
N ALA D 267 -16.08 10.49 -14.03
CA ALA D 267 -15.26 9.76 -14.96
C ALA D 267 -15.94 9.62 -16.32
N GLY D 268 -17.25 9.92 -16.38
CA GLY D 268 -17.92 10.00 -17.66
C GLY D 268 -19.14 9.13 -17.77
N ALA D 269 -19.39 8.27 -16.78
CA ALA D 269 -20.63 7.48 -16.79
C ALA D 269 -21.83 8.40 -16.65
N SER D 270 -22.97 7.93 -17.13
CA SER D 270 -24.22 8.66 -17.03
C SER D 270 -25.13 8.12 -15.91
N THR D 271 -24.96 6.85 -15.57
CA THR D 271 -25.67 6.25 -14.44
C THR D 271 -24.79 5.23 -13.76
N ALA D 272 -25.18 4.83 -12.55
CA ALA D 272 -24.43 3.85 -11.77
C ALA D 272 -25.40 2.72 -11.45
N MET D 273 -24.93 1.47 -11.58
CA MET D 273 -25.74 0.33 -11.19
C MET D 273 -25.23 -0.24 -9.87
N LEU D 274 -26.15 -0.47 -8.93
CA LEU D 274 -25.79 -0.83 -7.55
C LEU D 274 -26.36 -2.19 -7.17
N GLY D 275 -25.52 -3.00 -6.54
CA GLY D 275 -25.93 -4.29 -6.03
C GLY D 275 -25.87 -4.27 -4.51
N SER D 276 -24.66 -4.28 -3.95
CA SER D 276 -24.49 -4.39 -2.50
C SER D 276 -25.22 -3.30 -1.71
N LEU D 277 -25.13 -2.06 -2.20
CA LEU D 277 -25.76 -0.92 -1.51
C LEU D 277 -27.29 -1.03 -1.42
N LEU D 278 -27.88 -1.88 -2.27
CA LEU D 278 -29.33 -2.06 -2.35
C LEU D 278 -29.80 -3.43 -1.83
N ALA D 279 -28.89 -4.40 -1.81
CA ALA D 279 -29.23 -5.74 -1.35
C ALA D 279 -29.65 -5.76 0.10
N GLY D 280 -29.22 -4.77 0.87
CA GLY D 280 -29.59 -4.76 2.28
C GLY D 280 -30.90 -4.07 2.56
N THR D 281 -31.58 -3.58 1.53
CA THR D 281 -32.81 -2.83 1.77
C THR D 281 -34.03 -3.72 1.90
N ALA D 282 -35.10 -3.15 2.46
CA ALA D 282 -36.35 -3.87 2.68
C ALA D 282 -36.89 -4.44 1.38
N GLU D 283 -36.68 -3.72 0.29
CA GLU D 283 -37.29 -4.07 -1.00
C GLU D 283 -36.54 -5.17 -1.75
N ALA D 284 -35.30 -5.44 -1.36
CA ALA D 284 -34.53 -6.50 -2.03
C ALA D 284 -35.18 -7.85 -1.68
N PRO D 285 -35.08 -8.85 -2.59
CA PRO D 285 -35.72 -10.13 -2.30
C PRO D 285 -34.98 -10.87 -1.21
N GLY D 286 -35.69 -11.69 -0.45
CA GLY D 286 -35.08 -12.41 0.65
C GLY D 286 -35.68 -12.11 2.00
N GLU D 287 -35.55 -13.04 2.93
CA GLU D 287 -36.02 -12.85 4.29
C GLU D 287 -34.86 -12.29 5.13
N LEU D 288 -35.18 -11.62 6.23
CA LEU D 288 -34.14 -11.09 7.11
C LEU D 288 -33.40 -12.22 7.80
N ILE D 289 -32.07 -12.14 7.80
CA ILE D 289 -31.23 -13.12 8.50
C ILE D 289 -30.79 -12.58 9.85
N PHE D 290 -31.01 -13.35 10.91
N PHE D 290 -31.02 -13.38 10.89
CA PHE D 290 -30.63 -12.91 12.25
CA PHE D 290 -30.64 -13.04 12.25
C PHE D 290 -29.49 -13.76 12.82
C PHE D 290 -29.41 -13.86 12.65
N VAL D 291 -28.29 -13.18 12.84
CA VAL D 291 -27.11 -13.85 13.37
C VAL D 291 -26.55 -12.98 14.49
N ASN D 292 -26.31 -13.60 15.64
CA ASN D 292 -25.68 -12.91 16.78
C ASN D 292 -26.26 -11.52 17.07
N GLY D 293 -27.57 -11.45 17.26
CA GLY D 293 -28.22 -10.21 17.60
C GLY D 293 -28.25 -9.16 16.50
N LYS D 294 -27.75 -9.51 15.32
CA LYS D 294 -27.70 -8.56 14.21
C LYS D 294 -28.55 -8.99 13.02
N GLN D 295 -28.86 -8.03 12.15
CA GLN D 295 -29.76 -8.25 11.01
C GLN D 295 -29.07 -8.18 9.66
N TYR D 296 -29.25 -9.22 8.85
CA TYR D 296 -28.62 -9.27 7.54
C TYR D 296 -29.59 -9.70 6.44
N LYS D 297 -29.16 -9.50 5.19
CA LYS D 297 -29.85 -10.05 4.02
C LYS D 297 -28.87 -10.82 3.14
N SER D 298 -29.34 -11.90 2.53
CA SER D 298 -28.54 -12.70 1.59
C SER D 298 -28.20 -11.90 0.34
N TYR D 299 -26.95 -12.01 -0.10
CA TYR D 299 -26.51 -11.34 -1.31
C TYR D 299 -25.50 -12.26 -1.98
N ARG D 300 -25.71 -12.56 -3.25
CA ARG D 300 -24.84 -13.50 -3.93
C ARG D 300 -24.60 -13.13 -5.37
N GLY D 301 -23.42 -13.48 -5.86
CA GLY D 301 -23.10 -13.22 -7.24
C GLY D 301 -23.94 -14.10 -8.12
N MET D 302 -24.25 -13.61 -9.31
CA MET D 302 -25.03 -14.41 -10.25
C MET D 302 -24.17 -15.48 -10.90
N GLY D 303 -22.86 -15.37 -10.66
CA GLY D 303 -21.90 -16.35 -11.14
C GLY D 303 -21.47 -17.28 -10.03
N SER D 304 -22.10 -17.15 -8.86
CA SER D 304 -21.83 -18.04 -7.73
C SER D 304 -22.51 -19.39 -7.94
N LEU D 305 -21.96 -20.43 -7.32
CA LEU D 305 -22.48 -21.79 -7.47
C LEU D 305 -23.96 -21.81 -7.15
N GLY D 306 -24.33 -21.20 -6.03
CA GLY D 306 -25.72 -21.17 -5.59
C GLY D 306 -26.67 -20.52 -6.59
N ALA D 307 -26.20 -19.48 -7.28
CA ALA D 307 -26.98 -18.82 -8.33
C ALA D 307 -27.08 -19.66 -9.61
N MET D 308 -25.98 -20.26 -10.07
CA MET D 308 -26.05 -21.07 -11.30
C MET D 308 -26.97 -22.28 -11.10
N ARG D 309 -27.12 -22.72 -9.86
CA ARG D 309 -27.99 -23.84 -9.54
C ARG D 309 -29.44 -23.39 -9.46
N GLU D 330 -24.72 -19.69 -19.21
CA GLU D 330 -23.55 -19.12 -18.55
C GLU D 330 -22.24 -19.35 -19.31
N ASP D 331 -22.11 -20.52 -19.96
CA ASP D 331 -20.86 -20.96 -20.60
C ASP D 331 -19.70 -21.16 -19.60
N LYS D 332 -19.97 -20.94 -18.31
CA LYS D 332 -18.94 -21.08 -17.27
C LYS D 332 -18.67 -22.53 -16.94
N LEU D 333 -17.40 -22.84 -16.70
CA LEU D 333 -17.02 -24.15 -16.21
C LEU D 333 -16.84 -24.15 -14.69
N VAL D 334 -16.54 -22.97 -14.13
CA VAL D 334 -16.36 -22.76 -12.70
C VAL D 334 -17.04 -21.46 -12.26
N PRO D 335 -17.33 -21.30 -10.95
CA PRO D 335 -17.99 -20.07 -10.50
C PRO D 335 -17.14 -18.82 -10.63
N GLU D 336 -17.79 -17.68 -10.78
CA GLU D 336 -17.10 -16.38 -10.75
C GLU D 336 -17.72 -15.45 -9.73
N GLY D 337 -18.26 -16.02 -8.67
CA GLY D 337 -18.76 -15.21 -7.58
C GLY D 337 -18.90 -16.04 -6.32
N ILE D 338 -19.25 -15.37 -5.23
CA ILE D 338 -19.45 -16.04 -3.96
C ILE D 338 -20.85 -15.73 -3.43
N GLU D 339 -21.22 -16.43 -2.37
CA GLU D 339 -22.49 -16.22 -1.70
C GLU D 339 -22.21 -15.62 -0.33
N GLY D 340 -22.97 -14.60 0.03
CA GLY D 340 -22.73 -13.96 1.31
C GLY D 340 -23.93 -13.26 1.91
N ARG D 341 -23.65 -12.36 2.83
N ARG D 341 -23.66 -12.37 2.85
CA ARG D 341 -24.70 -11.54 3.42
CA ARG D 341 -24.72 -11.56 3.43
C ARG D 341 -24.19 -10.12 3.63
C ARG D 341 -24.21 -10.15 3.73
N VAL D 342 -25.13 -9.18 3.68
CA VAL D 342 -24.81 -7.79 3.92
C VAL D 342 -25.74 -7.29 5.01
N PRO D 343 -25.33 -6.26 5.74
CA PRO D 343 -26.19 -5.74 6.81
C PRO D 343 -27.52 -5.20 6.26
N PHE D 344 -28.56 -5.41 7.04
CA PHE D 344 -29.86 -4.81 6.74
C PHE D 344 -29.78 -3.29 6.86
N ARG D 345 -30.27 -2.58 5.84
CA ARG D 345 -30.15 -1.13 5.77
C ARG D 345 -31.47 -0.35 5.76
N GLY D 346 -32.60 -1.03 5.91
CA GLY D 346 -33.89 -0.34 5.98
C GLY D 346 -34.51 -0.05 4.62
N PRO D 347 -35.44 0.92 4.58
CA PRO D 347 -36.22 1.20 3.37
C PRO D 347 -35.31 1.69 2.24
N LEU D 348 -35.57 1.22 1.03
CA LEU D 348 -34.83 1.69 -0.15
C LEU D 348 -34.82 3.22 -0.26
N SER D 349 -35.99 3.83 -0.05
CA SER D 349 -36.15 5.28 -0.21
C SER D 349 -35.13 6.08 0.62
N SER D 350 -34.88 5.67 1.85
CA SER D 350 -33.91 6.34 2.69
C SER D 350 -32.47 6.15 2.22
N VAL D 351 -32.15 4.97 1.69
CA VAL D 351 -30.82 4.72 1.15
C VAL D 351 -30.62 5.63 -0.06
N ILE D 352 -31.63 5.70 -0.93
CA ILE D 352 -31.48 6.50 -2.14
C ILE D 352 -31.33 7.99 -1.76
N HIS D 353 -32.04 8.41 -0.72
N HIS D 353 -32.03 8.42 -0.72
CA HIS D 353 -31.94 9.79 -0.24
CA HIS D 353 -31.93 9.81 -0.27
C HIS D 353 -30.52 10.12 0.18
C HIS D 353 -30.51 10.14 0.21
N GLN D 354 -29.88 9.19 0.89
CA GLN D 354 -28.50 9.39 1.31
C GLN D 354 -27.57 9.44 0.11
N LEU D 355 -27.80 8.58 -0.87
CA LEU D 355 -26.92 8.53 -2.03
C LEU D 355 -27.07 9.78 -2.90
N THR D 356 -28.29 10.20 -3.15
CA THR D 356 -28.48 11.40 -3.96
C THR D 356 -28.02 12.66 -3.20
N GLY D 357 -28.14 12.63 -1.87
CA GLY D 357 -27.67 13.76 -1.06
C GLY D 357 -26.17 13.94 -1.15
N GLY D 358 -25.44 12.82 -1.13
CA GLY D 358 -23.99 12.85 -1.29
C GLY D 358 -23.59 13.28 -2.68
N LEU D 359 -24.29 12.79 -3.71
CA LEU D 359 -24.04 13.22 -5.10
C LEU D 359 -24.28 14.74 -5.24
N ARG D 360 -25.38 15.21 -4.67
CA ARG D 360 -25.67 16.66 -4.70
C ARG D 360 -24.57 17.48 -4.01
N ALA D 361 -24.03 16.97 -2.91
CA ALA D 361 -22.90 17.65 -2.26
C ALA D 361 -21.71 17.73 -3.23
N ALA D 362 -21.40 16.61 -3.88
CA ALA D 362 -20.33 16.62 -4.86
C ALA D 362 -20.56 17.63 -5.98
N MET D 363 -21.80 17.74 -6.42
CA MET D 363 -22.13 18.71 -7.46
C MET D 363 -21.91 20.14 -6.93
N GLY D 364 -22.27 20.38 -5.66
CA GLY D 364 -22.02 21.70 -5.09
C GLY D 364 -20.53 22.02 -5.02
N TYR D 365 -19.73 21.04 -4.60
CA TYR D 365 -18.29 21.25 -4.48
C TYR D 365 -17.60 21.48 -5.83
N THR D 366 -18.08 20.82 -6.88
CA THR D 366 -17.42 20.89 -8.17
C THR D 366 -18.07 21.95 -9.06
N GLY D 367 -19.08 22.65 -8.54
CA GLY D 367 -19.75 23.70 -9.30
C GLY D 367 -20.52 23.12 -10.51
N SER D 368 -21.07 21.94 -10.32
CA SER D 368 -21.82 21.26 -11.41
C SER D 368 -23.34 21.38 -11.24
N PRO D 369 -24.00 22.22 -12.05
CA PRO D 369 -25.47 22.31 -11.93
C PRO D 369 -26.21 21.08 -12.44
N THR D 370 -25.55 20.31 -13.31
CA THR D 370 -26.15 19.14 -13.95
C THR D 370 -25.14 18.00 -13.99
N ILE D 371 -25.63 16.82 -14.29
CA ILE D 371 -24.75 15.65 -14.40
C ILE D 371 -23.80 15.85 -15.58
N GLU D 372 -24.29 16.46 -16.66
CA GLU D 372 -23.46 16.73 -17.82
C GLU D 372 -22.26 17.62 -17.47
N VAL D 373 -22.41 18.53 -16.54
CA VAL D 373 -21.27 19.31 -16.10
C VAL D 373 -20.36 18.53 -15.13
N LEU D 374 -20.98 17.72 -14.27
CA LEU D 374 -20.18 16.87 -13.37
C LEU D 374 -19.23 15.96 -14.16
N GLN D 375 -19.68 15.52 -15.33
CA GLN D 375 -18.87 14.65 -16.17
C GLN D 375 -17.60 15.33 -16.69
N GLN D 376 -17.50 16.65 -16.49
CA GLN D 376 -16.30 17.41 -16.90
C GLN D 376 -15.37 17.72 -15.72
N ALA D 377 -15.68 17.20 -14.54
CA ALA D 377 -14.87 17.50 -13.36
C ALA D 377 -13.51 16.84 -13.42
N GLN D 378 -12.58 17.32 -12.60
CA GLN D 378 -11.22 16.77 -12.58
C GLN D 378 -10.96 15.97 -11.32
N PHE D 379 -10.03 15.00 -11.43
CA PHE D 379 -9.63 14.18 -10.29
C PHE D 379 -8.22 14.56 -9.87
N VAL D 380 -7.91 14.27 -8.62
CA VAL D 380 -6.53 14.11 -8.18
C VAL D 380 -6.34 12.65 -7.79
N ARG D 381 -5.20 12.09 -8.17
N ARG D 381 -5.20 12.08 -8.15
CA ARG D 381 -4.86 10.73 -7.80
CA ARG D 381 -4.94 10.69 -7.79
C ARG D 381 -4.33 10.78 -6.37
C ARG D 381 -4.17 10.63 -6.48
N ILE D 382 -4.60 9.75 -5.57
CA ILE D 382 -4.10 9.77 -4.19
C ILE D 382 -3.30 8.53 -3.83
N THR D 383 -2.65 8.59 -2.67
CA THR D 383 -1.82 7.50 -2.19
C THR D 383 -2.58 6.77 -1.08
N PRO D 384 -2.05 5.65 -0.58
CA PRO D 384 -2.70 5.01 0.58
C PRO D 384 -2.91 5.95 1.80
N ALA D 385 -1.97 6.86 2.07
CA ALA D 385 -2.14 7.80 3.17
C ALA D 385 -3.31 8.77 2.89
N GLY D 386 -3.47 9.13 1.63
CA GLY D 386 -4.54 10.01 1.22
C GLY D 386 -5.88 9.36 1.45
N LEU D 387 -5.96 8.05 1.19
CA LEU D 387 -7.19 7.31 1.41
C LEU D 387 -7.51 7.20 2.91
N LYS D 388 -6.49 6.90 3.72
CA LYS D 388 -6.68 6.84 5.17
C LYS D 388 -7.18 8.19 5.69
N GLU D 389 -6.60 9.27 5.16
CA GLU D 389 -6.98 10.63 5.58
C GLU D 389 -8.40 10.96 5.14
N SER D 390 -8.85 10.37 4.04
CA SER D 390 -10.20 10.67 3.51
C SER D 390 -11.31 10.14 4.42
N HIS D 391 -11.15 8.91 4.88
CA HIS D 391 -12.09 8.35 5.85
C HIS D 391 -11.86 9.00 7.21
N PRO D 392 -12.82 8.82 8.14
CA PRO D 392 -12.52 9.15 9.54
C PRO D 392 -11.30 8.35 9.95
N HIS D 393 -10.46 8.95 10.76
CA HIS D 393 -9.25 8.29 11.24
C HIS D 393 -8.97 8.73 12.66
N ASP D 394 -8.29 7.88 13.43
CA ASP D 394 -7.85 8.23 14.78
C ASP D 394 -8.98 8.66 15.70
N VAL D 395 -10.15 8.06 15.53
CA VAL D 395 -11.28 8.35 16.40
C VAL D 395 -12.09 7.06 16.50
N ALA D 396 -12.70 6.81 17.65
CA ALA D 396 -13.67 5.73 17.73
C ALA D 396 -15.06 6.28 17.48
N MET D 397 -15.74 5.70 16.51
CA MET D 397 -17.09 6.09 16.18
C MET D 397 -18.04 5.57 17.26
N THR D 398 -18.91 6.44 17.77
CA THR D 398 -19.82 6.08 18.85
C THR D 398 -21.27 6.01 18.38
N VAL D 399 -21.53 6.60 17.22
CA VAL D 399 -22.88 6.69 16.70
C VAL D 399 -22.78 6.40 15.21
N GLU D 400 -23.71 5.63 14.67
CA GLU D 400 -23.65 5.37 13.25
C GLU D 400 -24.21 6.56 12.50
N ALA D 401 -23.61 6.89 11.37
CA ALA D 401 -24.09 7.96 10.49
C ALA D 401 -24.96 7.27 9.43
N PRO D 402 -26.02 7.95 8.95
CA PRO D 402 -26.87 7.32 7.92
C PRO D 402 -26.17 7.08 6.59
N ASN D 403 -25.05 7.78 6.32
CA ASN D 403 -24.35 7.64 5.06
C ASN D 403 -22.91 7.20 5.25
N TYR D 404 -22.59 6.70 6.43
CA TYR D 404 -21.25 6.17 6.74
C TYR D 404 -21.24 5.08 7.86
N TYR D 405 -20.91 3.86 7.49
CA TYR D 405 -20.83 2.72 8.40
C TYR D 405 -19.43 2.19 8.56
N ALA D 406 -19.09 1.63 9.71
CA ALA D 406 -17.77 0.98 9.90
C ALA D 406 -17.68 -0.40 9.28
P PO4 E . 4.21 -22.44 -4.00
O1 PO4 E . 3.86 -23.07 -2.67
O2 PO4 E . 4.14 -20.92 -3.86
O3 PO4 E . 5.63 -22.85 -4.37
O4 PO4 E . 3.27 -22.89 -5.10
C1 PGO F . -16.31 -16.98 -18.82
C2 PGO F . -15.66 -16.08 -19.87
C3 PGO F . -16.73 -15.50 -20.79
O1 PGO F . -17.23 -16.18 -18.06
O2 PGO F . -14.71 -16.83 -20.64
C1 PGO G . 23.19 -24.28 -6.00
C2 PGO G . 24.55 -23.62 -5.84
C3 PGO G . 24.43 -22.25 -6.45
O1 PGO G . 22.24 -23.22 -6.14
O2 PGO G . 25.57 -24.36 -6.50
C1 PGO H . -11.50 -30.88 -21.92
C2 PGO H . -11.23 -31.86 -23.05
C3 PGO H . -11.24 -33.30 -22.57
O1 PGO H . -12.86 -30.47 -21.96
O2 PGO H . -9.95 -31.60 -23.63
C1 PGO I . -10.98 -28.10 -26.18
C2 PGO I . -9.89 -28.82 -25.41
C3 PGO I . -9.06 -29.73 -26.30
O1 PGO I . -10.49 -27.63 -27.45
O2 PGO I . -10.48 -29.57 -24.35
C1 GOL J . -7.44 -22.61 -6.02
O1 GOL J . -7.46 -21.42 -5.21
C2 GOL J . -8.46 -23.65 -5.59
O2 GOL J . -8.92 -24.33 -6.75
C3 GOL J . -7.80 -24.70 -4.71
O3 GOL J . -8.75 -25.65 -4.22
C1 GOL K . -1.13 -3.62 -6.29
O1 GOL K . -2.19 -4.44 -6.71
C2 GOL K . -1.03 -3.80 -4.80
O2 GOL K . -0.55 -2.63 -4.21
C3 GOL K . 0.05 -4.81 -4.56
O3 GOL K . 1.25 -4.27 -5.10
C1 GOL L . -1.60 -13.88 -5.40
O1 GOL L . -2.68 -14.80 -5.41
C2 GOL L . -1.15 -13.57 -3.96
O2 GOL L . -2.06 -12.70 -3.31
C3 GOL L . -1.06 -14.84 -3.12
O3 GOL L . -0.41 -14.54 -1.90
K K M . -14.65 -8.27 -6.93
C1 GOL N . 0.51 3.18 -4.53
O1 GOL N . -0.86 3.27 -4.10
C2 GOL N . 1.41 3.06 -3.32
O2 GOL N . 2.62 3.78 -3.41
C3 GOL N . 1.81 1.62 -3.16
O3 GOL N . 1.03 1.20 -2.09
K K O . 8.16 -16.29 -0.25
P PO4 P . -8.63 17.23 12.97
O1 PO4 P . -9.43 16.44 13.97
O2 PO4 P . -9.54 18.30 12.37
O3 PO4 P . -7.48 17.94 13.68
O4 PO4 P . -8.13 16.28 11.91
C1 PGO Q . 16.78 17.38 18.10
C2 PGO Q . 17.33 17.95 16.79
C3 PGO Q . 18.84 17.95 16.78
O1 PGO Q . 17.31 16.07 18.32
O2 PGO Q . 16.84 19.28 16.58
C1 PGO R . -20.95 26.76 1.92
C2 PGO R . -21.89 26.82 0.73
C3 PGO R . -21.12 26.31 -0.46
O1 PGO R . -19.92 25.81 1.59
O2 PGO R . -22.30 28.17 0.47
C1 GOL S . 0.33 14.14 19.81
O1 GOL S . 0.30 12.89 19.12
C2 GOL S . 0.80 14.06 21.26
O2 GOL S . 1.09 15.37 21.76
C3 GOL S . -0.26 13.51 22.21
O3 GOL S . -0.56 14.51 23.20
K K T . 11.37 4.40 13.62
C1 PGO U . -22.08 20.89 0.68
C2 PGO U . -21.21 21.22 -0.53
C3 PGO U . -20.62 22.61 -0.42
O1 PGO U . -21.26 20.83 1.86
O2 PGO U . -21.96 21.10 -1.74
C1 PGO V . 0.78 4.79 3.30
C2 PGO V . 1.13 5.11 1.86
C3 PGO V . 2.54 4.67 1.55
O1 PGO V . 1.11 3.42 3.61
O2 PGO V . 0.98 6.52 1.58
C1 GOL W . -2.72 10.33 11.03
O1 GOL W . -3.81 9.51 10.70
C2 GOL W . -1.71 10.10 9.96
O2 GOL W . -1.18 8.82 10.18
C3 GOL W . -0.68 11.24 9.84
O3 GOL W . -0.11 11.50 11.09
K K X . -11.46 12.46 6.92
C1 PGO Y . 6.42 -0.13 -0.04
C2 PGO Y . 5.92 -1.55 0.02
C3 PGO Y . 6.90 -2.49 -0.68
O1 PGO Y . 7.28 -0.03 1.04
O2 PGO Y . 4.65 -1.53 -0.61
P PO4 Z . 17.38 -0.90 15.35
O1 PO4 Z . 16.69 -1.40 16.59
O2 PO4 Z . 16.38 -0.59 14.28
O3 PO4 Z . 18.17 0.37 15.67
O4 PO4 Z . 18.37 -1.93 14.80
C1 PGO AA . 22.49 -20.29 -1.36
C2 PGO AA . 22.75 -19.38 -2.57
C3 PGO AA . 22.95 -20.21 -3.82
O1 PGO AA . 21.29 -21.04 -1.60
O2 PGO AA . 23.89 -18.56 -2.33
C1 GOL BA . 23.26 19.88 18.41
O1 GOL BA . 24.40 19.27 18.96
C2 GOL BA . 22.37 18.80 17.82
O2 GOL BA . 22.41 18.89 16.41
C3 GOL BA . 22.88 17.42 18.19
O3 GOL BA . 22.25 16.51 17.31
C1 GOL CA . 41.21 -9.06 4.33
O1 GOL CA . 40.32 -9.20 5.42
C2 GOL CA . 40.46 -8.90 3.03
O2 GOL CA . 41.35 -8.32 2.08
C3 GOL CA . 39.95 -10.25 2.54
O3 GOL CA . 39.97 -11.22 3.61
C1 GOL DA . 12.38 -4.61 7.25
O1 GOL DA . 12.73 -5.96 7.50
C2 GOL DA . 11.06 -4.28 7.94
O2 GOL DA . 9.97 -5.06 7.46
C3 GOL DA . 11.12 -4.38 9.44
O3 GOL DA . 10.09 -3.55 9.98
C1 PGO EA . 15.61 -11.91 11.47
C2 PGO EA . 14.24 -11.72 12.10
C3 PGO EA . 14.36 -11.01 13.42
O1 PGO EA . 16.57 -12.32 12.43
O2 PGO EA . 13.55 -12.96 12.30
C1 PGO FA . -5.48 2.18 -3.60
C1 PGO FA . -5.46 2.71 -3.49
C2 PGO FA . -5.23 2.92 -2.29
C2 PGO FA . -4.60 3.85 -3.00
C3 PGO FA . -3.77 3.20 -2.04
C3 PGO FA . -3.73 3.30 -1.89
O1 PGO FA . -4.50 2.50 -4.54
O1 PGO FA . -4.66 2.07 -4.44
O2 PGO FA . -5.75 2.11 -1.23
O2 PGO FA . -5.40 4.96 -2.58
C1 GOL GA . -14.64 2.00 -2.61
O1 GOL GA . -15.55 2.70 -1.79
C2 GOL GA . -14.12 0.73 -1.90
O2 GOL GA . -13.33 0.98 -0.75
C3 GOL GA . -15.22 -0.18 -1.49
O3 GOL GA . -14.62 -1.41 -1.13
P PO4 HA . -21.84 -4.34 -6.36
O1 PO4 HA . -22.30 -5.27 -5.27
O2 PO4 HA . -22.62 -3.04 -6.31
O3 PO4 HA . -20.38 -4.03 -6.19
O4 PO4 HA . -22.09 -4.99 -7.70
C1 PGO IA . -20.93 -14.62 -22.47
C2 PGO IA . -20.12 -15.47 -23.43
C3 PGO IA . -18.84 -14.71 -23.69
O1 PGO IA . -20.02 -13.81 -21.71
O2 PGO IA . -20.82 -15.68 -24.66
C1 PGO JA . -35.55 18.10 -5.49
C2 PGO JA . -36.21 17.02 -6.36
C3 PGO JA . -35.89 17.27 -7.84
O1 PGO JA . -34.92 17.51 -4.36
O2 PGO JA . -37.64 17.01 -6.18
C1 PGO KA . -33.24 20.81 -8.55
C2 PGO KA . -33.65 19.35 -8.81
C3 PGO KA . -34.89 19.23 -9.68
O1 PGO KA . -32.83 21.49 -9.74
O2 PGO KA . -33.89 18.71 -7.56
C1 GOL LA . -21.49 1.07 2.66
O1 GOL LA . -20.13 0.85 3.06
C2 GOL LA . -22.12 2.43 3.04
O2 GOL LA . -21.65 3.03 4.26
C3 GOL LA . -22.02 3.43 1.91
O3 GOL LA . -23.25 4.14 1.83
#